data_6FYU
#
_entry.id   6FYU
#
_cell.length_a   101.424
_cell.length_b   128.159
_cell.length_c   192.104
_cell.angle_alpha   90.00
_cell.angle_beta   90.00
_cell.angle_gamma   90.00
#
_symmetry.space_group_name_H-M   'P 21 21 21'
#
loop_
_entity.id
_entity.type
_entity.pdbx_description
1 polymer Hemagglutinin
2 polymer Hemagglutinin
3 polymer 'Single domain antibody SD36'
4 branched 2-acetamido-2-deoxy-beta-D-glucopyranose-(1-4)-2-acetamido-2-deoxy-beta-D-glucopyranose
5 non-polymer 2-acetamido-2-deoxy-beta-D-glucopyranose
6 non-polymer 'SODIUM ION'
7 water water
#
loop_
_entity_poly.entity_id
_entity_poly.type
_entity_poly.pdbx_seq_one_letter_code
_entity_poly.pdbx_strand_id
1 'polypeptide(L)'
;DKICLGHHAVSNGTKVNTLTERGVEVVNATETVERTNIPRICSKGKRTVDLGQCGLLGTITGPPQCDQFLEFSADLIIER
REGSDVCYPGKFVNEEALRQILRESGGIDKEAMGFTYSGIRTNGATSACRRSGSSFYAEMKWLLSNTDNAAFPQMTKSYK
NTRKSPALIVWGIHHSVSTAEQTKLYGSGNKLVTVGSSNYQQSFVPSPGARPQVNGLSGRIDFHWLMLNPNDTVTFSFNG
AFIAPDRASFLRGKSMGIQSGVQVDANCEGDCYHSGGTIISNLPFQNIDSRAVGKCPRYVKQRSLLLATGMKNVPEIPKG
R
;
A,D,G
2 'polypeptide(L)'
;GLFGAIAGFIENGWEGLIDGWYGFRHQNAQGEGTAADYKSTQSAIDQITGKLNRLIEKTNQQFELIDNEFNEVEKQIGNV
INWTRDSITEVWSYNAELLVAMENQHTIDLADSEMDKLYERVKRQLRENAEEDGTGCFEIFHKCDDDCMASIRNNTYDHS
KYREEAMQNRIQIDPVSGRLVPR
;
B,E,H
3 'polypeptide(L)'
;EVQLVESGGGLVQAGGSLKLSCAASGRTYAMGWFRQAPGKEREFVAHINALGTRTYYSDSVKGRFTISRDNAKNTEYLEM
NNLKPEDTAVYYCTAQGQWRAAPVAVAAEYEFWGQGTQVTVS
;
C,F,I
#
loop_
_chem_comp.id
_chem_comp.type
_chem_comp.name
_chem_comp.formula
NA non-polymer 'SODIUM ION' 'Na 1'
NAG D-saccharide, beta linking 2-acetamido-2-deoxy-beta-D-glucopyranose 'C8 H15 N O6'
#
# COMPACT_ATOMS: atom_id res chain seq x y z
N ASP A 1 -32.57 35.96 35.14
CA ASP A 1 -31.65 36.34 34.08
C ASP A 1 -30.71 35.19 33.73
N LYS A 2 -30.52 34.96 32.45
CA LYS A 2 -29.81 33.79 31.95
C LYS A 2 -29.03 34.05 30.67
N ILE A 3 -27.84 33.48 30.56
CA ILE A 3 -27.08 33.52 29.32
C ILE A 3 -26.70 32.09 28.92
N CYS A 4 -26.95 31.77 27.65
CA CYS A 4 -26.77 30.40 27.18
C CYS A 4 -25.75 30.32 26.05
N LEU A 5 -25.05 29.20 25.99
CA LEU A 5 -24.11 28.92 24.92
C LEU A 5 -24.64 27.81 24.02
N GLY A 6 -24.46 27.96 22.71
CA GLY A 6 -24.98 26.98 21.78
C GLY A 6 -24.28 26.95 20.44
N HIS A 7 -24.73 26.04 19.57
CA HIS A 7 -24.16 25.90 18.24
C HIS A 7 -25.27 25.74 17.22
N HIS A 8 -24.97 26.02 15.95
CA HIS A 8 -25.99 26.01 14.91
C HIS A 8 -26.38 24.58 14.51
N ALA A 9 -27.51 24.48 13.81
CA ALA A 9 -28.01 23.20 13.34
C ALA A 9 -28.90 23.41 12.12
N VAL A 10 -29.16 22.34 11.38
CA VAL A 10 -29.98 22.40 10.17
C VAL A 10 -31.06 21.33 10.24
N SER A 11 -32.18 21.56 9.55
CA SER A 11 -33.30 20.62 9.56
C SER A 11 -32.89 19.25 9.02
N ASN A 12 -32.24 19.23 7.86
CA ASN A 12 -31.72 17.99 7.30
C ASN A 12 -30.25 18.10 6.92
N GLY A 13 -29.42 17.23 7.51
CA GLY A 13 -27.99 17.26 7.28
C GLY A 13 -27.50 16.06 6.51
N THR A 14 -26.24 16.12 6.10
CA THR A 14 -25.62 15.02 5.36
C THR A 14 -25.09 13.92 6.28
N LYS A 15 -25.27 12.67 5.87
CA LYS A 15 -24.77 11.53 6.63
C LYS A 15 -23.35 11.14 6.22
N VAL A 16 -22.47 10.96 7.21
CA VAL A 16 -21.10 10.53 6.97
C VAL A 16 -20.75 9.37 7.90
N ASN A 17 -19.58 8.78 7.69
CA ASN A 17 -19.13 7.67 8.52
C ASN A 17 -17.93 8.05 9.38
N THR A 18 -17.91 7.53 10.60
CA THR A 18 -16.79 7.75 11.51
C THR A 18 -16.21 6.41 11.95
N LEU A 19 -15.25 6.46 12.87
CA LEU A 19 -14.63 5.23 13.38
C LEU A 19 -15.61 4.44 14.25
N THR A 20 -16.49 5.14 14.96
CA THR A 20 -17.35 4.50 15.93
C THR A 20 -18.84 4.48 15.54
N GLU A 21 -19.18 5.08 14.40
CA GLU A 21 -20.58 5.17 14.02
C GLU A 21 -20.75 5.29 12.50
N ARG A 22 -21.74 4.57 11.97
CA ARG A 22 -22.06 4.63 10.56
C ARG A 22 -23.31 5.46 10.31
N GLY A 23 -23.21 6.43 9.41
CA GLY A 23 -24.34 7.26 9.04
C GLY A 23 -24.75 8.29 10.07
N VAL A 24 -23.76 8.93 10.70
CA VAL A 24 -24.04 10.00 11.65
C VAL A 24 -24.19 11.32 10.89
N GLU A 25 -25.22 12.08 11.23
CA GLU A 25 -25.54 13.31 10.53
C GLU A 25 -24.64 14.47 10.92
N VAL A 26 -24.10 15.17 9.94
CA VAL A 26 -23.32 16.38 10.18
C VAL A 26 -23.92 17.55 9.42
N VAL A 27 -23.56 18.77 9.84
CA VAL A 27 -24.13 19.97 9.24
C VAL A 27 -23.76 20.08 7.77
N ASN A 28 -22.55 19.66 7.43
CA ASN A 28 -22.16 19.69 6.03
C ASN A 28 -21.03 18.73 5.70
N ALA A 29 -20.98 18.28 4.44
CA ALA A 29 -19.94 17.36 3.99
C ALA A 29 -19.61 17.58 2.52
N THR A 30 -18.43 17.12 2.11
CA THR A 30 -18.03 17.21 0.71
C THR A 30 -17.47 15.86 0.23
N GLU A 31 -17.62 15.61 -1.07
CA GLU A 31 -17.19 14.34 -1.66
C GLU A 31 -15.67 14.28 -1.84
N THR A 32 -15.09 13.09 -1.65
CA THR A 32 -13.66 12.90 -1.85
C THR A 32 -13.37 11.96 -3.03
N VAL A 33 -14.41 11.31 -3.54
CA VAL A 33 -14.26 10.39 -4.66
C VAL A 33 -14.88 10.95 -5.93
N GLU A 34 -14.05 11.15 -6.95
CA GLU A 34 -14.52 11.73 -8.20
C GLU A 34 -15.25 10.70 -9.07
N ARG A 35 -16.46 11.05 -9.51
CA ARG A 35 -17.23 10.20 -10.42
C ARG A 35 -17.54 10.94 -11.72
N THR A 36 -17.28 12.24 -11.73
CA THR A 36 -17.62 13.06 -12.89
C THR A 36 -16.49 13.03 -13.92
N ASN A 37 -16.84 12.62 -15.13
CA ASN A 37 -15.88 12.51 -16.22
C ASN A 37 -16.13 13.56 -17.29
N ILE A 38 -15.07 14.07 -17.88
CA ILE A 38 -15.19 14.94 -19.05
C ILE A 38 -14.95 14.08 -20.28
N PRO A 39 -16.01 13.87 -21.09
CA PRO A 39 -15.94 12.90 -22.19
C PRO A 39 -15.19 13.42 -23.42
N ARG A 40 -14.06 14.07 -23.19
CA ARG A 40 -13.17 14.57 -24.25
C ARG A 40 -11.73 14.50 -23.77
N ILE A 41 -10.80 14.66 -24.70
CA ILE A 41 -9.39 14.70 -24.35
C ILE A 41 -8.94 16.15 -24.22
N CYS A 42 -8.66 16.57 -22.98
CA CYS A 42 -8.29 17.95 -22.70
C CYS A 42 -6.80 18.19 -22.94
N SER A 43 -6.51 18.90 -24.02
CA SER A 43 -5.14 19.01 -24.53
C SER A 43 -4.54 20.41 -24.52
N LYS A 44 -5.19 21.37 -23.86
CA LYS A 44 -4.66 22.74 -23.84
C LYS A 44 -3.22 22.83 -23.38
N GLY A 45 -2.39 23.49 -24.19
CA GLY A 45 -1.00 23.67 -23.85
C GLY A 45 -0.15 22.47 -24.20
N LYS A 46 -0.76 21.49 -24.87
CA LYS A 46 -0.06 20.29 -25.26
C LYS A 46 -0.12 20.06 -26.77
N ARG A 47 1.05 19.86 -27.36
CA ARG A 47 1.13 19.47 -28.77
C ARG A 47 0.59 18.05 -28.92
N THR A 48 -0.59 17.96 -29.53
CA THR A 48 -1.35 16.71 -29.58
C THR A 48 -1.38 16.09 -30.97
N VAL A 49 -1.11 14.80 -31.04
CA VAL A 49 -1.22 14.05 -32.29
C VAL A 49 -2.28 12.96 -32.20
N ASP A 50 -3.28 13.04 -33.06
CA ASP A 50 -4.32 12.02 -33.15
C ASP A 50 -4.02 11.09 -34.30
N LEU A 51 -3.52 9.90 -33.98
CA LEU A 51 -2.99 8.98 -34.98
C LEU A 51 -4.04 8.47 -35.97
N GLY A 52 -5.29 8.38 -35.52
CA GLY A 52 -6.38 7.94 -36.37
C GLY A 52 -6.18 6.55 -36.99
N GLN A 53 -6.09 6.52 -38.31
CA GLN A 53 -5.94 5.27 -39.05
C GLN A 53 -4.54 4.69 -38.89
N CYS A 54 -3.58 5.54 -38.51
CA CYS A 54 -2.20 5.12 -38.32
C CYS A 54 -1.96 4.43 -36.98
N GLY A 55 -1.27 3.30 -37.01
CA GLY A 55 -0.88 2.62 -35.79
C GLY A 55 0.45 3.18 -35.32
N LEU A 56 0.65 3.21 -34.00
CA LEU A 56 1.85 3.79 -33.41
C LEU A 56 3.15 3.20 -33.97
N LEU A 57 3.17 1.88 -34.16
CA LEU A 57 4.35 1.22 -34.70
C LEU A 57 4.52 1.51 -36.19
N GLY A 58 3.42 1.90 -36.83
CA GLY A 58 3.44 2.26 -38.23
C GLY A 58 4.28 3.48 -38.54
N THR A 59 4.43 4.37 -37.56
CA THR A 59 5.20 5.60 -37.75
C THR A 59 6.68 5.29 -37.93
N ILE A 60 7.07 4.06 -37.59
CA ILE A 60 8.46 3.65 -37.68
C ILE A 60 8.78 3.00 -39.04
N THR A 61 7.84 2.20 -39.54
CA THR A 61 8.05 1.47 -40.78
C THR A 61 7.47 2.24 -41.97
N GLY A 62 6.32 2.85 -41.76
CA GLY A 62 5.73 3.74 -42.75
C GLY A 62 4.79 3.13 -43.78
N PRO A 63 3.70 2.48 -43.33
CA PRO A 63 2.68 2.13 -44.31
C PRO A 63 1.96 3.40 -44.76
N PRO A 64 1.18 3.34 -45.86
CA PRO A 64 0.52 4.54 -46.39
C PRO A 64 -0.32 5.33 -45.38
N GLN A 65 -0.95 4.64 -44.44
CA GLN A 65 -1.82 5.32 -43.47
C GLN A 65 -1.01 6.11 -42.43
N CYS A 66 0.31 6.00 -42.49
CA CYS A 66 1.18 6.63 -41.49
C CYS A 66 2.15 7.62 -42.12
N ASP A 67 1.87 8.06 -43.35
CA ASP A 67 2.80 8.92 -44.07
C ASP A 67 2.92 10.31 -43.46
N GLN A 68 1.81 10.84 -42.93
CA GLN A 68 1.83 12.17 -42.34
C GLN A 68 2.40 12.18 -40.92
N PHE A 69 2.92 11.05 -40.47
CA PHE A 69 3.41 10.93 -39.10
C PHE A 69 4.84 10.39 -38.99
N LEU A 70 5.53 10.25 -40.12
CA LEU A 70 6.85 9.61 -40.13
C LEU A 70 7.89 10.33 -39.28
N GLU A 71 7.64 11.60 -38.99
CA GLU A 71 8.57 12.38 -38.16
C GLU A 71 7.80 13.32 -37.23
N PHE A 72 6.73 12.80 -36.63
CA PHE A 72 5.84 13.63 -35.83
C PHE A 72 6.49 14.11 -34.54
N SER A 73 5.97 15.21 -34.00
CA SER A 73 6.41 15.74 -32.72
C SER A 73 5.17 15.95 -31.85
N ALA A 74 5.24 15.53 -30.58
CA ALA A 74 4.06 15.60 -29.73
C ALA A 74 4.38 15.59 -28.24
N ASP A 75 3.45 16.14 -27.45
CA ASP A 75 3.48 16.03 -26.00
C ASP A 75 2.49 14.95 -25.58
N LEU A 76 1.46 14.78 -26.39
CA LEU A 76 0.40 13.83 -26.11
C LEU A 76 0.04 13.04 -27.37
N ILE A 77 0.16 11.72 -27.28
CA ILE A 77 -0.12 10.85 -28.42
C ILE A 77 -1.40 10.06 -28.16
N ILE A 78 -2.29 10.04 -29.15
CA ILE A 78 -3.58 9.37 -28.99
C ILE A 78 -3.75 8.24 -29.99
N GLU A 79 -3.80 7.01 -29.48
CA GLU A 79 -4.06 5.84 -30.31
C GLU A 79 -5.55 5.62 -30.48
N ARG A 80 -5.95 5.15 -31.66
CA ARG A 80 -7.35 4.84 -31.93
C ARG A 80 -7.51 3.37 -32.27
N ARG A 81 -8.72 2.85 -32.07
CA ARG A 81 -9.00 1.44 -32.30
C ARG A 81 -8.83 1.04 -33.77
N GLU A 82 -9.04 1.98 -34.68
CA GLU A 82 -8.95 1.68 -36.11
C GLU A 82 -7.51 1.79 -36.64
N GLY A 83 -6.57 2.10 -35.75
CA GLY A 83 -5.17 2.19 -36.14
C GLY A 83 -4.57 0.88 -36.58
N SER A 84 -3.70 0.94 -37.60
CA SER A 84 -3.03 -0.25 -38.10
C SER A 84 -1.54 0.00 -38.35
N ASP A 85 -0.70 -0.92 -37.91
CA ASP A 85 0.75 -0.78 -38.02
C ASP A 85 1.28 -1.23 -39.37
N VAL A 86 0.47 -1.96 -40.13
CA VAL A 86 0.95 -2.64 -41.33
C VAL A 86 0.12 -2.37 -42.57
N CYS A 87 0.73 -2.64 -43.73
CA CYS A 87 -0.01 -2.74 -44.98
C CYS A 87 0.09 -4.17 -45.51
N TYR A 88 1.32 -4.63 -45.71
CA TYR A 88 1.59 -6.03 -46.00
C TYR A 88 1.43 -6.83 -44.71
N PRO A 89 0.71 -7.98 -44.77
CA PRO A 89 0.38 -8.75 -43.57
C PRO A 89 1.61 -9.08 -42.73
N GLY A 90 1.48 -8.91 -41.41
CA GLY A 90 2.60 -9.16 -40.51
C GLY A 90 2.40 -8.55 -39.15
N LYS A 91 3.45 -8.60 -38.33
CA LYS A 91 3.38 -8.11 -36.96
C LYS A 91 4.76 -7.80 -36.40
N PHE A 92 4.82 -6.90 -35.42
CA PHE A 92 6.05 -6.61 -34.72
C PHE A 92 6.30 -7.62 -33.61
N VAL A 93 7.53 -8.11 -33.51
CA VAL A 93 7.95 -8.93 -32.38
C VAL A 93 8.31 -7.99 -31.23
N ASN A 94 7.92 -8.36 -30.01
CA ASN A 94 8.04 -7.49 -28.84
C ASN A 94 7.34 -6.15 -29.08
N GLU A 95 6.12 -6.23 -29.61
CA GLU A 95 5.36 -5.05 -30.03
C GLU A 95 4.99 -4.10 -28.89
N GLU A 96 4.57 -4.63 -27.75
CA GLU A 96 4.10 -3.78 -26.66
C GLU A 96 5.21 -2.99 -25.98
N ALA A 97 6.39 -3.58 -25.90
CA ALA A 97 7.54 -2.89 -25.36
C ALA A 97 7.89 -1.67 -26.22
N LEU A 98 7.81 -1.86 -27.53
CA LEU A 98 8.10 -0.77 -28.48
C LEU A 98 7.06 0.34 -28.41
N ARG A 99 5.79 -0.03 -28.28
CA ARG A 99 4.72 0.95 -28.14
C ARG A 99 4.94 1.81 -26.90
N GLN A 100 5.38 1.16 -25.83
CA GLN A 100 5.63 1.86 -24.58
C GLN A 100 6.78 2.84 -24.72
N ILE A 101 7.80 2.45 -25.47
CA ILE A 101 8.93 3.34 -25.77
C ILE A 101 8.48 4.54 -26.60
N LEU A 102 7.60 4.32 -27.56
CA LEU A 102 7.16 5.38 -28.47
C LEU A 102 6.13 6.31 -27.83
N ARG A 103 5.32 5.80 -26.90
CA ARG A 103 4.33 6.64 -26.24
C ARG A 103 4.96 7.78 -25.45
N GLU A 104 6.17 7.58 -24.95
CA GLU A 104 6.84 8.62 -24.18
C GLU A 104 8.03 9.21 -24.93
N SER A 105 8.08 8.98 -26.23
CA SER A 105 9.22 9.38 -27.05
C SER A 105 9.25 10.89 -27.29
N GLY A 106 8.08 11.51 -27.35
CA GLY A 106 7.97 12.90 -27.71
C GLY A 106 7.93 13.07 -29.22
N GLY A 107 7.82 11.95 -29.91
CA GLY A 107 7.85 11.93 -31.36
C GLY A 107 9.20 11.40 -31.84
N ILE A 108 9.34 11.28 -33.15
CA ILE A 108 10.57 10.70 -33.70
C ILE A 108 11.22 11.57 -34.76
N ASP A 109 12.54 11.45 -34.85
CA ASP A 109 13.35 12.14 -35.85
C ASP A 109 14.09 11.08 -36.66
N LYS A 110 13.88 11.08 -37.97
CA LYS A 110 14.45 10.05 -38.84
C LYS A 110 15.73 10.49 -39.55
N GLU A 111 16.71 9.59 -39.57
CA GLU A 111 17.97 9.83 -40.26
C GLU A 111 18.29 8.66 -41.19
N ALA A 112 18.77 8.97 -42.39
CA ALA A 112 19.15 7.94 -43.36
C ALA A 112 20.35 7.13 -42.87
N MET A 113 20.31 5.82 -43.10
CA MET A 113 21.37 4.94 -42.61
C MET A 113 22.46 4.72 -43.65
N GLY A 114 22.18 5.12 -44.89
CA GLY A 114 23.19 5.14 -45.93
C GLY A 114 23.56 3.80 -46.55
N PHE A 115 22.60 2.88 -46.63
CA PHE A 115 22.85 1.59 -47.25
C PHE A 115 22.76 1.68 -48.77
N THR A 116 23.81 1.21 -49.45
CA THR A 116 23.80 1.12 -50.90
C THR A 116 23.97 -0.35 -51.30
N TYR A 117 23.39 -0.72 -52.44
CA TYR A 117 23.35 -2.12 -52.86
C TYR A 117 23.84 -2.35 -54.30
N SER A 118 24.35 -3.56 -54.54
CA SER A 118 24.80 -3.97 -55.85
C SER A 118 24.41 -5.40 -56.17
N GLY A 119 23.96 -5.63 -57.41
CA GLY A 119 23.62 -6.96 -57.89
C GLY A 119 22.30 -7.52 -57.38
N ILE A 120 21.47 -6.64 -56.85
CA ILE A 120 20.15 -7.01 -56.34
C ILE A 120 19.13 -5.95 -56.72
N ARG A 121 17.85 -6.32 -56.69
CA ARG A 121 16.77 -5.35 -56.80
C ARG A 121 16.39 -4.81 -55.43
N THR A 122 16.18 -3.49 -55.33
CA THR A 122 15.80 -2.87 -54.08
C THR A 122 14.38 -2.30 -54.15
N ASN A 123 13.69 -2.60 -55.25
CA ASN A 123 12.41 -1.96 -55.55
C ASN A 123 11.19 -2.84 -55.33
N GLY A 124 11.34 -3.89 -54.52
CA GLY A 124 10.24 -4.78 -54.21
C GLY A 124 8.97 -4.06 -53.76
N ALA A 125 7.85 -4.39 -54.39
CA ALA A 125 6.59 -3.71 -54.10
C ALA A 125 5.40 -4.67 -54.07
N THR A 126 4.28 -4.19 -53.54
CA THR A 126 3.07 -4.99 -53.44
C THR A 126 1.81 -4.12 -53.52
N SER A 127 0.70 -4.74 -53.93
CA SER A 127 -0.56 -4.03 -54.04
C SER A 127 -1.23 -3.83 -52.68
N ALA A 128 -0.69 -4.49 -51.66
CA ALA A 128 -1.21 -4.34 -50.31
C ALA A 128 -0.90 -2.95 -49.78
N CYS A 129 0.30 -2.45 -50.11
CA CYS A 129 0.70 -1.11 -49.72
C CYS A 129 0.51 -0.17 -50.90
N ARG A 130 -0.73 0.23 -51.14
CA ARG A 130 -1.05 1.03 -52.33
C ARG A 130 -0.84 2.52 -52.06
N ARG A 131 0.16 3.07 -52.72
CA ARG A 131 0.48 4.49 -52.63
C ARG A 131 0.58 5.06 -54.05
N SER A 132 -0.56 5.38 -54.64
CA SER A 132 -0.66 5.79 -56.05
C SER A 132 -0.12 4.69 -56.96
N GLY A 133 -0.39 3.45 -56.57
CA GLY A 133 0.10 2.28 -57.28
C GLY A 133 0.70 1.29 -56.30
N SER A 134 1.27 0.21 -56.81
CA SER A 134 1.94 -0.76 -55.95
C SER A 134 3.18 -0.11 -55.33
N SER A 135 3.29 -0.20 -54.02
CA SER A 135 4.39 0.43 -53.28
C SER A 135 4.87 -0.47 -52.15
N PHE A 136 5.58 0.14 -51.19
CA PHE A 136 6.07 -0.59 -50.03
C PHE A 136 6.14 0.34 -48.82
N TYR A 137 6.65 -0.17 -47.70
CA TYR A 137 6.85 0.65 -46.50
C TYR A 137 7.81 1.78 -46.82
N ALA A 138 7.42 3.00 -46.44
CA ALA A 138 8.16 4.20 -46.80
C ALA A 138 9.58 4.21 -46.22
N GLU A 139 9.78 3.52 -45.11
CA GLU A 139 11.07 3.55 -44.44
C GLU A 139 11.87 2.27 -44.67
N MET A 140 11.30 1.34 -45.42
CA MET A 140 11.95 0.05 -45.66
C MET A 140 12.22 -0.19 -47.14
N LYS A 141 13.06 -1.19 -47.41
CA LYS A 141 13.33 -1.61 -48.78
C LYS A 141 13.23 -3.13 -48.87
N TRP A 142 12.44 -3.60 -49.82
CA TRP A 142 12.29 -5.03 -50.06
C TRP A 142 13.31 -5.51 -51.07
N LEU A 143 14.33 -6.21 -50.57
CA LEU A 143 15.44 -6.65 -51.40
C LEU A 143 15.13 -7.98 -52.08
N LEU A 144 15.38 -8.02 -53.39
CA LEU A 144 15.11 -9.20 -54.20
C LEU A 144 16.28 -9.52 -55.09
N SER A 145 16.25 -10.71 -55.68
CA SER A 145 17.23 -11.08 -56.70
C SER A 145 16.92 -10.31 -57.98
N ASN A 146 17.92 -10.15 -58.84
CA ASN A 146 17.74 -9.40 -60.08
C ASN A 146 16.64 -9.99 -60.95
N THR A 147 16.68 -11.30 -61.13
CA THR A 147 15.67 -12.02 -61.89
C THR A 147 15.13 -13.16 -61.06
N ASP A 148 14.00 -13.72 -61.46
CA ASP A 148 13.38 -14.82 -60.74
C ASP A 148 14.36 -15.98 -60.60
N ASN A 149 14.45 -16.53 -59.39
CA ASN A 149 15.28 -17.69 -59.08
C ASN A 149 16.78 -17.43 -59.19
N ALA A 150 17.16 -16.18 -59.44
CA ALA A 150 18.57 -15.81 -59.48
C ALA A 150 19.17 -15.81 -58.09
N ALA A 151 20.46 -16.10 -57.99
CA ALA A 151 21.14 -16.16 -56.70
C ALA A 151 21.24 -14.80 -56.02
N PHE A 152 20.95 -14.78 -54.73
CA PHE A 152 21.07 -13.56 -53.94
C PHE A 152 22.46 -13.60 -53.30
N PRO A 153 23.29 -12.57 -53.56
CA PRO A 153 24.65 -12.59 -53.00
C PRO A 153 24.66 -12.46 -51.48
N GLN A 154 25.77 -12.85 -50.85
CA GLN A 154 25.91 -12.70 -49.40
C GLN A 154 26.38 -11.28 -49.13
N MET A 155 25.63 -10.57 -48.29
CA MET A 155 25.87 -9.16 -48.07
C MET A 155 26.06 -8.81 -46.61
N THR A 156 26.77 -7.72 -46.37
CA THR A 156 27.00 -7.21 -45.03
C THR A 156 26.83 -5.70 -45.03
N LYS A 157 25.90 -5.21 -44.21
CA LYS A 157 25.68 -3.78 -44.10
C LYS A 157 25.83 -3.35 -42.64
N SER A 158 26.51 -2.23 -42.43
CA SER A 158 26.73 -1.72 -41.08
C SER A 158 26.33 -0.26 -40.95
N TYR A 159 25.90 0.12 -39.76
CA TYR A 159 25.52 1.50 -39.47
C TYR A 159 26.00 1.95 -38.10
N LYS A 160 26.66 3.09 -38.05
CA LYS A 160 27.16 3.63 -36.79
C LYS A 160 26.31 4.81 -36.32
N ASN A 161 25.89 4.75 -35.06
CA ASN A 161 25.15 5.85 -34.45
C ASN A 161 26.11 6.94 -33.97
N THR A 162 26.15 8.05 -34.70
CA THR A 162 27.08 9.12 -34.39
C THR A 162 26.38 10.27 -33.69
N ARG A 163 25.13 10.03 -33.29
CA ARG A 163 24.37 11.02 -32.52
C ARG A 163 24.52 10.72 -31.03
N LYS A 164 24.01 11.61 -30.19
CA LYS A 164 24.20 11.49 -28.73
C LYS A 164 23.12 10.65 -28.04
N SER A 165 21.95 10.53 -28.65
CA SER A 165 20.87 9.71 -28.09
C SER A 165 20.80 8.37 -28.83
N PRO A 166 20.22 7.34 -28.18
CA PRO A 166 20.13 6.01 -28.81
C PRO A 166 19.27 5.99 -30.07
N ALA A 167 19.58 5.10 -31.00
CA ALA A 167 18.87 5.01 -32.27
C ALA A 167 17.96 3.78 -32.33
N LEU A 168 16.70 4.00 -32.71
CA LEU A 168 15.77 2.90 -32.91
C LEU A 168 15.96 2.30 -34.31
N ILE A 169 16.31 1.02 -34.36
CA ILE A 169 16.58 0.35 -35.63
C ILE A 169 15.59 -0.79 -35.86
N VAL A 170 14.97 -0.80 -37.03
CA VAL A 170 13.98 -1.82 -37.36
C VAL A 170 14.28 -2.51 -38.69
N TRP A 171 14.14 -3.83 -38.72
CA TRP A 171 14.27 -4.60 -39.95
C TRP A 171 13.16 -5.64 -40.05
N GLY A 172 13.04 -6.26 -41.21
CA GLY A 172 11.96 -7.21 -41.42
C GLY A 172 12.44 -8.55 -41.97
N ILE A 173 11.71 -9.60 -41.62
CA ILE A 173 11.96 -10.93 -42.15
C ILE A 173 10.76 -11.38 -42.97
N HIS A 174 10.99 -11.75 -44.23
CA HIS A 174 9.89 -12.13 -45.11
C HIS A 174 9.61 -13.63 -45.07
N HIS A 175 8.35 -13.97 -44.78
CA HIS A 175 7.91 -15.36 -44.76
C HIS A 175 7.04 -15.70 -45.97
N SER A 176 7.62 -16.40 -46.93
CA SER A 176 6.92 -16.77 -48.16
C SER A 176 5.90 -17.90 -47.94
N VAL A 177 4.97 -18.03 -48.88
CA VAL A 177 3.93 -19.05 -48.79
C VAL A 177 4.50 -20.45 -49.01
N SER A 178 5.57 -20.54 -49.80
CA SER A 178 6.19 -21.84 -50.08
C SER A 178 7.70 -21.72 -50.24
N THR A 179 8.39 -22.85 -50.16
CA THR A 179 9.83 -22.89 -50.42
C THR A 179 10.10 -22.46 -51.86
N ALA A 180 9.19 -22.85 -52.75
CA ALA A 180 9.28 -22.51 -54.16
C ALA A 180 9.21 -21.00 -54.40
N GLU A 181 8.29 -20.32 -53.72
CA GLU A 181 8.17 -18.88 -53.86
C GLU A 181 9.41 -18.17 -53.34
N GLN A 182 9.93 -18.65 -52.21
CA GLN A 182 11.14 -18.09 -51.62
C GLN A 182 12.30 -18.20 -52.60
N THR A 183 12.38 -19.35 -53.28
CA THR A 183 13.41 -19.56 -54.30
C THR A 183 13.23 -18.57 -55.45
N LYS A 184 11.99 -18.30 -55.82
CA LYS A 184 11.71 -17.37 -56.90
C LYS A 184 12.19 -15.95 -56.59
N LEU A 185 12.04 -15.52 -55.34
CA LEU A 185 12.39 -14.17 -54.94
C LEU A 185 13.87 -13.98 -54.61
N TYR A 186 14.48 -14.98 -53.97
CA TYR A 186 15.82 -14.82 -53.42
C TYR A 186 16.81 -15.89 -53.86
N GLY A 187 16.37 -16.77 -54.77
CA GLY A 187 17.20 -17.87 -55.20
C GLY A 187 17.07 -19.04 -54.24
N SER A 188 17.58 -20.21 -54.62
CA SER A 188 17.44 -21.40 -53.80
C SER A 188 18.46 -21.42 -52.67
N GLY A 189 18.27 -22.37 -51.75
CA GLY A 189 19.16 -22.54 -50.62
C GLY A 189 18.62 -21.93 -49.34
N ASN A 190 19.22 -22.29 -48.22
CA ASN A 190 18.82 -21.77 -46.91
C ASN A 190 19.08 -20.27 -46.78
N LYS A 191 18.12 -19.56 -46.18
CA LYS A 191 18.24 -18.11 -46.04
C LYS A 191 18.48 -17.74 -44.59
N LEU A 192 19.52 -16.93 -44.37
CA LEU A 192 19.93 -16.54 -43.03
C LEU A 192 20.15 -15.04 -42.88
N VAL A 193 19.63 -14.49 -41.79
CA VAL A 193 19.89 -13.09 -41.43
C VAL A 193 20.47 -13.03 -40.03
N THR A 194 21.65 -12.43 -39.88
CA THR A 194 22.24 -12.25 -38.55
C THR A 194 22.39 -10.76 -38.26
N VAL A 195 21.96 -10.35 -37.07
CA VAL A 195 22.03 -8.96 -36.66
C VAL A 195 22.88 -8.81 -35.40
N GLY A 196 23.88 -7.95 -35.45
CA GLY A 196 24.81 -7.81 -34.35
C GLY A 196 25.16 -6.39 -33.95
N SER A 197 25.27 -6.17 -32.64
CA SER A 197 25.77 -4.92 -32.08
C SER A 197 26.69 -5.27 -30.92
N SER A 198 27.04 -4.27 -30.11
CA SER A 198 27.89 -4.53 -28.96
C SER A 198 27.12 -5.25 -27.85
N ASN A 199 25.83 -4.92 -27.70
CA ASN A 199 24.99 -5.53 -26.66
C ASN A 199 23.81 -6.34 -27.21
N TYR A 200 23.83 -6.64 -28.50
CA TYR A 200 22.72 -7.35 -29.13
C TYR A 200 23.26 -8.43 -30.06
N GLN A 201 22.67 -9.61 -29.96
CA GLN A 201 23.11 -10.72 -30.81
C GLN A 201 21.95 -11.69 -31.08
N GLN A 202 21.49 -11.72 -32.32
CA GLN A 202 20.39 -12.61 -32.72
C GLN A 202 20.45 -12.98 -34.20
N SER A 203 19.90 -14.14 -34.54
CA SER A 203 19.81 -14.60 -35.92
C SER A 203 18.37 -14.93 -36.28
N PHE A 204 18.02 -14.82 -37.56
CA PHE A 204 16.66 -15.07 -38.00
C PHE A 204 16.58 -15.91 -39.27
N VAL A 205 15.68 -16.88 -39.25
CA VAL A 205 15.42 -17.72 -40.40
C VAL A 205 13.95 -17.65 -40.79
N PRO A 206 13.66 -17.42 -42.08
CA PRO A 206 12.28 -17.39 -42.57
C PRO A 206 11.63 -18.77 -42.51
N SER A 207 10.34 -18.81 -42.22
CA SER A 207 9.62 -20.09 -42.18
C SER A 207 8.55 -20.15 -43.28
N PRO A 208 8.94 -20.60 -44.48
CA PRO A 208 8.01 -20.75 -45.61
C PRO A 208 6.93 -21.78 -45.30
N GLY A 209 5.68 -21.45 -45.60
CA GLY A 209 4.57 -22.33 -45.30
C GLY A 209 3.24 -21.74 -45.70
N ALA A 210 2.21 -22.57 -45.79
CA ALA A 210 0.90 -22.11 -46.21
C ALA A 210 0.18 -21.44 -45.05
N ARG A 211 -0.31 -20.23 -45.31
CA ARG A 211 -1.08 -19.49 -44.32
C ARG A 211 -2.41 -19.03 -44.88
N PRO A 212 -3.37 -18.73 -44.00
CA PRO A 212 -4.62 -18.12 -44.45
C PRO A 212 -4.35 -16.79 -45.11
N GLN A 213 -5.12 -16.48 -46.16
CA GLN A 213 -4.94 -15.25 -46.91
C GLN A 213 -5.48 -14.05 -46.16
N VAL A 214 -4.67 -13.00 -46.04
CA VAL A 214 -5.14 -11.75 -45.49
C VAL A 214 -5.11 -10.73 -46.62
N ASN A 215 -6.30 -10.24 -46.97
CA ASN A 215 -6.47 -9.37 -48.13
C ASN A 215 -5.94 -10.03 -49.40
N GLY A 216 -6.05 -11.36 -49.43
CA GLY A 216 -5.60 -12.14 -50.57
C GLY A 216 -4.12 -12.52 -50.56
N LEU A 217 -3.41 -12.16 -49.50
CA LEU A 217 -1.99 -12.49 -49.42
C LEU A 217 -1.69 -13.48 -48.30
N SER A 218 -0.90 -14.50 -48.62
CA SER A 218 -0.52 -15.51 -47.63
C SER A 218 0.89 -15.31 -47.09
N GLY A 219 1.61 -14.35 -47.67
CA GLY A 219 2.95 -14.05 -47.17
C GLY A 219 2.90 -13.22 -45.91
N ARG A 220 4.01 -13.16 -45.18
CA ARG A 220 4.07 -12.38 -43.97
C ARG A 220 5.40 -11.66 -43.85
N ILE A 221 5.38 -10.45 -43.29
CA ILE A 221 6.61 -9.77 -42.94
C ILE A 221 6.61 -9.54 -41.43
N ASP A 222 7.63 -10.06 -40.75
CA ASP A 222 7.78 -9.85 -39.31
C ASP A 222 8.85 -8.82 -39.00
N PHE A 223 8.47 -7.76 -38.30
CA PHE A 223 9.41 -6.70 -37.95
C PHE A 223 10.06 -6.90 -36.59
N HIS A 224 11.37 -6.69 -36.55
CA HIS A 224 12.16 -6.80 -35.33
C HIS A 224 12.89 -5.49 -35.08
N TRP A 225 13.28 -5.24 -33.84
CA TRP A 225 13.93 -3.98 -33.51
C TRP A 225 14.95 -4.07 -32.38
N LEU A 226 15.86 -3.11 -32.36
CA LEU A 226 16.82 -2.96 -31.26
C LEU A 226 17.11 -1.48 -31.01
N MET A 227 17.67 -1.18 -29.84
CA MET A 227 18.14 0.16 -29.53
C MET A 227 19.66 0.24 -29.63
N LEU A 228 20.14 1.07 -30.56
CA LEU A 228 21.58 1.20 -30.78
C LEU A 228 22.15 2.37 -29.99
N ASN A 229 23.03 2.06 -29.05
CA ASN A 229 23.66 3.07 -28.21
C ASN A 229 24.52 4.05 -29.02
N PRO A 230 24.69 5.28 -28.50
CA PRO A 230 25.56 6.27 -29.16
C PRO A 230 26.96 5.73 -29.38
N ASN A 231 27.52 6.00 -30.57
CA ASN A 231 28.87 5.60 -30.95
C ASN A 231 29.03 4.08 -31.11
N ASP A 232 27.90 3.36 -31.17
CA ASP A 232 27.92 1.93 -31.42
C ASP A 232 27.47 1.61 -32.85
N THR A 233 27.80 0.41 -33.32
CA THR A 233 27.49 0.02 -34.69
C THR A 233 26.62 -1.24 -34.74
N VAL A 234 25.65 -1.26 -35.66
CA VAL A 234 24.85 -2.45 -35.92
C VAL A 234 25.23 -3.04 -37.28
N THR A 235 25.43 -4.36 -37.33
CA THR A 235 25.81 -5.01 -38.58
C THR A 235 24.77 -6.02 -39.03
N PHE A 236 24.36 -5.92 -40.30
CA PHE A 236 23.40 -6.85 -40.89
C PHE A 236 24.08 -7.77 -41.89
N SER A 237 24.00 -9.07 -41.65
CA SER A 237 24.49 -10.07 -42.59
C SER A 237 23.32 -10.91 -43.10
N PHE A 238 23.16 -10.98 -44.42
CA PHE A 238 21.98 -11.64 -44.99
C PHE A 238 22.20 -12.13 -46.42
N ASN A 239 21.52 -13.22 -46.78
CA ASN A 239 21.55 -13.73 -48.14
C ASN A 239 20.17 -13.77 -48.79
N GLY A 240 19.19 -13.14 -48.16
CA GLY A 240 17.84 -13.11 -48.70
C GLY A 240 16.77 -12.97 -47.64
N ALA A 241 15.52 -12.83 -48.09
CA ALA A 241 14.35 -12.76 -47.20
C ALA A 241 14.50 -11.65 -46.18
N PHE A 242 15.15 -10.57 -46.57
CA PHE A 242 15.47 -9.48 -45.66
C PHE A 242 14.82 -8.18 -46.09
N ILE A 243 14.07 -7.57 -45.18
CA ILE A 243 13.50 -6.24 -45.41
C ILE A 243 14.39 -5.22 -44.69
N ALA A 244 15.16 -4.46 -45.46
CA ALA A 244 16.19 -3.60 -44.89
C ALA A 244 15.65 -2.22 -44.51
N PRO A 245 16.14 -1.68 -43.38
CA PRO A 245 15.81 -0.31 -42.99
C PRO A 245 16.44 0.71 -43.92
N ASP A 246 15.73 1.80 -44.20
CA ASP A 246 16.28 2.86 -45.02
C ASP A 246 16.65 4.03 -44.11
N ARG A 247 15.89 4.20 -43.04
CA ARG A 247 16.13 5.27 -42.08
C ARG A 247 16.06 4.76 -40.64
N ALA A 248 16.88 5.35 -39.77
CA ALA A 248 16.83 5.03 -38.34
C ALA A 248 16.02 6.11 -37.64
N SER A 249 15.53 5.81 -36.43
CA SER A 249 14.71 6.75 -35.69
C SER A 249 15.38 7.22 -34.41
N PHE A 250 15.08 8.45 -34.02
CA PHE A 250 15.61 9.02 -32.79
C PHE A 250 14.48 9.66 -32.01
N LEU A 251 14.48 9.46 -30.70
CA LEU A 251 13.42 9.99 -29.86
C LEU A 251 13.65 11.47 -29.58
N ARG A 252 12.60 12.27 -29.74
CA ARG A 252 12.72 13.72 -29.62
C ARG A 252 12.86 14.19 -28.18
N GLY A 253 12.00 13.71 -27.30
CA GLY A 253 12.02 14.13 -25.91
C GLY A 253 11.08 13.35 -25.00
N LYS A 254 10.07 14.05 -24.50
CA LYS A 254 9.11 13.45 -23.56
C LYS A 254 7.67 13.69 -24.01
N SER A 255 6.84 12.67 -23.84
CA SER A 255 5.43 12.76 -24.19
C SER A 255 4.61 11.77 -23.40
N MET A 256 3.31 11.86 -23.56
CA MET A 256 2.40 10.91 -22.94
C MET A 256 1.58 10.22 -24.02
N GLY A 257 1.34 8.93 -23.86
CA GLY A 257 0.53 8.20 -24.82
C GLY A 257 -0.71 7.64 -24.17
N ILE A 258 -1.84 7.78 -24.86
CA ILE A 258 -3.10 7.22 -24.37
C ILE A 258 -3.86 6.50 -25.47
N GLN A 259 -4.83 5.68 -25.08
CA GLN A 259 -5.74 5.07 -26.03
C GLN A 259 -7.15 5.57 -25.74
N SER A 260 -7.81 6.12 -26.76
CA SER A 260 -9.11 6.74 -26.53
C SER A 260 -10.05 6.62 -27.74
N GLY A 261 -11.34 6.70 -27.46
CA GLY A 261 -12.36 6.70 -28.50
C GLY A 261 -13.19 7.98 -28.50
N VAL A 262 -12.67 9.03 -27.88
CA VAL A 262 -13.41 10.29 -27.78
C VAL A 262 -12.63 11.47 -28.37
N GLN A 263 -13.34 12.57 -28.56
CA GLN A 263 -12.80 13.74 -29.26
C GLN A 263 -11.74 14.50 -28.46
N VAL A 264 -10.89 15.21 -29.19
CA VAL A 264 -9.89 16.08 -28.60
C VAL A 264 -10.50 17.46 -28.31
N ASP A 265 -10.06 18.08 -27.22
CA ASP A 265 -10.52 19.42 -26.88
C ASP A 265 -9.32 20.27 -26.48
N ALA A 266 -8.99 21.25 -27.32
CA ALA A 266 -7.83 22.10 -27.08
C ALA A 266 -8.13 23.22 -26.09
N ASN A 267 -9.41 23.38 -25.76
CA ASN A 267 -9.85 24.44 -24.86
C ASN A 267 -9.86 24.07 -23.37
N CYS A 268 -10.06 22.80 -23.03
CA CYS A 268 -9.95 22.39 -21.64
C CYS A 268 -8.54 21.85 -21.37
N GLU A 269 -8.07 22.02 -20.14
CA GLU A 269 -6.76 21.50 -19.77
C GLU A 269 -6.86 20.42 -18.69
N GLY A 270 -6.13 19.32 -18.90
CA GLY A 270 -6.14 18.21 -17.96
C GLY A 270 -4.82 17.48 -17.92
N ASP A 271 -4.69 16.54 -16.99
CA ASP A 271 -3.45 15.78 -16.83
C ASP A 271 -3.72 14.31 -16.54
N CYS A 272 -4.99 13.97 -16.35
CA CYS A 272 -5.38 12.59 -16.06
C CYS A 272 -6.34 12.08 -17.13
N TYR A 273 -5.93 11.06 -17.86
CA TYR A 273 -6.71 10.58 -18.99
C TYR A 273 -7.08 9.10 -18.88
N HIS A 274 -8.20 8.73 -19.51
CA HIS A 274 -8.55 7.34 -19.73
C HIS A 274 -9.24 7.25 -21.09
N SER A 275 -9.68 6.07 -21.48
CA SER A 275 -10.25 5.87 -22.80
C SER A 275 -11.55 6.64 -23.00
N GLY A 276 -12.23 6.94 -21.90
CA GLY A 276 -13.52 7.61 -21.96
C GLY A 276 -13.43 9.12 -21.87
N GLY A 277 -12.25 9.64 -21.58
CA GLY A 277 -12.06 11.07 -21.51
C GLY A 277 -11.01 11.54 -20.52
N THR A 278 -11.28 12.69 -19.91
CA THR A 278 -10.34 13.31 -18.99
C THR A 278 -10.94 13.49 -17.60
N ILE A 279 -10.15 13.17 -16.58
CA ILE A 279 -10.58 13.39 -15.21
C ILE A 279 -9.98 14.70 -14.71
N ILE A 280 -10.83 15.72 -14.60
CA ILE A 280 -10.39 17.01 -14.10
C ILE A 280 -10.98 17.19 -12.72
N SER A 281 -10.13 17.06 -11.70
CA SER A 281 -10.60 17.01 -10.34
C SER A 281 -9.50 17.33 -9.35
N ASN A 282 -9.87 17.93 -8.23
CA ASN A 282 -8.94 18.20 -7.15
C ASN A 282 -9.03 17.14 -6.07
N LEU A 283 -10.03 16.27 -6.19
CA LEU A 283 -10.27 15.22 -5.21
C LEU A 283 -9.14 14.19 -5.22
N PRO A 284 -8.83 13.60 -4.05
CA PRO A 284 -7.70 12.67 -3.94
C PRO A 284 -8.00 11.29 -4.52
N PHE A 285 -9.27 10.95 -4.68
CA PHE A 285 -9.66 9.63 -5.17
C PHE A 285 -10.60 9.71 -6.35
N GLN A 286 -10.68 8.63 -7.13
CA GLN A 286 -11.62 8.55 -8.24
C GLN A 286 -12.16 7.13 -8.42
N ASN A 287 -13.37 7.03 -8.94
CA ASN A 287 -14.01 5.73 -9.16
C ASN A 287 -14.44 5.59 -10.62
N ILE A 288 -13.68 6.21 -11.52
CA ILE A 288 -14.03 6.22 -12.94
C ILE A 288 -13.31 5.11 -13.71
N ASP A 289 -11.98 5.12 -13.67
CA ASP A 289 -11.20 4.14 -14.42
C ASP A 289 -9.90 3.77 -13.68
N SER A 290 -9.74 2.48 -13.40
CA SER A 290 -8.56 1.98 -12.70
C SER A 290 -7.30 2.03 -13.57
N ARG A 291 -7.47 2.22 -14.87
CA ARG A 291 -6.33 2.23 -15.79
C ARG A 291 -6.04 3.65 -16.27
N ALA A 292 -6.61 4.63 -15.59
CA ALA A 292 -6.32 6.04 -15.88
C ALA A 292 -4.82 6.30 -15.77
N VAL A 293 -4.30 7.11 -16.69
CA VAL A 293 -2.88 7.41 -16.72
C VAL A 293 -2.59 8.91 -16.72
N GLY A 294 -1.38 9.28 -16.33
CA GLY A 294 -1.00 10.67 -16.18
C GLY A 294 -0.76 10.99 -14.72
N LYS A 295 -1.15 12.20 -14.30
CA LYS A 295 -1.10 12.55 -12.88
C LYS A 295 -2.53 12.56 -12.35
N CYS A 296 -2.88 11.47 -11.65
CA CYS A 296 -4.27 11.15 -11.35
C CYS A 296 -4.55 11.01 -9.86
N PRO A 297 -5.84 11.16 -9.49
CA PRO A 297 -6.26 10.71 -8.16
C PRO A 297 -6.14 9.20 -8.10
N ARG A 298 -6.04 8.63 -6.90
CA ARG A 298 -5.91 7.19 -6.78
C ARG A 298 -7.25 6.51 -7.00
N TYR A 299 -7.24 5.39 -7.72
CA TYR A 299 -8.47 4.64 -7.95
C TYR A 299 -8.90 3.91 -6.68
N VAL A 300 -10.19 3.98 -6.38
CA VAL A 300 -10.76 3.26 -5.26
C VAL A 300 -12.03 2.52 -5.68
N LYS A 301 -12.40 1.50 -4.91
CA LYS A 301 -13.58 0.70 -5.21
C LYS A 301 -14.86 1.45 -4.95
N GLN A 302 -14.84 2.32 -3.93
CA GLN A 302 -16.02 3.00 -3.47
C GLN A 302 -16.43 4.13 -4.40
N ARG A 303 -17.73 4.26 -4.61
CA ARG A 303 -18.28 5.36 -5.41
C ARG A 303 -18.29 6.66 -4.61
N SER A 304 -18.54 6.57 -3.32
CA SER A 304 -18.67 7.76 -2.47
C SER A 304 -18.00 7.63 -1.11
N LEU A 305 -17.25 8.65 -0.73
CA LEU A 305 -16.71 8.77 0.63
C LEU A 305 -16.85 10.21 1.09
N LEU A 306 -17.89 10.49 1.86
CA LEU A 306 -18.19 11.85 2.26
C LEU A 306 -17.37 12.29 3.46
N LEU A 307 -16.70 13.43 3.30
CA LEU A 307 -15.87 14.00 4.34
C LEU A 307 -16.60 15.18 5.00
N ALA A 308 -16.76 15.11 6.32
CA ALA A 308 -17.45 16.15 7.07
C ALA A 308 -16.70 17.47 7.01
N THR A 309 -17.42 18.55 6.72
CA THR A 309 -16.86 19.88 6.67
C THR A 309 -17.59 20.78 7.67
N GLY A 310 -18.33 20.13 8.56
CA GLY A 310 -19.09 20.84 9.59
C GLY A 310 -19.29 19.96 10.80
N MET A 311 -19.81 20.54 11.87
CA MET A 311 -20.01 19.80 13.12
C MET A 311 -21.16 18.81 13.03
N LYS A 312 -21.29 18.00 14.09
CA LYS A 312 -22.39 17.06 14.21
C LYS A 312 -23.71 17.81 14.24
N ASN A 313 -24.71 17.32 13.51
CA ASN A 313 -26.00 17.97 13.45
C ASN A 313 -26.90 17.46 14.57
N VAL A 314 -27.25 18.37 15.48
CA VAL A 314 -28.10 18.07 16.62
C VAL A 314 -29.41 18.85 16.58
N PRO A 315 -30.52 18.16 16.33
CA PRO A 315 -31.84 18.80 16.23
C PRO A 315 -32.19 19.58 17.49
N GLU A 316 -33.02 20.61 17.35
CA GLU A 316 -33.42 21.42 18.50
C GLU A 316 -34.59 20.81 19.25
N ILE A 317 -34.51 20.85 20.58
CA ILE A 317 -35.57 20.32 21.43
C ILE A 317 -36.84 21.14 21.22
N PRO A 318 -37.98 20.47 20.98
CA PRO A 318 -39.25 21.17 20.72
C PRO A 318 -39.61 22.17 21.82
N LYS A 319 -40.12 23.33 21.40
CA LYS A 319 -40.45 24.42 22.33
C LYS A 319 -41.79 24.18 23.02
N GLY B 1 -41.52 23.15 27.62
CA GLY B 1 -41.48 23.50 29.03
C GLY B 1 -42.15 24.82 29.34
N LEU B 2 -41.42 25.70 30.02
CA LEU B 2 -41.97 26.98 30.46
C LEU B 2 -42.02 28.01 29.34
N PHE B 3 -42.72 29.11 29.60
CA PHE B 3 -42.89 30.18 28.63
C PHE B 3 -41.59 30.98 28.46
N GLY B 4 -41.14 31.10 27.22
CA GLY B 4 -39.93 31.84 26.89
C GLY B 4 -38.68 31.27 27.53
N ALA B 5 -38.64 29.95 27.67
CA ALA B 5 -37.48 29.28 28.23
C ALA B 5 -36.40 29.05 27.17
N ILE B 6 -35.15 29.16 27.58
CA ILE B 6 -34.02 28.95 26.67
C ILE B 6 -33.11 27.84 27.20
N ALA B 7 -32.43 27.14 26.29
CA ALA B 7 -31.57 26.03 26.65
C ALA B 7 -30.25 26.07 25.86
N GLY B 8 -29.19 25.55 26.47
CA GLY B 8 -27.87 25.58 25.87
C GLY B 8 -27.53 24.39 24.96
N PHE B 9 -26.25 24.22 24.70
CA PHE B 9 -25.78 23.23 23.71
C PHE B 9 -25.94 21.77 24.12
N ILE B 10 -25.97 21.48 25.42
CA ILE B 10 -26.06 20.09 25.87
C ILE B 10 -27.31 19.40 25.36
N GLU B 11 -27.08 18.45 24.44
CA GLU B 11 -28.12 17.60 23.84
C GLU B 11 -29.12 18.49 23.08
N ASN B 12 -28.61 19.54 22.44
CA ASN B 12 -29.47 20.54 21.79
C ASN B 12 -28.74 21.48 20.84
N GLY B 13 -29.11 21.46 19.56
CA GLY B 13 -28.59 22.45 18.62
C GLY B 13 -29.58 23.57 18.41
N TRP B 14 -29.11 24.68 17.85
CA TRP B 14 -30.00 25.82 17.56
C TRP B 14 -30.20 25.96 16.07
N GLU B 15 -31.40 25.65 15.59
CA GLU B 15 -31.70 25.70 14.16
C GLU B 15 -31.94 27.13 13.70
N GLY B 16 -31.91 28.09 14.63
CA GLY B 16 -32.21 29.47 14.31
C GLY B 16 -30.97 30.36 14.29
N LEU B 17 -29.84 29.82 14.74
CA LEU B 17 -28.57 30.52 14.68
C LEU B 17 -28.09 30.55 13.23
N ILE B 18 -27.92 31.74 12.66
CA ILE B 18 -27.64 31.85 11.23
C ILE B 18 -26.32 32.53 10.83
N ASP B 19 -25.79 33.40 11.68
CA ASP B 19 -24.58 34.14 11.30
C ASP B 19 -23.34 33.63 12.03
N GLY B 20 -23.27 32.32 12.25
CA GLY B 20 -22.13 31.73 12.91
C GLY B 20 -22.35 30.29 13.30
N TRP B 21 -21.28 29.62 13.72
CA TRP B 21 -21.35 28.23 14.13
C TRP B 21 -21.63 28.12 15.62
N TYR B 22 -21.17 29.11 16.38
CA TYR B 22 -21.41 29.15 17.81
C TYR B 22 -22.00 30.50 18.18
N GLY B 23 -22.65 30.58 19.33
CA GLY B 23 -23.25 31.83 19.74
C GLY B 23 -23.80 31.89 21.15
N PHE B 24 -24.36 33.05 21.49
CA PHE B 24 -24.96 33.29 22.79
C PHE B 24 -26.46 33.50 22.64
N ARG B 25 -27.21 33.07 23.63
CA ARG B 25 -28.64 33.37 23.71
C ARG B 25 -28.96 33.76 25.14
N HIS B 26 -29.55 34.94 25.32
CA HIS B 26 -29.76 35.45 26.66
C HIS B 26 -31.21 35.76 27.00
N GLN B 27 -31.45 35.90 28.30
CA GLN B 27 -32.78 36.17 28.84
C GLN B 27 -32.68 37.19 29.96
N ASN B 28 -33.35 38.32 29.80
CA ASN B 28 -33.37 39.33 30.86
C ASN B 28 -34.68 40.10 30.85
N ALA B 29 -34.74 41.17 31.64
CA ALA B 29 -35.96 41.95 31.78
C ALA B 29 -36.38 42.58 30.46
N GLN B 30 -35.40 43.02 29.68
CA GLN B 30 -35.66 43.65 28.39
C GLN B 30 -36.17 42.65 27.35
N GLY B 31 -35.78 41.39 27.48
CA GLY B 31 -36.25 40.36 26.57
C GLY B 31 -35.23 39.30 26.20
N GLU B 32 -35.50 38.61 25.09
CA GLU B 32 -34.60 37.58 24.58
C GLU B 32 -33.83 38.05 23.35
N GLY B 33 -32.59 37.58 23.22
CA GLY B 33 -31.76 37.89 22.08
C GLY B 33 -30.76 36.79 21.76
N THR B 34 -30.35 36.71 20.50
CA THR B 34 -29.37 35.70 20.08
C THR B 34 -28.29 36.31 19.19
N ALA B 35 -27.03 35.98 19.47
CA ALA B 35 -25.91 36.50 18.70
C ALA B 35 -24.80 35.47 18.52
N ALA B 36 -24.21 35.45 17.32
CA ALA B 36 -23.13 34.51 17.01
C ALA B 36 -21.78 34.96 17.57
N ASP B 37 -20.92 34.00 17.89
CA ASP B 37 -19.56 34.29 18.30
C ASP B 37 -18.58 34.00 17.17
N TYR B 38 -17.90 35.04 16.69
CA TYR B 38 -17.06 34.92 15.50
C TYR B 38 -15.72 34.22 15.75
N LYS B 39 -15.09 34.54 16.86
CA LYS B 39 -13.78 33.99 17.19
C LYS B 39 -13.78 32.46 17.24
N SER B 40 -14.76 31.90 17.93
CA SER B 40 -14.88 30.44 18.04
C SER B 40 -15.25 29.82 16.69
N THR B 41 -16.18 30.47 15.98
CA THR B 41 -16.57 30.04 14.65
C THR B 41 -15.37 30.00 13.70
N GLN B 42 -14.61 31.09 13.69
CA GLN B 42 -13.44 31.20 12.84
C GLN B 42 -12.40 30.14 13.18
N SER B 43 -12.25 29.86 14.47
CA SER B 43 -11.26 28.90 14.96
C SER B 43 -11.56 27.48 14.48
N ALA B 44 -12.83 27.08 14.60
CA ALA B 44 -13.26 25.77 14.14
C ALA B 44 -13.09 25.63 12.63
N ILE B 45 -13.44 26.69 11.91
CA ILE B 45 -13.32 26.72 10.47
C ILE B 45 -11.86 26.69 10.03
N ASP B 46 -10.97 27.34 10.79
CA ASP B 46 -9.55 27.33 10.49
C ASP B 46 -8.98 25.92 10.54
N GLN B 47 -9.39 25.16 11.55
CA GLN B 47 -8.89 23.80 11.75
C GLN B 47 -9.38 22.86 10.66
N ILE B 48 -10.66 22.98 10.30
CA ILE B 48 -11.24 22.14 9.26
C ILE B 48 -10.66 22.53 7.88
N THR B 49 -10.45 23.83 7.67
CA THR B 49 -9.85 24.30 6.43
C THR B 49 -8.42 23.78 6.28
N GLY B 50 -7.69 23.75 7.40
CA GLY B 50 -6.34 23.23 7.41
C GLY B 50 -6.31 21.76 7.03
N LYS B 51 -7.31 21.03 7.52
CA LYS B 51 -7.48 19.62 7.22
C LYS B 51 -7.77 19.41 5.73
N LEU B 52 -8.65 20.25 5.19
CA LEU B 52 -9.03 20.16 3.77
C LEU B 52 -7.89 20.52 2.83
N ASN B 53 -7.03 21.46 3.25
CA ASN B 53 -5.89 21.84 2.43
C ASN B 53 -4.95 20.66 2.21
N ARG B 54 -4.78 19.86 3.26
CA ARG B 54 -3.95 18.66 3.18
C ARG B 54 -4.59 17.53 2.39
N LEU B 55 -5.89 17.32 2.60
CA LEU B 55 -6.61 16.21 1.97
C LEU B 55 -6.93 16.37 0.49
N ILE B 56 -7.34 17.57 0.08
CA ILE B 56 -7.78 17.79 -1.30
C ILE B 56 -6.60 18.13 -2.20
N GLU B 57 -5.77 17.12 -2.48
CA GLU B 57 -4.58 17.28 -3.33
C GLU B 57 -4.18 15.96 -3.98
N LYS B 58 -3.77 16.03 -5.25
CA LYS B 58 -3.38 14.83 -5.98
C LYS B 58 -1.86 14.81 -6.18
N THR B 59 -1.30 13.62 -6.37
CA THR B 59 0.14 13.43 -6.49
C THR B 59 0.72 14.03 -7.76
N ASN B 60 2.02 14.30 -7.74
CA ASN B 60 2.73 14.83 -8.88
C ASN B 60 3.52 13.74 -9.61
N GLN B 61 3.29 12.49 -9.19
CA GLN B 61 3.91 11.33 -9.80
C GLN B 61 3.10 10.88 -11.02
N GLN B 62 3.77 10.69 -12.14
CA GLN B 62 3.08 10.31 -13.37
C GLN B 62 3.13 8.80 -13.60
N PHE B 63 2.05 8.25 -14.13
CA PHE B 63 1.99 6.83 -14.49
C PHE B 63 1.64 6.65 -15.96
N GLU B 64 2.27 5.68 -16.60
CA GLU B 64 2.01 5.40 -18.01
C GLU B 64 1.30 4.05 -18.18
N LEU B 65 0.80 3.80 -19.39
CA LEU B 65 0.15 2.53 -19.70
C LEU B 65 1.16 1.38 -19.64
N ILE B 66 0.75 0.25 -19.05
CA ILE B 66 1.58 -0.95 -19.07
C ILE B 66 0.82 -2.15 -19.66
N ASP B 67 -0.42 -1.93 -20.06
CA ASP B 67 -1.16 -2.92 -20.83
C ASP B 67 -1.99 -2.23 -21.91
N ASN B 68 -2.80 -3.01 -22.62
CA ASN B 68 -3.40 -2.55 -23.87
C ASN B 68 -4.89 -2.91 -24.02
N GLU B 69 -5.72 -1.92 -24.31
CA GLU B 69 -7.16 -2.16 -24.47
C GLU B 69 -7.51 -2.75 -25.82
N PHE B 70 -6.72 -2.44 -26.84
CA PHE B 70 -7.04 -2.86 -28.19
C PHE B 70 -6.46 -4.23 -28.53
N ASN B 71 -5.17 -4.40 -28.31
CA ASN B 71 -4.53 -5.70 -28.49
C ASN B 71 -3.96 -6.21 -27.18
N GLU B 72 -4.68 -7.15 -26.55
CA GLU B 72 -4.31 -7.71 -25.26
C GLU B 72 -2.87 -8.22 -25.23
N VAL B 73 -2.16 -7.93 -24.13
CA VAL B 73 -0.79 -8.39 -23.95
C VAL B 73 -0.76 -9.90 -23.69
N GLU B 74 0.46 -10.46 -23.64
CA GLU B 74 0.63 -11.90 -23.42
C GLU B 74 0.03 -12.30 -22.08
N LYS B 75 -0.52 -13.50 -22.03
CA LYS B 75 -1.36 -13.93 -20.90
C LYS B 75 -0.67 -13.93 -19.53
N GLN B 76 0.56 -14.42 -19.48
CA GLN B 76 1.25 -14.54 -18.19
C GLN B 76 1.59 -13.18 -17.59
N ILE B 77 2.21 -12.30 -18.38
CA ILE B 77 2.56 -10.97 -17.91
C ILE B 77 1.28 -10.16 -17.62
N GLY B 78 0.21 -10.46 -18.35
CA GLY B 78 -1.07 -9.80 -18.15
C GLY B 78 -1.68 -10.13 -16.80
N ASN B 79 -1.51 -11.38 -16.37
CA ASN B 79 -2.04 -11.81 -15.07
C ASN B 79 -1.26 -11.22 -13.89
N VAL B 80 0.04 -11.03 -14.08
CA VAL B 80 0.88 -10.41 -13.06
C VAL B 80 0.48 -8.95 -12.89
N ILE B 81 0.27 -8.28 -14.01
CA ILE B 81 -0.16 -6.89 -14.02
C ILE B 81 -1.52 -6.72 -13.34
N ASN B 82 -2.48 -7.53 -13.75
CA ASN B 82 -3.82 -7.49 -13.18
C ASN B 82 -3.82 -7.78 -11.68
N TRP B 83 -2.96 -8.70 -11.25
CA TRP B 83 -2.86 -9.07 -9.86
C TRP B 83 -2.21 -7.95 -9.03
N THR B 84 -1.20 -7.31 -9.62
CA THR B 84 -0.54 -6.18 -8.96
C THR B 84 -1.48 -4.99 -8.84
N ARG B 85 -2.17 -4.66 -9.93
CA ARG B 85 -3.09 -3.52 -9.94
C ARG B 85 -4.21 -3.69 -8.94
N ASP B 86 -4.78 -4.89 -8.89
CA ASP B 86 -5.88 -5.18 -7.96
C ASP B 86 -5.43 -5.10 -6.51
N SER B 87 -4.19 -5.53 -6.26
CA SER B 87 -3.61 -5.43 -4.92
C SER B 87 -3.47 -3.98 -4.47
N ILE B 88 -3.01 -3.12 -5.37
CA ILE B 88 -2.87 -1.69 -5.09
C ILE B 88 -4.24 -1.05 -4.83
N THR B 89 -5.23 -1.42 -5.64
CA THR B 89 -6.59 -0.90 -5.47
C THR B 89 -7.15 -1.25 -4.10
N GLU B 90 -6.86 -2.46 -3.63
CA GLU B 90 -7.28 -2.90 -2.31
C GLU B 90 -6.65 -2.04 -1.22
N VAL B 91 -5.38 -1.70 -1.39
CA VAL B 91 -4.67 -0.88 -0.43
C VAL B 91 -5.24 0.54 -0.35
N TRP B 92 -5.43 1.17 -1.51
CA TRP B 92 -5.94 2.54 -1.55
C TRP B 92 -7.40 2.63 -1.13
N SER B 93 -8.20 1.62 -1.49
CA SER B 93 -9.60 1.60 -1.10
C SER B 93 -9.69 1.51 0.43
N TYR B 94 -8.78 0.74 1.02
CA TYR B 94 -8.72 0.60 2.47
C TYR B 94 -8.27 1.91 3.11
N ASN B 95 -7.20 2.49 2.57
CA ASN B 95 -6.67 3.76 3.06
C ASN B 95 -7.70 4.87 2.99
N ALA B 96 -8.39 4.97 1.87
CA ALA B 96 -9.36 6.04 1.66
C ALA B 96 -10.51 5.96 2.65
N GLU B 97 -11.05 4.76 2.86
CA GLU B 97 -12.16 4.58 3.79
C GLU B 97 -11.72 4.87 5.21
N LEU B 98 -10.55 4.39 5.58
CA LEU B 98 -10.01 4.62 6.91
C LEU B 98 -9.72 6.10 7.14
N LEU B 99 -9.13 6.74 6.13
CA LEU B 99 -8.79 8.15 6.22
C LEU B 99 -10.01 9.02 6.47
N VAL B 100 -11.04 8.84 5.66
CA VAL B 100 -12.27 9.63 5.76
C VAL B 100 -12.94 9.42 7.12
N ALA B 101 -13.03 8.17 7.56
CA ALA B 101 -13.63 7.84 8.85
C ALA B 101 -12.83 8.46 10.00
N MET B 102 -11.51 8.36 9.90
CA MET B 102 -10.61 8.92 10.91
C MET B 102 -10.75 10.43 10.99
N GLU B 103 -10.75 11.10 9.84
CA GLU B 103 -10.86 12.56 9.80
C GLU B 103 -12.21 13.04 10.31
N ASN B 104 -13.28 12.35 9.90
CA ASN B 104 -14.63 12.71 10.32
C ASN B 104 -14.79 12.59 11.84
N GLN B 105 -14.18 11.57 12.42
CA GLN B 105 -14.17 11.39 13.86
C GLN B 105 -13.50 12.58 14.53
N HIS B 106 -12.38 13.02 13.95
CA HIS B 106 -11.63 14.13 14.50
C HIS B 106 -12.34 15.47 14.33
N THR B 107 -12.98 15.65 13.19
CA THR B 107 -13.69 16.89 12.89
C THR B 107 -14.86 17.12 13.85
N ILE B 108 -15.63 16.06 14.10
CA ILE B 108 -16.73 16.12 15.04
C ILE B 108 -16.26 16.43 16.45
N ASP B 109 -15.15 15.81 16.86
CA ASP B 109 -14.59 16.04 18.19
C ASP B 109 -14.03 17.45 18.37
N LEU B 110 -13.37 17.99 17.35
CA LEU B 110 -12.77 19.32 17.46
C LEU B 110 -13.86 20.39 17.51
N ALA B 111 -14.96 20.13 16.84
CA ALA B 111 -16.10 21.04 16.84
C ALA B 111 -16.73 21.12 18.22
N ASP B 112 -16.83 19.97 18.90
CA ASP B 112 -17.37 19.94 20.25
C ASP B 112 -16.36 20.49 21.24
N SER B 113 -15.10 20.55 20.84
CA SER B 113 -14.04 21.07 21.68
C SER B 113 -14.10 22.59 21.73
N GLU B 114 -14.42 23.21 20.60
CA GLU B 114 -14.56 24.66 20.53
C GLU B 114 -15.74 25.13 21.35
N MET B 115 -16.80 24.33 21.38
CA MET B 115 -17.99 24.63 22.16
C MET B 115 -17.65 24.65 23.65
N ASP B 116 -16.91 23.63 24.09
CA ASP B 116 -16.46 23.54 25.48
C ASP B 116 -15.55 24.69 25.88
N LYS B 117 -14.63 25.05 25.00
CA LYS B 117 -13.69 26.14 25.28
C LYS B 117 -14.41 27.47 25.47
N LEU B 118 -15.42 27.72 24.65
CA LEU B 118 -16.22 28.92 24.74
C LEU B 118 -17.03 28.90 26.04
N TYR B 119 -17.58 27.73 26.36
CA TYR B 119 -18.32 27.53 27.60
C TYR B 119 -17.42 27.77 28.81
N GLU B 120 -16.20 27.25 28.75
CA GLU B 120 -15.27 27.39 29.87
C GLU B 120 -14.79 28.82 30.03
N ARG B 121 -14.63 29.55 28.92
CA ARG B 121 -14.18 30.93 28.98
C ARG B 121 -15.20 31.79 29.72
N VAL B 122 -16.47 31.62 29.37
CA VAL B 122 -17.56 32.38 29.98
C VAL B 122 -17.66 32.04 31.46
N LYS B 123 -17.53 30.75 31.79
CA LYS B 123 -17.53 30.31 33.18
C LYS B 123 -16.42 31.00 33.98
N ARG B 124 -15.30 31.26 33.31
CA ARG B 124 -14.13 31.82 33.97
C ARG B 124 -14.30 33.31 34.26
N GLN B 125 -14.92 34.05 33.33
CA GLN B 125 -15.15 35.48 33.53
C GLN B 125 -16.31 35.77 34.49
N LEU B 126 -17.35 34.96 34.46
CA LEU B 126 -18.51 35.16 35.33
C LEU B 126 -18.18 34.94 36.81
N ARG B 127 -17.19 34.08 37.08
CA ARG B 127 -16.72 33.81 38.43
C ARG B 127 -17.82 33.34 39.39
N GLU B 128 -17.98 34.05 40.50
CA GLU B 128 -18.92 33.68 41.54
C GLU B 128 -20.28 34.35 41.38
N ASN B 129 -20.48 35.01 40.24
CA ASN B 129 -21.71 35.74 39.99
C ASN B 129 -22.82 34.90 39.38
N ALA B 130 -22.48 33.67 38.97
CA ALA B 130 -23.46 32.81 38.31
C ALA B 130 -23.30 31.34 38.66
N GLU B 131 -24.30 30.54 38.33
CA GLU B 131 -24.25 29.09 38.50
C GLU B 131 -24.64 28.39 37.21
N GLU B 132 -24.15 27.17 37.03
CA GLU B 132 -24.46 26.37 35.84
C GLU B 132 -25.80 25.66 36.02
N ASP B 133 -26.69 25.78 35.04
CA ASP B 133 -28.00 25.17 35.14
C ASP B 133 -28.01 23.74 34.59
N GLY B 134 -26.85 23.28 34.11
CA GLY B 134 -26.71 21.91 33.65
C GLY B 134 -27.09 21.65 32.21
N THR B 135 -27.63 22.66 31.54
CA THR B 135 -28.02 22.50 30.14
C THR B 135 -27.12 23.31 29.20
N GLY B 136 -26.07 23.91 29.75
CA GLY B 136 -25.16 24.71 28.96
C GLY B 136 -25.41 26.21 29.11
N CYS B 137 -26.14 26.57 30.16
CA CYS B 137 -26.46 27.97 30.42
C CYS B 137 -25.94 28.44 31.76
N PHE B 138 -25.89 29.75 31.96
CA PHE B 138 -25.54 30.31 33.24
C PHE B 138 -26.69 31.14 33.80
N GLU B 139 -27.10 30.82 35.02
CA GLU B 139 -28.07 31.64 35.73
C GLU B 139 -27.32 32.74 36.47
N ILE B 140 -27.54 33.98 36.05
CA ILE B 140 -26.82 35.12 36.62
C ILE B 140 -27.60 35.71 37.80
N PHE B 141 -26.91 35.89 38.92
CA PHE B 141 -27.56 36.28 40.16
C PHE B 141 -27.52 37.79 40.41
N HIS B 142 -27.39 38.55 39.33
CA HIS B 142 -27.56 40.00 39.38
C HIS B 142 -28.33 40.49 38.17
N LYS B 143 -28.65 41.78 38.14
CA LYS B 143 -29.37 42.35 37.01
C LYS B 143 -28.42 42.56 35.85
N CYS B 144 -28.64 41.84 34.76
CA CYS B 144 -27.77 41.96 33.60
C CYS B 144 -28.58 42.41 32.40
N ASP B 145 -28.39 43.67 32.02
CA ASP B 145 -29.11 44.24 30.88
C ASP B 145 -28.34 44.05 29.59
N ASP B 146 -28.92 44.48 28.47
CA ASP B 146 -28.33 44.30 27.15
C ASP B 146 -26.84 44.71 27.09
N ASP B 147 -26.50 45.81 27.75
CA ASP B 147 -25.11 46.25 27.81
C ASP B 147 -24.26 45.27 28.63
N CYS B 148 -24.83 44.79 29.72
CA CYS B 148 -24.15 43.81 30.57
C CYS B 148 -23.97 42.48 29.83
N MET B 149 -25.00 42.07 29.09
CA MET B 149 -24.94 40.85 28.30
C MET B 149 -23.87 40.95 27.23
N ALA B 150 -23.79 42.12 26.59
CA ALA B 150 -22.80 42.37 25.55
C ALA B 150 -21.39 42.28 26.11
N SER B 151 -21.21 42.70 27.36
CA SER B 151 -19.90 42.67 28.01
C SER B 151 -19.44 41.24 28.23
N ILE B 152 -20.41 40.33 28.44
CA ILE B 152 -20.10 38.92 28.60
C ILE B 152 -19.67 38.32 27.26
N ARG B 153 -20.36 38.73 26.20
CA ARG B 153 -20.07 38.23 24.86
C ARG B 153 -18.72 38.70 24.32
N ASN B 154 -18.38 39.96 24.56
CA ASN B 154 -17.12 40.48 24.02
C ASN B 154 -15.98 40.48 25.06
N ASN B 155 -16.17 39.68 26.11
CA ASN B 155 -15.11 39.39 27.07
C ASN B 155 -14.57 40.62 27.82
N THR B 156 -15.46 41.54 28.17
CA THR B 156 -15.07 42.70 28.95
C THR B 156 -15.83 42.77 30.27
N TYR B 157 -16.54 41.69 30.59
CA TYR B 157 -17.34 41.63 31.83
C TYR B 157 -16.44 41.62 33.06
N ASP B 158 -16.71 42.53 33.99
CA ASP B 158 -15.93 42.63 35.22
C ASP B 158 -16.75 42.12 36.40
N HIS B 159 -16.36 40.97 36.93
CA HIS B 159 -17.15 40.30 37.96
C HIS B 159 -17.14 41.08 39.28
N SER B 160 -16.09 41.87 39.50
CA SER B 160 -15.94 42.60 40.76
C SER B 160 -17.00 43.69 40.93
N LYS B 161 -17.58 44.15 39.82
CA LYS B 161 -18.60 45.19 39.87
C LYS B 161 -19.92 44.66 40.44
N TYR B 162 -20.27 43.44 40.08
CA TYR B 162 -21.55 42.87 40.49
C TYR B 162 -21.43 41.79 41.56
N ARG B 163 -20.25 41.62 42.13
CA ARG B 163 -20.01 40.49 43.04
C ARG B 163 -20.84 40.51 44.31
N GLU B 164 -20.83 41.62 45.05
CA GLU B 164 -21.53 41.69 46.33
C GLU B 164 -23.04 41.54 46.14
N GLU B 165 -23.57 42.18 45.10
CA GLU B 165 -24.97 42.04 44.74
C GLU B 165 -25.31 40.59 44.44
N ALA B 166 -24.41 39.93 43.71
CA ALA B 166 -24.64 38.55 43.29
C ALA B 166 -24.48 37.54 44.41
N MET B 167 -23.50 37.74 45.28
CA MET B 167 -23.25 36.77 46.35
C MET B 167 -24.37 36.76 47.39
N GLN B 168 -24.97 37.91 47.68
CA GLN B 168 -26.12 37.94 48.57
C GLN B 168 -27.29 37.22 47.93
N ASN B 169 -27.43 37.40 46.62
CA ASN B 169 -28.52 36.76 45.89
C ASN B 169 -28.35 35.23 45.89
N ARG B 170 -27.11 34.76 45.86
CA ARG B 170 -26.89 33.31 45.91
C ARG B 170 -27.20 32.75 47.30
N ILE B 171 -26.88 33.50 48.35
CA ILE B 171 -27.06 32.98 49.71
C ILE B 171 -28.53 32.98 50.12
N GLN B 172 -29.26 34.05 49.79
CA GLN B 172 -30.69 34.08 50.09
C GLN B 172 -31.48 34.77 48.98
N GLU C 1 -25.84 39.69 -5.82
CA GLU C 1 -24.51 39.09 -5.72
C GLU C 1 -23.46 40.08 -5.24
N VAL C 2 -22.40 39.55 -4.65
CA VAL C 2 -21.25 40.35 -4.27
C VAL C 2 -20.47 40.75 -5.53
N GLN C 3 -20.03 42.00 -5.58
CA GLN C 3 -19.24 42.44 -6.72
C GLN C 3 -17.83 42.79 -6.24
N LEU C 4 -16.84 42.34 -7.00
CA LEU C 4 -15.44 42.61 -6.67
C LEU C 4 -14.79 43.42 -7.79
N VAL C 5 -14.02 44.44 -7.41
CA VAL C 5 -13.34 45.26 -8.39
C VAL C 5 -11.87 45.42 -8.03
N GLU C 6 -11.00 44.88 -8.87
CA GLU C 6 -9.55 44.97 -8.66
C GLU C 6 -9.02 46.32 -9.12
N SER C 7 -7.97 46.78 -8.45
CA SER C 7 -7.25 47.98 -8.86
C SER C 7 -5.82 47.98 -8.35
N GLY C 8 -4.95 48.72 -9.02
CA GLY C 8 -3.58 48.90 -8.58
C GLY C 8 -2.55 48.17 -9.42
N GLY C 9 -3.01 47.53 -10.48
CA GLY C 9 -2.11 46.81 -11.36
C GLY C 9 -1.33 47.76 -12.25
N GLY C 10 -0.21 47.29 -12.78
CA GLY C 10 0.57 48.10 -13.69
C GLY C 10 1.86 47.45 -14.17
N LEU C 11 2.63 48.21 -14.95
CA LEU C 11 3.97 47.80 -15.34
C LEU C 11 4.96 48.17 -14.25
N VAL C 12 5.92 47.30 -14.00
CA VAL C 12 6.92 47.53 -12.95
C VAL C 12 8.19 46.76 -13.27
N GLN C 13 9.33 47.27 -12.78
CA GLN C 13 10.62 46.65 -13.05
C GLN C 13 10.91 45.53 -12.04
N ALA C 14 11.68 44.54 -12.47
CA ALA C 14 12.04 43.41 -11.63
C ALA C 14 12.74 43.84 -10.34
N GLY C 15 12.20 43.36 -9.21
CA GLY C 15 12.72 43.70 -7.91
C GLY C 15 11.91 44.78 -7.23
N GLY C 16 11.05 45.43 -8.01
CA GLY C 16 10.19 46.48 -7.49
C GLY C 16 8.99 45.91 -6.75
N SER C 17 8.11 46.79 -6.28
CA SER C 17 6.95 46.35 -5.52
C SER C 17 5.67 47.00 -6.04
N LEU C 18 4.54 46.35 -5.74
CA LEU C 18 3.24 46.82 -6.19
C LEU C 18 2.20 46.49 -5.13
N LYS C 19 1.12 47.24 -5.09
CA LYS C 19 0.04 46.96 -4.13
C LYS C 19 -1.31 46.89 -4.83
N LEU C 20 -1.92 45.71 -4.80
CA LEU C 20 -3.25 45.53 -5.37
C LEU C 20 -4.29 45.72 -4.30
N SER C 21 -5.47 46.20 -4.71
CA SER C 21 -6.59 46.33 -3.79
C SER C 21 -7.88 45.85 -4.45
N CYS C 22 -8.74 45.24 -3.65
CA CYS C 22 -10.03 44.74 -4.12
C CYS C 22 -11.15 45.39 -3.34
N ALA C 23 -11.98 46.16 -4.02
CA ALA C 23 -13.14 46.78 -3.39
C ALA C 23 -14.37 45.89 -3.56
N ALA C 24 -14.91 45.43 -2.43
CA ALA C 24 -16.10 44.59 -2.47
C ALA C 24 -17.37 45.39 -2.20
N SER C 25 -18.46 44.96 -2.82
CA SER C 25 -19.78 45.50 -2.52
C SER C 25 -20.72 44.36 -2.14
N GLY C 26 -21.03 44.26 -0.86
CA GLY C 26 -21.80 43.15 -0.32
C GLY C 26 -21.01 42.43 0.76
N ARG C 27 -21.66 41.51 1.45
CA ARG C 27 -21.03 40.81 2.57
C ARG C 27 -20.04 39.76 2.10
N THR C 28 -18.79 39.92 2.47
CA THR C 28 -17.76 38.92 2.16
C THR C 28 -17.21 38.28 3.42
N TYR C 29 -16.84 37.01 3.31
CA TYR C 29 -16.19 36.30 4.40
C TYR C 29 -14.74 36.03 4.03
N ALA C 30 -14.37 34.78 3.86
CA ALA C 30 -13.02 34.44 3.40
C ALA C 30 -12.80 35.02 2.01
N MET C 31 -11.61 35.58 1.79
CA MET C 31 -11.25 36.13 0.49
C MET C 31 -9.88 35.63 0.06
N GLY C 32 -9.51 35.89 -1.19
CA GLY C 32 -8.23 35.45 -1.70
C GLY C 32 -7.83 36.08 -3.01
N TRP C 33 -6.63 35.71 -3.48
CA TRP C 33 -6.15 36.17 -4.77
C TRP C 33 -5.72 35.01 -5.65
N PHE C 34 -6.13 35.06 -6.90
CA PHE C 34 -5.67 34.10 -7.90
C PHE C 34 -5.02 34.87 -9.06
N ARG C 35 -4.28 34.18 -9.90
CA ARG C 35 -3.69 34.81 -11.07
C ARG C 35 -3.68 33.88 -12.27
N GLN C 36 -3.66 34.46 -13.45
CA GLN C 36 -3.58 33.70 -14.69
C GLN C 36 -2.56 34.32 -15.64
N ALA C 37 -1.52 33.55 -15.95
CA ALA C 37 -0.57 33.94 -16.97
C ALA C 37 -1.09 33.45 -18.31
N PRO C 38 -0.73 34.13 -19.42
CA PRO C 38 -1.28 33.82 -20.74
C PRO C 38 -1.14 32.36 -21.12
N GLY C 39 -2.25 31.74 -21.50
CA GLY C 39 -2.28 30.35 -21.91
C GLY C 39 -2.24 29.36 -20.76
N LYS C 40 -2.41 29.84 -19.53
CA LYS C 40 -2.34 28.95 -18.37
C LYS C 40 -3.65 28.94 -17.60
N GLU C 41 -3.72 28.04 -16.63
CA GLU C 41 -4.89 27.93 -15.74
C GLU C 41 -4.78 28.91 -14.58
N ARG C 42 -5.93 29.24 -13.99
CA ARG C 42 -5.99 30.13 -12.85
C ARG C 42 -5.23 29.49 -11.68
N GLU C 43 -4.30 30.24 -11.10
CA GLU C 43 -3.40 29.70 -10.08
C GLU C 43 -3.61 30.41 -8.75
N PHE C 44 -3.65 29.63 -7.67
CA PHE C 44 -3.80 30.18 -6.33
C PHE C 44 -2.60 31.03 -5.94
N VAL C 45 -2.85 32.13 -5.23
CA VAL C 45 -1.77 33.01 -4.79
C VAL C 45 -1.79 33.20 -3.27
N ALA C 46 -2.92 33.66 -2.75
CA ALA C 46 -3.02 33.95 -1.33
C ALA C 46 -4.46 33.87 -0.83
N HIS C 47 -4.62 33.60 0.46
CA HIS C 47 -5.94 33.49 1.07
C HIS C 47 -5.94 34.09 2.47
N ILE C 48 -7.00 34.83 2.79
CA ILE C 48 -7.18 35.34 4.13
C ILE C 48 -8.58 34.99 4.63
N ASN C 49 -8.68 34.52 5.87
CA ASN C 49 -9.98 34.13 6.40
C ASN C 49 -10.81 35.36 6.77
N ALA C 50 -12.07 35.14 7.12
CA ALA C 50 -13.03 36.22 7.31
C ALA C 50 -12.57 37.27 8.32
N LEU C 51 -11.85 36.84 9.34
CA LEU C 51 -11.45 37.75 10.42
C LEU C 51 -10.07 38.36 10.20
N GLY C 52 -9.31 37.80 9.28
CA GLY C 52 -7.97 38.29 9.00
C GLY C 52 -6.95 37.79 10.00
N THR C 53 -7.34 36.79 10.79
CA THR C 53 -6.47 36.21 11.81
C THR C 53 -5.53 35.14 11.22
N ARG C 54 -5.86 34.65 10.04
CA ARG C 54 -5.07 33.59 9.41
C ARG C 54 -4.87 33.83 7.91
N THR C 55 -3.67 33.52 7.42
CA THR C 55 -3.35 33.69 6.00
C THR C 55 -2.66 32.47 5.42
N TYR C 56 -2.83 32.27 4.12
CA TYR C 56 -2.19 31.16 3.42
C TYR C 56 -1.53 31.67 2.13
N TYR C 57 -0.41 31.08 1.75
CA TYR C 57 0.32 31.50 0.56
C TYR C 57 0.80 30.35 -0.31
N SER C 58 0.96 30.63 -1.60
CA SER C 58 1.64 29.71 -2.51
C SER C 58 3.13 29.63 -2.18
N ASP C 59 3.75 28.50 -2.50
CA ASP C 59 5.17 28.32 -2.23
C ASP C 59 6.04 29.25 -3.07
N SER C 60 5.58 29.54 -4.28
CA SER C 60 6.32 30.43 -5.19
C SER C 60 6.18 31.90 -4.78
N VAL C 61 5.27 32.16 -3.85
CA VAL C 61 4.92 33.52 -3.48
C VAL C 61 5.24 33.84 -2.00
N LYS C 62 5.27 32.80 -1.17
CA LYS C 62 5.50 32.95 0.26
C LYS C 62 6.79 33.70 0.56
N GLY C 63 6.71 34.65 1.50
CA GLY C 63 7.86 35.44 1.88
C GLY C 63 7.99 36.75 1.12
N ARG C 64 7.32 36.85 -0.02
CA ARG C 64 7.39 38.06 -0.83
C ARG C 64 6.08 38.82 -0.85
N PHE C 65 4.97 38.10 -0.73
CA PHE C 65 3.65 38.73 -0.79
C PHE C 65 2.99 38.79 0.59
N THR C 66 2.16 39.79 0.79
CA THR C 66 1.37 39.91 2.02
C THR C 66 -0.08 40.24 1.71
N ILE C 67 -0.98 39.38 2.18
CA ILE C 67 -2.41 39.63 2.00
C ILE C 67 -2.99 40.20 3.30
N SER C 68 -3.92 41.13 3.15
CA SER C 68 -4.53 41.79 4.31
C SER C 68 -5.91 42.29 3.95
N ARG C 69 -6.66 42.75 4.95
CA ARG C 69 -8.02 43.21 4.71
C ARG C 69 -8.43 44.30 5.69
N ASP C 70 -9.39 45.12 5.27
CA ASP C 70 -9.99 46.13 6.14
C ASP C 70 -11.51 45.98 6.09
N ASN C 71 -12.08 45.47 7.17
CA ASN C 71 -13.52 45.18 7.19
C ASN C 71 -14.36 46.46 7.27
N ALA C 72 -13.73 47.56 7.67
CA ALA C 72 -14.41 48.85 7.71
C ALA C 72 -14.64 49.39 6.30
N LYS C 73 -13.63 49.22 5.45
CA LYS C 73 -13.70 49.67 4.07
C LYS C 73 -14.25 48.58 3.14
N ASN C 74 -14.43 47.38 3.69
CA ASN C 74 -14.83 46.20 2.92
C ASN C 74 -13.87 45.97 1.77
N THR C 75 -12.57 45.99 2.09
CA THR C 75 -11.52 45.96 1.08
C THR C 75 -10.50 44.87 1.39
N GLU C 76 -9.87 44.34 0.33
CA GLU C 76 -8.83 43.33 0.45
C GLU C 76 -7.57 43.87 -0.21
N TYR C 77 -6.40 43.45 0.28
CA TYR C 77 -5.14 43.97 -0.24
C TYR C 77 -4.12 42.87 -0.53
N LEU C 78 -3.31 43.08 -1.57
CA LEU C 78 -2.20 42.18 -1.87
C LEU C 78 -0.92 42.99 -2.10
N GLU C 79 -0.04 42.97 -1.10
CA GLU C 79 1.23 43.69 -1.18
C GLU C 79 2.30 42.77 -1.78
N MET C 80 2.82 43.15 -2.94
CA MET C 80 3.78 42.32 -3.67
C MET C 80 5.20 42.89 -3.66
N ASN C 81 6.08 42.30 -2.87
CA ASN C 81 7.49 42.69 -2.84
C ASN C 81 8.39 41.76 -3.63
N ASN C 82 9.54 42.28 -4.07
CA ASN C 82 10.54 41.49 -4.78
C ASN C 82 9.97 40.80 -6.01
N LEU C 83 9.29 41.58 -6.85
CA LEU C 83 8.61 41.02 -8.01
C LEU C 83 9.58 40.41 -9.02
N LYS C 84 9.14 39.32 -9.66
CA LYS C 84 9.94 38.59 -10.62
C LYS C 84 9.16 38.48 -11.93
N PRO C 85 9.87 38.22 -13.05
CA PRO C 85 9.19 38.12 -14.34
C PRO C 85 8.10 37.05 -14.38
N GLU C 86 8.24 35.99 -13.58
CA GLU C 86 7.24 34.93 -13.54
C GLU C 86 5.97 35.34 -12.80
N ASP C 87 5.98 36.55 -12.23
CA ASP C 87 4.81 37.08 -11.55
C ASP C 87 3.87 37.79 -12.52
N THR C 88 4.30 37.93 -13.77
CA THR C 88 3.47 38.55 -14.80
C THR C 88 2.21 37.72 -15.05
N ALA C 89 1.06 38.33 -14.81
CA ALA C 89 -0.23 37.66 -14.99
C ALA C 89 -1.37 38.63 -14.74
N VAL C 90 -2.58 38.20 -15.10
CA VAL C 90 -3.78 38.90 -14.67
C VAL C 90 -4.14 38.41 -13.27
N TYR C 91 -4.26 39.33 -12.33
CA TYR C 91 -4.57 38.96 -10.95
C TYR C 91 -6.05 39.16 -10.63
N TYR C 92 -6.65 38.15 -10.00
CA TYR C 92 -8.06 38.18 -9.65
C TYR C 92 -8.24 38.11 -8.13
N CYS C 93 -9.08 38.97 -7.57
CA CYS C 93 -9.47 38.78 -6.18
C CYS C 93 -10.72 37.90 -6.13
N THR C 94 -10.82 37.09 -5.09
CA THR C 94 -11.91 36.14 -4.96
C THR C 94 -12.53 36.25 -3.58
N ALA C 95 -13.77 35.79 -3.45
CA ALA C 95 -14.48 35.88 -2.19
C ALA C 95 -15.55 34.81 -2.03
N GLN C 96 -15.80 34.42 -0.78
CA GLN C 96 -16.89 33.50 -0.44
C GLN C 96 -18.01 34.28 0.26
N GLY C 97 -19.25 33.86 0.01
CA GLY C 97 -20.41 34.59 0.51
C GLY C 97 -20.94 34.21 1.88
N GLN C 98 -20.46 33.10 2.43
CA GLN C 98 -20.92 32.67 3.75
C GLN C 98 -19.77 32.08 4.56
N TRP C 99 -20.02 31.81 5.84
CA TRP C 99 -19.06 31.05 6.64
C TRP C 99 -18.88 29.69 6.00
N ARG C 100 -17.63 29.30 5.77
CA ARG C 100 -17.40 28.05 5.07
C ARG C 100 -16.01 27.49 5.29
N ALA C 101 -15.93 26.18 5.42
CA ALA C 101 -14.67 25.47 5.45
C ALA C 101 -14.44 24.79 4.10
N ALA C 102 -13.40 25.24 3.40
CA ALA C 102 -13.09 24.74 2.06
C ALA C 102 -11.61 24.90 1.78
N PRO C 103 -11.06 24.06 0.88
CA PRO C 103 -9.64 24.19 0.53
C PRO C 103 -9.37 25.53 -0.16
N VAL C 104 -8.40 26.28 0.36
CA VAL C 104 -8.17 27.65 -0.09
C VAL C 104 -7.60 27.74 -1.50
N ALA C 105 -6.90 26.70 -1.94
CA ALA C 105 -6.19 26.76 -3.22
C ALA C 105 -7.04 26.30 -4.40
N VAL C 106 -8.30 25.98 -4.15
CA VAL C 106 -9.20 25.50 -5.19
C VAL C 106 -10.11 26.61 -5.68
N ALA C 107 -10.02 26.94 -6.97
CA ALA C 107 -10.75 28.06 -7.55
C ALA C 107 -12.27 27.90 -7.45
N ALA C 108 -12.76 26.69 -7.68
CA ALA C 108 -14.19 26.41 -7.63
C ALA C 108 -14.82 26.68 -6.26
N GLU C 109 -13.98 26.72 -5.23
CA GLU C 109 -14.45 26.96 -3.86
C GLU C 109 -14.78 28.43 -3.61
N TYR C 110 -14.49 29.28 -4.59
CA TYR C 110 -14.84 30.69 -4.51
C TYR C 110 -15.91 31.00 -5.55
N GLU C 111 -17.02 31.60 -5.12
CA GLU C 111 -18.13 31.84 -6.05
C GLU C 111 -18.12 33.25 -6.64
N PHE C 112 -17.40 34.18 -6.02
CA PHE C 112 -17.35 35.55 -6.53
C PHE C 112 -15.96 35.92 -7.06
N TRP C 113 -15.91 36.37 -8.31
CA TRP C 113 -14.66 36.73 -8.97
C TRP C 113 -14.68 38.13 -9.56
N GLY C 114 -13.54 38.81 -9.50
CA GLY C 114 -13.39 40.12 -10.11
C GLY C 114 -13.10 40.04 -11.60
N GLN C 115 -12.97 41.20 -12.24
CA GLN C 115 -12.69 41.26 -13.67
C GLN C 115 -11.22 41.03 -13.96
N GLY C 116 -10.38 41.38 -12.98
CA GLY C 116 -8.94 41.16 -13.11
C GLY C 116 -8.18 42.46 -13.34
N THR C 117 -6.94 42.50 -12.86
CA THR C 117 -6.06 43.62 -13.13
C THR C 117 -4.70 43.10 -13.59
N GLN C 118 -4.20 43.66 -14.69
CA GLN C 118 -2.94 43.22 -15.29
C GLN C 118 -1.73 43.66 -14.48
N VAL C 119 -0.84 42.71 -14.21
CA VAL C 119 0.46 43.01 -13.62
C VAL C 119 1.58 42.52 -14.52
N THR C 120 2.43 43.43 -14.98
CA THR C 120 3.53 43.08 -15.85
C THR C 120 4.88 43.40 -15.22
N VAL C 121 5.73 42.39 -15.09
CA VAL C 121 7.06 42.57 -14.54
C VAL C 121 8.09 42.44 -15.66
N SER C 122 8.84 43.51 -15.91
CA SER C 122 9.89 43.50 -16.93
C SER C 122 11.06 42.61 -16.53
N ASP D 1 -24.94 11.01 52.53
CA ASP D 1 -23.73 11.70 52.95
C ASP D 1 -22.72 11.78 51.81
N LYS D 2 -22.56 10.69 51.07
CA LYS D 2 -21.53 10.61 50.05
C LYS D 2 -21.96 9.75 48.86
N ILE D 3 -21.69 10.23 47.65
CA ILE D 3 -21.95 9.45 46.44
C ILE D 3 -20.74 9.44 45.51
N CYS D 4 -20.41 8.26 44.98
CA CYS D 4 -19.21 8.10 44.17
C CYS D 4 -19.52 7.62 42.75
N LEU D 5 -18.70 8.06 41.80
CA LEU D 5 -18.79 7.59 40.42
C LEU D 5 -17.60 6.69 40.11
N GLY D 6 -17.85 5.60 39.40
CA GLY D 6 -16.80 4.65 39.10
C GLY D 6 -17.06 3.79 37.87
N HIS D 7 -16.10 2.92 37.56
CA HIS D 7 -16.20 2.02 36.43
C HIS D 7 -15.73 0.63 36.80
N HIS D 8 -16.16 -0.38 36.04
CA HIS D 8 -15.83 -1.75 36.40
C HIS D 8 -14.37 -2.08 36.12
N ALA D 9 -13.90 -3.18 36.72
CA ALA D 9 -12.52 -3.62 36.54
C ALA D 9 -12.38 -5.11 36.81
N VAL D 10 -11.25 -5.68 36.39
CA VAL D 10 -11.00 -7.10 36.59
C VAL D 10 -9.62 -7.26 37.25
N SER D 11 -9.43 -8.36 37.98
CA SER D 11 -8.16 -8.62 38.67
C SER D 11 -6.99 -8.73 37.69
N ASN D 12 -7.17 -9.54 36.65
CA ASN D 12 -6.19 -9.65 35.57
C ASN D 12 -6.84 -9.44 34.21
N GLY D 13 -6.32 -8.47 33.47
CA GLY D 13 -6.87 -8.10 32.18
C GLY D 13 -5.94 -8.46 31.04
N THR D 14 -6.43 -8.31 29.82
CA THR D 14 -5.64 -8.61 28.64
C THR D 14 -4.71 -7.45 28.31
N LYS D 15 -3.48 -7.77 27.92
CA LYS D 15 -2.52 -6.74 27.52
C LYS D 15 -2.62 -6.45 26.03
N VAL D 16 -2.68 -5.17 25.70
CA VAL D 16 -2.76 -4.74 24.30
C VAL D 16 -1.75 -3.62 24.06
N ASN D 17 -1.60 -3.23 22.81
CA ASN D 17 -0.66 -2.17 22.46
C ASN D 17 -1.36 -0.92 21.95
N THR D 18 -0.81 0.23 22.31
CA THR D 18 -1.33 1.51 21.83
C THR D 18 -0.21 2.29 21.15
N LEU D 19 -0.49 3.53 20.77
CA LEU D 19 0.50 4.37 20.12
C LEU D 19 1.60 4.80 21.09
N THR D 20 1.24 4.99 22.35
CA THR D 20 2.16 5.54 23.34
C THR D 20 2.62 4.54 24.38
N GLU D 21 2.10 3.31 24.31
CA GLU D 21 2.38 2.34 25.36
C GLU D 21 2.28 0.90 24.86
N ARG D 22 3.22 0.07 25.27
CA ARG D 22 3.19 -1.36 24.91
C ARG D 22 2.76 -2.20 26.10
N GLY D 23 1.76 -3.07 25.89
CA GLY D 23 1.31 -3.98 26.92
C GLY D 23 0.49 -3.35 28.04
N VAL D 24 -0.40 -2.42 27.69
CA VAL D 24 -1.30 -1.80 28.65
C VAL D 24 -2.55 -2.66 28.85
N GLU D 25 -2.96 -2.84 30.11
CA GLU D 25 -4.08 -3.72 30.44
C GLU D 25 -5.45 -3.12 30.13
N VAL D 26 -6.29 -3.90 29.46
CA VAL D 26 -7.67 -3.53 29.21
C VAL D 26 -8.58 -4.65 29.74
N VAL D 27 -9.85 -4.32 29.96
CA VAL D 27 -10.80 -5.26 30.56
C VAL D 27 -11.02 -6.47 29.66
N ASN D 28 -11.05 -6.24 28.35
CA ASN D 28 -11.22 -7.30 27.38
C ASN D 28 -10.69 -6.91 26.00
N ALA D 29 -10.28 -7.92 25.24
CA ALA D 29 -9.77 -7.69 23.89
C ALA D 29 -10.08 -8.87 22.98
N THR D 30 -10.03 -8.64 21.67
CA THR D 30 -10.28 -9.70 20.70
C THR D 30 -9.20 -9.74 19.63
N GLU D 31 -8.96 -10.93 19.08
CA GLU D 31 -7.93 -11.13 18.06
C GLU D 31 -8.38 -10.60 16.71
N THR D 32 -7.44 -10.04 15.94
CA THR D 32 -7.74 -9.55 14.60
C THR D 32 -7.01 -10.36 13.54
N VAL D 33 -6.09 -11.21 13.96
CA VAL D 33 -5.31 -12.03 13.03
C VAL D 33 -5.68 -13.51 13.12
N GLU D 34 -6.16 -14.06 12.01
CA GLU D 34 -6.58 -15.46 11.98
C GLU D 34 -5.39 -16.41 11.86
N ARG D 35 -5.35 -17.40 12.75
CA ARG D 35 -4.29 -18.41 12.72
C ARG D 35 -4.87 -19.81 12.54
N THR D 36 -6.19 -19.92 12.69
CA THR D 36 -6.86 -21.22 12.67
C THR D 36 -7.16 -21.69 11.26
N ASN D 37 -6.66 -22.87 10.93
CA ASN D 37 -6.86 -23.45 9.60
C ASN D 37 -7.79 -24.66 9.62
N ILE D 38 -8.61 -24.79 8.60
CA ILE D 38 -9.40 -25.99 8.37
C ILE D 38 -8.72 -26.85 7.32
N PRO D 39 -8.22 -28.03 7.71
CA PRO D 39 -7.41 -28.88 6.84
C PRO D 39 -8.22 -29.65 5.80
N ARG D 40 -9.18 -28.99 5.18
CA ARG D 40 -9.98 -29.59 4.11
C ARG D 40 -10.36 -28.53 3.07
N ILE D 41 -10.78 -28.97 1.90
CA ILE D 41 -11.25 -28.04 0.86
C ILE D 41 -12.77 -27.97 0.89
N CYS D 42 -13.30 -26.82 1.31
CA CYS D 42 -14.73 -26.64 1.49
C CYS D 42 -15.40 -26.25 0.17
N SER D 43 -16.15 -27.18 -0.40
CA SER D 43 -16.63 -27.03 -1.77
C SER D 43 -18.15 -26.90 -1.94
N LYS D 44 -18.87 -26.73 -0.83
CA LYS D 44 -20.33 -26.61 -0.88
C LYS D 44 -20.79 -25.48 -1.81
N GLY D 45 -21.68 -25.81 -2.74
CA GLY D 45 -22.22 -24.83 -3.67
C GLY D 45 -21.32 -24.54 -4.85
N LYS D 46 -20.23 -25.30 -4.96
CA LYS D 46 -19.28 -25.14 -6.05
C LYS D 46 -19.11 -26.45 -6.83
N ARG D 47 -19.24 -26.38 -8.16
CA ARG D 47 -18.96 -27.55 -8.99
C ARG D 47 -17.47 -27.86 -8.91
N THR D 48 -17.13 -28.94 -8.22
CA THR D 48 -15.74 -29.25 -7.90
C THR D 48 -15.18 -30.46 -8.64
N VAL D 49 -13.99 -30.27 -9.23
CA VAL D 49 -13.27 -31.36 -9.89
C VAL D 49 -11.92 -31.62 -9.23
N ASP D 50 -11.72 -32.85 -8.75
CA ASP D 50 -10.45 -33.25 -8.16
C ASP D 50 -9.66 -34.06 -9.18
N LEU D 51 -8.66 -33.43 -9.79
CA LEU D 51 -7.94 -34.03 -10.92
C LEU D 51 -7.12 -35.27 -10.57
N GLY D 52 -6.63 -35.34 -9.33
CA GLY D 52 -5.85 -36.49 -8.90
C GLY D 52 -4.61 -36.76 -9.74
N GLN D 53 -4.59 -37.92 -10.40
CA GLN D 53 -3.45 -38.32 -11.23
C GLN D 53 -3.42 -37.51 -12.52
N CYS D 54 -4.55 -36.93 -12.88
CA CYS D 54 -4.65 -36.11 -14.09
C CYS D 54 -4.06 -34.72 -13.93
N GLY D 55 -3.23 -34.32 -14.89
CA GLY D 55 -2.70 -32.97 -14.92
C GLY D 55 -3.63 -32.05 -15.71
N LEU D 56 -3.67 -30.77 -15.31
CA LEU D 56 -4.56 -29.81 -15.94
C LEU D 56 -4.35 -29.70 -17.46
N LEU D 57 -3.09 -29.73 -17.89
CA LEU D 57 -2.79 -29.64 -19.31
C LEU D 57 -3.13 -30.94 -20.02
N GLY D 58 -3.20 -32.01 -19.26
CA GLY D 58 -3.58 -33.31 -19.77
C GLY D 58 -5.01 -33.37 -20.28
N THR D 59 -5.86 -32.50 -19.72
CA THR D 59 -7.28 -32.49 -20.07
C THR D 59 -7.54 -32.05 -21.50
N ILE D 60 -6.51 -31.45 -22.12
CA ILE D 60 -6.64 -30.95 -23.49
C ILE D 60 -6.21 -32.01 -24.50
N THR D 61 -5.17 -32.77 -24.17
CA THR D 61 -4.61 -33.75 -25.08
C THR D 61 -5.19 -35.14 -24.81
N GLY D 62 -5.37 -35.46 -23.54
CA GLY D 62 -6.04 -36.69 -23.15
C GLY D 62 -5.20 -37.94 -22.96
N PRO D 63 -4.23 -37.91 -22.03
CA PRO D 63 -3.59 -39.17 -21.66
C PRO D 63 -4.56 -40.04 -20.86
N PRO D 64 -4.26 -41.34 -20.66
CA PRO D 64 -5.16 -42.27 -19.99
C PRO D 64 -5.62 -41.80 -18.60
N GLN D 65 -4.77 -41.09 -17.88
CA GLN D 65 -5.09 -40.63 -16.54
C GLN D 65 -6.09 -39.47 -16.52
N CYS D 66 -6.44 -38.96 -17.71
CA CYS D 66 -7.30 -37.79 -17.82
C CYS D 66 -8.58 -38.06 -18.61
N ASP D 67 -8.95 -39.32 -18.75
CA ASP D 67 -10.08 -39.69 -19.61
C ASP D 67 -11.44 -39.19 -19.12
N GLN D 68 -11.65 -39.20 -17.81
CA GLN D 68 -12.93 -38.77 -17.24
C GLN D 68 -13.05 -37.25 -17.15
N PHE D 69 -12.08 -36.52 -17.70
CA PHE D 69 -12.04 -35.08 -17.55
C PHE D 69 -11.95 -34.33 -18.89
N LEU D 70 -12.08 -35.05 -19.99
CA LEU D 70 -11.89 -34.46 -21.33
C LEU D 70 -12.87 -33.33 -21.65
N GLU D 71 -14.00 -33.30 -20.97
CA GLU D 71 -15.00 -32.26 -21.19
C GLU D 71 -15.64 -31.83 -19.87
N PHE D 72 -14.81 -31.66 -18.85
CA PHE D 72 -15.28 -31.38 -17.50
C PHE D 72 -15.93 -30.00 -17.36
N SER D 73 -16.77 -29.85 -16.34
CA SER D 73 -17.36 -28.57 -15.99
C SER D 73 -17.12 -28.32 -14.50
N ALA D 74 -16.69 -27.11 -14.15
CA ALA D 74 -16.35 -26.83 -12.76
C ALA D 74 -16.38 -25.35 -12.39
N ASP D 75 -16.59 -25.10 -11.11
CA ASP D 75 -16.43 -23.76 -10.54
C ASP D 75 -15.09 -23.73 -9.80
N LEU D 76 -14.67 -24.89 -9.32
CA LEU D 76 -13.43 -25.01 -8.56
C LEU D 76 -12.61 -26.22 -9.02
N ILE D 77 -11.38 -25.95 -9.44
CA ILE D 77 -10.48 -26.99 -9.94
C ILE D 77 -9.31 -27.21 -8.98
N ILE D 78 -9.03 -28.47 -8.67
CA ILE D 78 -7.96 -28.79 -7.72
C ILE D 78 -6.84 -29.61 -8.36
N GLU D 79 -5.66 -29.02 -8.43
CA GLU D 79 -4.48 -29.72 -8.92
C GLU D 79 -3.79 -30.49 -7.79
N ARG D 80 -3.23 -31.64 -8.12
CA ARG D 80 -2.50 -32.44 -7.13
C ARG D 80 -1.04 -32.61 -7.55
N ARG D 81 -0.17 -32.85 -6.58
CA ARG D 81 1.26 -32.99 -6.83
C ARG D 81 1.59 -34.20 -7.72
N GLU D 82 0.77 -35.24 -7.64
CA GLU D 82 1.03 -36.46 -8.41
C GLU D 82 0.45 -36.36 -9.83
N GLY D 83 -0.16 -35.23 -10.14
CA GLY D 83 -0.73 -35.01 -11.46
C GLY D 83 0.34 -34.96 -12.53
N SER D 84 0.04 -35.53 -13.69
CA SER D 84 0.96 -35.53 -14.82
C SER D 84 0.23 -35.21 -16.11
N ASP D 85 0.81 -34.32 -16.91
CA ASP D 85 0.17 -33.84 -18.13
C ASP D 85 0.38 -34.79 -19.30
N VAL D 86 1.30 -35.73 -19.15
CA VAL D 86 1.73 -36.56 -20.29
C VAL D 86 1.71 -38.05 -20.01
N CYS D 87 1.70 -38.84 -21.09
CA CYS D 87 1.97 -40.27 -21.00
C CYS D 87 3.25 -40.57 -21.76
N TYR D 88 3.26 -40.24 -23.06
CA TYR D 88 4.49 -40.25 -23.84
C TYR D 88 5.31 -39.03 -23.44
N PRO D 89 6.62 -39.21 -23.21
CA PRO D 89 7.49 -38.15 -22.70
C PRO D 89 7.42 -36.86 -23.51
N GLY D 90 7.36 -35.73 -22.81
CA GLY D 90 7.27 -34.44 -23.45
C GLY D 90 6.84 -33.36 -22.47
N LYS D 91 6.59 -32.16 -23.01
CA LYS D 91 6.24 -31.01 -22.18
C LYS D 91 5.53 -29.96 -23.03
N PHE D 92 4.70 -29.15 -22.40
CA PHE D 92 4.05 -28.04 -23.08
C PHE D 92 4.97 -26.82 -23.10
N VAL D 93 5.07 -26.16 -24.25
CA VAL D 93 5.75 -24.87 -24.33
C VAL D 93 4.76 -23.79 -23.91
N ASN D 94 5.26 -22.79 -23.18
CA ASN D 94 4.40 -21.78 -22.56
C ASN D 94 3.34 -22.46 -21.69
N GLU D 95 3.78 -23.42 -20.89
CA GLU D 95 2.88 -24.26 -20.10
C GLU D 95 2.08 -23.51 -19.03
N GLU D 96 2.73 -22.59 -18.32
CA GLU D 96 2.09 -21.93 -17.19
C GLU D 96 0.99 -20.97 -17.62
N ALA D 97 1.17 -20.33 -18.77
CA ALA D 97 0.17 -19.44 -19.32
C ALA D 97 -1.11 -20.22 -19.62
N LEU D 98 -0.94 -21.43 -20.16
CA LEU D 98 -2.06 -22.29 -20.49
C LEU D 98 -2.79 -22.77 -19.24
N ARG D 99 -2.04 -23.10 -18.20
CA ARG D 99 -2.63 -23.51 -16.93
C ARG D 99 -3.54 -22.44 -16.34
N GLN D 100 -3.08 -21.19 -16.41
CA GLN D 100 -3.84 -20.06 -15.88
C GLN D 100 -5.10 -19.83 -16.70
N ILE D 101 -5.01 -20.02 -18.01
CA ILE D 101 -6.17 -19.94 -18.88
C ILE D 101 -7.19 -21.01 -18.52
N LEU D 102 -6.71 -22.22 -18.21
CA LEU D 102 -7.58 -23.35 -17.92
C LEU D 102 -8.16 -23.31 -16.50
N ARG D 103 -7.41 -22.77 -15.54
CA ARG D 103 -7.88 -22.66 -14.16
C ARG D 103 -9.13 -21.79 -14.06
N GLU D 104 -9.26 -20.82 -14.96
CA GLU D 104 -10.38 -19.90 -14.93
C GLU D 104 -11.35 -20.15 -16.09
N SER D 105 -11.21 -21.31 -16.71
CA SER D 105 -11.99 -21.64 -17.90
C SER D 105 -13.45 -21.98 -17.60
N GLY D 106 -13.69 -22.61 -16.45
CA GLY D 106 -15.02 -23.11 -16.14
C GLY D 106 -15.22 -24.49 -16.75
N GLY D 107 -14.13 -25.05 -17.27
CA GLY D 107 -14.18 -26.32 -17.96
C GLY D 107 -14.04 -26.14 -19.46
N ILE D 108 -14.03 -27.24 -20.19
CA ILE D 108 -13.83 -27.18 -21.64
C ILE D 108 -14.90 -27.92 -22.43
N ASP D 109 -15.16 -27.43 -23.64
CA ASP D 109 -16.09 -28.06 -24.56
C ASP D 109 -15.34 -28.43 -25.83
N LYS D 110 -15.34 -29.72 -26.18
CA LYS D 110 -14.56 -30.19 -27.31
C LYS D 110 -15.44 -30.35 -28.55
N GLU D 111 -14.94 -29.88 -29.69
CA GLU D 111 -15.64 -30.02 -30.96
C GLU D 111 -14.69 -30.58 -32.03
N ALA D 112 -15.20 -31.49 -32.85
CA ALA D 112 -14.40 -32.11 -33.90
C ALA D 112 -13.98 -31.11 -34.98
N MET D 113 -12.74 -31.25 -35.45
CA MET D 113 -12.17 -30.33 -36.43
C MET D 113 -12.37 -30.84 -37.86
N GLY D 114 -12.74 -32.12 -37.98
CA GLY D 114 -13.13 -32.68 -39.27
C GLY D 114 -11.99 -33.00 -40.23
N PHE D 115 -10.84 -33.37 -39.69
CA PHE D 115 -9.71 -33.77 -40.54
C PHE D 115 -9.87 -35.20 -41.01
N THR D 116 -9.78 -35.42 -42.32
CA THR D 116 -9.81 -36.76 -42.87
C THR D 116 -8.50 -37.07 -43.60
N TYR D 117 -8.11 -38.34 -43.57
CA TYR D 117 -6.83 -38.74 -44.17
C TYR D 117 -7.02 -39.96 -45.07
N SER D 118 -6.18 -40.06 -46.10
CA SER D 118 -6.23 -41.19 -47.02
C SER D 118 -4.82 -41.62 -47.40
N GLY D 119 -4.58 -42.93 -47.44
CA GLY D 119 -3.28 -43.44 -47.83
C GLY D 119 -2.32 -43.25 -46.67
N ILE D 120 -2.87 -43.10 -45.47
CA ILE D 120 -2.07 -42.87 -44.29
C ILE D 120 -2.51 -43.73 -43.10
N ARG D 121 -1.57 -44.05 -42.23
CA ARG D 121 -1.88 -44.67 -40.96
C ARG D 121 -2.13 -43.58 -39.92
N THR D 122 -3.22 -43.69 -39.19
CA THR D 122 -3.57 -42.71 -38.18
C THR D 122 -3.57 -43.34 -36.79
N ASN D 123 -3.12 -44.59 -36.72
CA ASN D 123 -3.26 -45.41 -35.52
C ASN D 123 -1.98 -45.59 -34.71
N GLY D 124 -1.01 -44.70 -34.90
CA GLY D 124 0.23 -44.73 -34.15
C GLY D 124 0.02 -44.82 -32.65
N ALA D 125 0.68 -45.78 -32.01
CA ALA D 125 0.49 -46.02 -30.58
C ALA D 125 1.79 -46.33 -29.86
N THR D 126 1.75 -46.29 -28.54
CA THR D 126 2.93 -46.55 -27.72
C THR D 126 2.55 -47.19 -26.38
N SER D 127 3.51 -47.87 -25.76
CA SER D 127 3.27 -48.54 -24.49
C SER D 127 3.25 -47.56 -23.32
N ALA D 128 3.66 -46.32 -23.57
CA ALA D 128 3.64 -45.30 -22.54
C ALA D 128 2.20 -44.88 -22.22
N CYS D 129 1.37 -44.77 -23.25
CA CYS D 129 -0.03 -44.44 -23.07
C CYS D 129 -0.83 -45.73 -23.15
N ARG D 130 -0.79 -46.50 -22.08
CA ARG D 130 -1.38 -47.84 -22.05
C ARG D 130 -2.84 -47.89 -21.64
N ARG D 131 -3.70 -48.30 -22.57
CA ARG D 131 -5.12 -48.50 -22.31
C ARG D 131 -5.51 -49.91 -22.73
N SER D 132 -5.21 -50.87 -21.87
CA SER D 132 -5.38 -52.30 -22.17
C SER D 132 -4.55 -52.64 -23.40
N GLY D 133 -3.39 -52.03 -23.49
CA GLY D 133 -2.50 -52.19 -24.63
C GLY D 133 -1.98 -50.85 -25.11
N SER D 134 -1.25 -50.86 -26.22
CA SER D 134 -0.74 -49.62 -26.79
C SER D 134 -1.84 -48.70 -27.31
N SER D 135 -1.80 -47.44 -26.90
CA SER D 135 -2.79 -46.44 -27.31
C SER D 135 -2.10 -45.10 -27.50
N PHE D 136 -2.88 -44.03 -27.55
CA PHE D 136 -2.33 -42.69 -27.69
C PHE D 136 -3.21 -41.65 -27.01
N TYR D 137 -2.86 -40.39 -27.16
CA TYR D 137 -3.66 -39.29 -26.64
C TYR D 137 -5.05 -39.28 -27.28
N ALA D 138 -6.08 -39.18 -26.45
CA ALA D 138 -7.46 -39.29 -26.91
C ALA D 138 -7.85 -38.20 -27.90
N GLU D 139 -7.18 -37.05 -27.82
CA GLU D 139 -7.56 -35.92 -28.66
C GLU D 139 -6.57 -35.70 -29.80
N MET D 140 -5.55 -36.55 -29.87
CA MET D 140 -4.51 -36.41 -30.88
C MET D 140 -4.45 -37.62 -31.80
N LYS D 141 -3.76 -37.48 -32.93
CA LYS D 141 -3.55 -38.59 -33.84
C LYS D 141 -2.09 -38.69 -34.27
N TRP D 142 -1.51 -39.88 -34.11
CA TRP D 142 -0.12 -40.12 -34.52
C TRP D 142 -0.11 -40.65 -35.95
N LEU D 143 0.27 -39.78 -36.89
CA LEU D 143 0.20 -40.10 -38.31
C LEU D 143 1.46 -40.81 -38.81
N LEU D 144 1.27 -41.91 -39.54
CA LEU D 144 2.39 -42.71 -40.02
C LEU D 144 2.23 -43.04 -41.51
N SER D 145 3.32 -43.52 -42.12
CA SER D 145 3.25 -44.04 -43.48
C SER D 145 2.57 -45.40 -43.45
N ASN D 146 1.99 -45.81 -44.58
CA ASN D 146 1.29 -47.09 -44.67
C ASN D 146 2.17 -48.28 -44.30
N THR D 147 3.39 -48.32 -44.86
CA THR D 147 4.33 -49.38 -44.54
C THR D 147 5.65 -48.77 -44.10
N ASP D 148 6.47 -49.59 -43.44
CA ASP D 148 7.76 -49.14 -42.91
C ASP D 148 8.68 -48.55 -43.98
N ASN D 149 9.29 -47.42 -43.64
CA ASN D 149 10.27 -46.72 -44.48
C ASN D 149 9.67 -46.14 -45.75
N ALA D 150 8.37 -46.26 -45.89
CA ALA D 150 7.66 -45.68 -47.03
C ALA D 150 7.55 -44.17 -46.87
N ALA D 151 7.55 -43.48 -48.01
CA ALA D 151 7.45 -42.03 -48.00
C ALA D 151 6.08 -41.59 -47.51
N PHE D 152 6.07 -40.59 -46.65
CA PHE D 152 4.86 -39.98 -46.13
C PHE D 152 4.49 -38.83 -47.04
N PRO D 153 3.21 -38.79 -47.46
CA PRO D 153 2.70 -37.77 -48.39
C PRO D 153 2.80 -36.35 -47.85
N GLN D 154 2.78 -35.37 -48.75
CA GLN D 154 2.80 -33.99 -48.35
C GLN D 154 1.37 -33.61 -48.05
N MET D 155 1.09 -33.07 -46.86
CA MET D 155 -0.30 -32.77 -46.56
C MET D 155 -0.57 -31.35 -46.07
N THR D 156 -1.81 -30.91 -46.30
CA THR D 156 -2.29 -29.61 -45.87
C THR D 156 -3.72 -29.71 -45.35
N LYS D 157 -3.89 -29.34 -44.08
CA LYS D 157 -5.20 -29.34 -43.45
C LYS D 157 -5.52 -27.98 -42.88
N SER D 158 -6.77 -27.56 -43.06
CA SER D 158 -7.20 -26.27 -42.57
C SER D 158 -8.47 -26.42 -41.73
N TYR D 159 -8.60 -25.55 -40.73
CA TYR D 159 -9.77 -25.54 -39.87
C TYR D 159 -10.23 -24.12 -39.57
N LYS D 160 -11.51 -23.87 -39.77
CA LYS D 160 -12.07 -22.55 -39.52
C LYS D 160 -12.91 -22.54 -38.25
N ASN D 161 -12.63 -21.58 -37.37
CA ASN D 161 -13.39 -21.43 -36.14
C ASN D 161 -14.69 -20.68 -36.38
N THR D 162 -15.81 -21.42 -36.37
CA THR D 162 -17.11 -20.84 -36.68
C THR D 162 -17.94 -20.59 -35.42
N ARG D 163 -17.31 -20.72 -34.26
CA ARG D 163 -17.99 -20.42 -33.00
C ARG D 163 -17.69 -18.98 -32.60
N LYS D 164 -18.33 -18.49 -31.55
CA LYS D 164 -18.18 -17.08 -31.19
C LYS D 164 -17.00 -16.80 -30.25
N SER D 165 -16.58 -17.82 -29.51
CA SER D 165 -15.45 -17.67 -28.59
C SER D 165 -14.20 -18.29 -29.20
N PRO D 166 -13.01 -17.84 -28.76
CA PRO D 166 -11.77 -18.37 -29.33
C PRO D 166 -11.60 -19.86 -29.07
N ALA D 167 -10.93 -20.54 -30.00
CA ALA D 167 -10.75 -21.98 -29.90
C ALA D 167 -9.32 -22.32 -29.52
N LEU D 168 -9.18 -23.16 -28.50
CA LEU D 168 -7.86 -23.62 -28.08
C LEU D 168 -7.42 -24.77 -28.99
N ILE D 169 -6.31 -24.57 -29.69
CA ILE D 169 -5.79 -25.55 -30.64
C ILE D 169 -4.42 -26.05 -30.20
N VAL D 170 -4.26 -27.36 -30.14
CA VAL D 170 -3.00 -27.96 -29.70
C VAL D 170 -2.50 -28.98 -30.73
N TRP D 171 -1.20 -28.94 -31.04
CA TRP D 171 -0.61 -29.94 -31.91
C TRP D 171 0.74 -30.41 -31.36
N GLY D 172 1.27 -31.48 -31.92
CA GLY D 172 2.52 -32.04 -31.44
C GLY D 172 3.55 -32.28 -32.52
N ILE D 173 4.82 -32.14 -32.14
CA ILE D 173 5.94 -32.47 -33.01
C ILE D 173 6.74 -33.62 -32.41
N HIS D 174 6.92 -34.69 -33.18
CA HIS D 174 7.62 -35.86 -32.68
C HIS D 174 9.12 -35.80 -32.89
N HIS D 175 9.87 -35.97 -31.81
CA HIS D 175 11.32 -36.04 -31.88
C HIS D 175 11.74 -37.49 -31.71
N SER D 176 12.10 -38.15 -32.80
CA SER D 176 12.47 -39.56 -32.72
C SER D 176 13.85 -39.70 -32.07
N VAL D 177 14.12 -40.88 -31.53
CA VAL D 177 15.40 -41.12 -30.86
C VAL D 177 16.56 -41.17 -31.87
N SER D 178 16.26 -41.65 -33.08
CA SER D 178 17.27 -41.77 -34.12
C SER D 178 16.71 -41.50 -35.50
N THR D 179 17.59 -41.26 -36.46
CA THR D 179 17.21 -41.08 -37.86
C THR D 179 16.53 -42.31 -38.43
N ALA D 180 16.97 -43.49 -37.99
CA ALA D 180 16.41 -44.75 -38.48
C ALA D 180 14.92 -44.90 -38.18
N GLU D 181 14.51 -44.61 -36.96
CA GLU D 181 13.10 -44.70 -36.58
C GLU D 181 12.24 -43.65 -37.30
N GLN D 182 12.78 -42.44 -37.44
CA GLN D 182 12.07 -41.38 -38.15
C GLN D 182 11.79 -41.82 -39.58
N THR D 183 12.78 -42.47 -40.19
CA THR D 183 12.63 -43.04 -41.52
C THR D 183 11.59 -44.16 -41.53
N LYS D 184 11.61 -44.98 -40.49
CA LYS D 184 10.67 -46.10 -40.38
C LYS D 184 9.22 -45.61 -40.33
N LEU D 185 8.97 -44.51 -39.63
CA LEU D 185 7.62 -43.99 -39.47
C LEU D 185 7.17 -43.10 -40.64
N TYR D 186 8.07 -42.29 -41.17
CA TYR D 186 7.68 -41.25 -42.10
C TYR D 186 8.44 -41.26 -43.42
N GLY D 187 9.34 -42.22 -43.61
CA GLY D 187 10.17 -42.27 -44.81
C GLY D 187 11.40 -41.38 -44.69
N SER D 188 12.30 -41.52 -45.66
CA SER D 188 13.56 -40.77 -45.64
C SER D 188 13.36 -39.34 -46.14
N GLY D 189 14.39 -38.52 -46.00
CA GLY D 189 14.33 -37.14 -46.48
C GLY D 189 14.03 -36.17 -45.36
N ASN D 190 14.23 -34.88 -45.63
CA ASN D 190 13.97 -33.85 -44.65
C ASN D 190 12.48 -33.75 -44.31
N LYS D 191 12.18 -33.62 -43.02
CA LYS D 191 10.80 -33.52 -42.56
C LYS D 191 10.50 -32.12 -42.03
N LEU D 192 9.44 -31.51 -42.55
CA LEU D 192 9.07 -30.16 -42.18
C LEU D 192 7.60 -30.04 -41.82
N VAL D 193 7.32 -29.33 -40.74
CA VAL D 193 5.96 -29.04 -40.32
C VAL D 193 5.77 -27.53 -40.20
N THR D 194 4.78 -27.01 -40.92
CA THR D 194 4.45 -25.58 -40.84
C THR D 194 3.05 -25.35 -40.30
N VAL D 195 2.92 -24.43 -39.35
CA VAL D 195 1.63 -24.09 -38.79
C VAL D 195 1.33 -22.62 -39.04
N GLY D 196 0.20 -22.35 -39.67
CA GLY D 196 -0.13 -20.99 -40.07
C GLY D 196 -1.56 -20.58 -39.76
N SER D 197 -1.71 -19.35 -39.30
CA SER D 197 -3.01 -18.74 -39.04
C SER D 197 -2.98 -17.29 -39.53
N SER D 198 -3.99 -16.50 -39.15
CA SER D 198 -3.99 -15.09 -39.54
C SER D 198 -2.93 -14.32 -38.76
N ASN D 199 -2.74 -14.70 -37.51
CA ASN D 199 -1.77 -14.01 -36.67
C ASN D 199 -0.61 -14.87 -36.19
N TYR D 200 -0.48 -16.07 -36.74
CA TYR D 200 0.57 -16.99 -36.30
C TYR D 200 1.20 -17.75 -37.47
N GLN D 201 2.52 -17.83 -37.50
CA GLN D 201 3.22 -18.58 -38.53
C GLN D 201 4.55 -19.11 -37.98
N GLN D 202 4.69 -20.43 -37.94
CA GLN D 202 5.91 -21.04 -37.43
C GLN D 202 6.19 -22.42 -38.04
N SER D 203 7.46 -22.80 -38.01
CA SER D 203 7.87 -24.09 -38.55
C SER D 203 8.57 -24.94 -37.49
N PHE D 204 8.46 -26.25 -37.64
CA PHE D 204 9.05 -27.17 -36.68
C PHE D 204 9.72 -28.31 -37.44
N VAL D 205 10.92 -28.69 -37.00
CA VAL D 205 11.61 -29.83 -37.58
C VAL D 205 11.97 -30.84 -36.50
N PRO D 206 11.69 -32.12 -36.74
CA PRO D 206 12.07 -33.11 -35.74
C PRO D 206 13.58 -33.20 -35.64
N SER D 207 14.08 -33.36 -34.42
CA SER D 207 15.51 -33.47 -34.20
C SER D 207 15.89 -34.81 -33.62
N PRO D 208 16.16 -35.79 -34.49
CA PRO D 208 16.56 -37.11 -34.00
C PRO D 208 17.86 -37.01 -33.19
N GLY D 209 17.87 -37.62 -32.02
CA GLY D 209 19.03 -37.56 -31.15
C GLY D 209 18.78 -38.30 -29.86
N ALA D 210 19.86 -38.62 -29.14
CA ALA D 210 19.75 -39.37 -27.90
C ALA D 210 19.40 -38.50 -26.71
N ARG D 211 18.40 -38.93 -25.95
CA ARG D 211 18.02 -38.28 -24.70
C ARG D 211 18.04 -39.33 -23.60
N PRO D 212 18.13 -38.91 -22.34
CA PRO D 212 18.02 -39.90 -21.26
C PRO D 212 16.68 -40.61 -21.33
N GLN D 213 16.64 -41.90 -21.03
CA GLN D 213 15.38 -42.63 -21.16
C GLN D 213 14.39 -42.27 -20.06
N VAL D 214 13.21 -41.86 -20.48
CA VAL D 214 12.07 -41.63 -19.60
C VAL D 214 10.98 -42.60 -20.02
N ASN D 215 10.57 -43.45 -19.08
CA ASN D 215 9.64 -44.56 -19.34
C ASN D 215 10.20 -45.53 -20.37
N GLY D 216 11.53 -45.61 -20.43
CA GLY D 216 12.19 -46.51 -21.36
C GLY D 216 12.24 -45.93 -22.75
N LEU D 217 11.72 -44.73 -22.90
CA LEU D 217 11.65 -44.05 -24.19
C LEU D 217 12.51 -42.81 -24.21
N SER D 218 13.29 -42.64 -25.27
CA SER D 218 14.17 -41.48 -25.41
C SER D 218 13.57 -40.46 -26.37
N GLY D 219 12.44 -40.79 -26.97
CA GLY D 219 11.77 -39.85 -27.86
C GLY D 219 11.03 -38.80 -27.07
N ARG D 220 10.67 -37.71 -27.73
CA ARG D 220 9.94 -36.62 -27.10
C ARG D 220 8.84 -36.09 -28.01
N ILE D 221 7.76 -35.64 -27.40
CA ILE D 221 6.71 -34.95 -28.14
C ILE D 221 6.61 -33.52 -27.62
N ASP D 222 6.67 -32.57 -28.54
CA ASP D 222 6.55 -31.17 -28.18
C ASP D 222 5.13 -30.70 -28.46
N PHE D 223 4.42 -30.30 -27.41
CA PHE D 223 3.07 -29.80 -27.60
C PHE D 223 3.12 -28.28 -27.71
N HIS D 224 2.45 -27.77 -28.74
CA HIS D 224 2.38 -26.34 -28.98
C HIS D 224 0.92 -25.96 -29.08
N TRP D 225 0.60 -24.70 -28.82
CA TRP D 225 -0.79 -24.29 -28.86
C TRP D 225 -0.99 -22.84 -29.28
N LEU D 226 -2.17 -22.54 -29.80
CA LEU D 226 -2.55 -21.17 -30.12
C LEU D 226 -4.02 -20.96 -29.84
N MET D 227 -4.43 -19.70 -29.75
CA MET D 227 -5.84 -19.35 -29.65
C MET D 227 -6.34 -18.87 -31.01
N LEU D 228 -7.29 -19.61 -31.56
CA LEU D 228 -7.83 -19.26 -32.88
C LEU D 228 -9.06 -18.40 -32.70
N ASN D 229 -8.97 -17.14 -33.10
CA ASN D 229 -10.08 -16.21 -33.03
C ASN D 229 -11.23 -16.66 -33.90
N PRO D 230 -12.47 -16.26 -33.57
CA PRO D 230 -13.63 -16.58 -34.41
C PRO D 230 -13.42 -16.13 -35.86
N ASN D 231 -13.83 -16.99 -36.80
CA ASN D 231 -13.71 -16.74 -38.23
C ASN D 231 -12.28 -16.76 -38.74
N ASP D 232 -11.37 -17.29 -37.94
CA ASP D 232 -10.00 -17.43 -38.38
C ASP D 232 -9.68 -18.89 -38.73
N THR D 233 -8.64 -19.08 -39.52
CA THR D 233 -8.27 -20.39 -40.01
C THR D 233 -6.85 -20.75 -39.59
N VAL D 234 -6.64 -22.01 -39.21
CA VAL D 234 -5.30 -22.52 -38.98
C VAL D 234 -4.92 -23.52 -40.09
N THR D 235 -3.71 -23.39 -40.63
CA THR D 235 -3.28 -24.28 -41.70
C THR D 235 -2.08 -25.13 -41.29
N PHE D 236 -2.20 -26.44 -41.46
CA PHE D 236 -1.13 -27.36 -41.10
C PHE D 236 -0.50 -27.98 -42.35
N SER D 237 0.80 -27.74 -42.55
CA SER D 237 1.52 -28.38 -43.64
C SER D 237 2.64 -29.27 -43.12
N PHE D 238 2.64 -30.54 -43.53
CA PHE D 238 3.58 -31.51 -43.00
C PHE D 238 3.79 -32.72 -43.92
N ASN D 239 5.00 -33.27 -43.88
CA ASN D 239 5.30 -34.49 -44.62
C ASN D 239 5.74 -35.59 -43.66
N GLY D 240 5.51 -35.36 -42.37
CA GLY D 240 5.84 -36.33 -41.34
C GLY D 240 6.12 -35.72 -39.99
N ALA D 241 6.30 -36.58 -38.99
CA ALA D 241 6.65 -36.19 -37.62
C ALA D 241 5.64 -35.20 -37.01
N PHE D 242 4.37 -35.35 -37.37
CA PHE D 242 3.35 -34.42 -36.92
C PHE D 242 2.27 -35.12 -36.10
N ILE D 243 2.01 -34.60 -34.90
CA ILE D 243 0.92 -35.10 -34.08
C ILE D 243 -0.27 -34.16 -34.23
N ALA D 244 -1.28 -34.61 -34.97
CA ALA D 244 -2.39 -33.74 -35.36
C ALA D 244 -3.50 -33.72 -34.32
N PRO D 245 -4.10 -32.54 -34.10
CA PRO D 245 -5.28 -32.44 -33.25
C PRO D 245 -6.50 -33.06 -33.91
N ASP D 246 -7.36 -33.70 -33.11
CA ASP D 246 -8.59 -34.26 -33.64
C ASP D 246 -9.76 -33.37 -33.25
N ARG D 247 -9.66 -32.75 -32.07
CA ARG D 247 -10.72 -31.88 -31.57
C ARG D 247 -10.14 -30.59 -31.03
N ALA D 248 -10.89 -29.50 -31.17
CA ALA D 248 -10.51 -28.22 -30.60
C ALA D 248 -11.24 -28.02 -29.28
N SER D 249 -10.75 -27.09 -28.46
CA SER D 249 -11.35 -26.87 -27.14
C SER D 249 -11.95 -25.47 -27.03
N PHE D 250 -13.00 -25.36 -26.24
CA PHE D 250 -13.66 -24.08 -26.00
C PHE D 250 -13.92 -23.91 -24.51
N LEU D 251 -13.69 -22.69 -24.01
CA LEU D 251 -13.85 -22.41 -22.59
C LEU D 251 -15.33 -22.22 -22.27
N ARG D 252 -15.80 -22.88 -21.21
CA ARG D 252 -17.22 -22.88 -20.86
C ARG D 252 -17.69 -21.59 -20.20
N GLY D 253 -16.97 -21.12 -19.20
CA GLY D 253 -17.38 -19.93 -18.48
C GLY D 253 -16.36 -19.39 -17.48
N LYS D 254 -16.71 -19.47 -16.20
CA LYS D 254 -15.86 -18.90 -15.15
C LYS D 254 -15.58 -19.91 -14.03
N SER D 255 -14.33 -19.95 -13.58
CA SER D 255 -13.94 -20.81 -12.47
C SER D 255 -12.65 -20.31 -11.81
N MET D 256 -12.30 -20.91 -10.67
CA MET D 256 -11.01 -20.65 -10.04
C MET D 256 -10.30 -21.99 -9.79
N GLY D 257 -8.97 -21.97 -9.92
CA GLY D 257 -8.18 -23.17 -9.72
C GLY D 257 -7.24 -23.08 -8.53
N ILE D 258 -7.09 -24.18 -7.81
CA ILE D 258 -6.17 -24.23 -6.67
C ILE D 258 -5.26 -25.45 -6.70
N GLN D 259 -4.19 -25.39 -5.91
CA GLN D 259 -3.30 -26.53 -5.70
C GLN D 259 -3.33 -26.90 -4.23
N SER D 260 -3.59 -28.17 -3.93
CA SER D 260 -3.77 -28.59 -2.54
C SER D 260 -3.29 -30.01 -2.29
N GLY D 261 -2.96 -30.29 -1.04
CA GLY D 261 -2.56 -31.63 -0.65
C GLY D 261 -3.46 -32.27 0.40
N VAL D 262 -4.67 -31.73 0.55
CA VAL D 262 -5.62 -32.26 1.53
C VAL D 262 -6.94 -32.62 0.86
N GLN D 263 -7.77 -33.39 1.54
CA GLN D 263 -9.00 -33.92 0.96
C GLN D 263 -10.09 -32.87 0.78
N VAL D 264 -11.02 -33.17 -0.12
CA VAL D 264 -12.17 -32.32 -0.41
C VAL D 264 -13.28 -32.54 0.63
N ASP D 265 -14.01 -31.49 0.95
CA ASP D 265 -15.11 -31.56 1.91
C ASP D 265 -16.36 -30.85 1.37
N ALA D 266 -17.39 -31.63 1.08
CA ALA D 266 -18.64 -31.11 0.55
C ALA D 266 -19.57 -30.54 1.62
N ASN D 267 -19.22 -30.73 2.89
CA ASN D 267 -20.09 -30.31 3.99
C ASN D 267 -19.89 -28.86 4.43
N CYS D 268 -18.66 -28.37 4.36
CA CYS D 268 -18.38 -26.97 4.69
C CYS D 268 -18.35 -26.08 3.45
N GLU D 269 -18.68 -24.81 3.64
CA GLU D 269 -18.65 -23.83 2.56
C GLU D 269 -17.57 -22.79 2.83
N GLY D 270 -16.77 -22.47 1.81
CA GLY D 270 -15.70 -21.51 1.96
C GLY D 270 -15.40 -20.75 0.69
N ASP D 271 -14.52 -19.74 0.80
CA ASP D 271 -14.18 -18.91 -0.35
C ASP D 271 -12.69 -18.59 -0.39
N CYS D 272 -11.97 -18.97 0.66
CA CYS D 272 -10.53 -18.70 0.74
C CYS D 272 -9.75 -20.00 0.90
N TYR D 273 -8.89 -20.30 -0.07
CA TYR D 273 -8.17 -21.56 -0.09
C TYR D 273 -6.65 -21.40 -0.13
N HIS D 274 -5.95 -22.39 0.40
CA HIS D 274 -4.51 -22.52 0.23
C HIS D 274 -4.19 -24.01 0.16
N SER D 275 -2.92 -24.35 0.03
CA SER D 275 -2.51 -25.74 -0.16
C SER D 275 -2.86 -26.58 1.07
N GLY D 276 -2.96 -25.94 2.23
CA GLY D 276 -3.23 -26.64 3.47
C GLY D 276 -4.69 -26.74 3.86
N GLY D 277 -5.57 -26.04 3.14
CA GLY D 277 -6.99 -26.12 3.42
C GLY D 277 -7.80 -24.87 3.14
N THR D 278 -8.81 -24.64 3.97
CA THR D 278 -9.74 -23.51 3.78
C THR D 278 -9.73 -22.57 4.98
N ILE D 279 -9.69 -21.27 4.71
CA ILE D 279 -9.75 -20.25 5.76
C ILE D 279 -11.16 -19.67 5.91
N ILE D 280 -11.85 -20.02 7.00
CA ILE D 280 -13.16 -19.47 7.29
C ILE D 280 -13.09 -18.52 8.47
N SER D 281 -13.21 -17.22 8.21
CA SER D 281 -12.99 -16.22 9.25
C SER D 281 -13.63 -14.87 8.94
N ASN D 282 -14.02 -14.16 10.00
CA ASN D 282 -14.54 -12.81 9.89
C ASN D 282 -13.44 -11.77 10.14
N LEU D 283 -12.30 -12.25 10.63
CA LEU D 283 -11.18 -11.37 10.96
C LEU D 283 -10.62 -10.75 9.68
N PRO D 284 -10.14 -9.50 9.78
CA PRO D 284 -9.64 -8.80 8.59
C PRO D 284 -8.28 -9.30 8.12
N PHE D 285 -7.53 -9.96 9.01
CA PHE D 285 -6.18 -10.41 8.66
C PHE D 285 -5.96 -11.89 8.97
N GLN D 286 -4.96 -12.48 8.33
CA GLN D 286 -4.60 -13.87 8.59
C GLN D 286 -3.08 -14.06 8.52
N ASN D 287 -2.58 -15.05 9.25
CA ASN D 287 -1.15 -15.34 9.30
C ASN D 287 -0.89 -16.81 8.92
N ILE D 288 -1.73 -17.34 8.04
CA ILE D 288 -1.64 -18.76 7.67
C ILE D 288 -0.80 -18.99 6.41
N ASP D 289 -1.22 -18.38 5.30
CA ASP D 289 -0.53 -18.56 4.03
C ASP D 289 -0.63 -17.30 3.18
N SER D 290 0.53 -16.76 2.80
CA SER D 290 0.59 -15.54 2.01
C SER D 290 0.11 -15.74 0.56
N ARG D 291 -0.01 -16.99 0.14
CA ARG D 291 -0.40 -17.29 -1.24
C ARG D 291 -1.83 -17.82 -1.33
N ALA D 292 -2.60 -17.64 -0.26
CA ALA D 292 -4.02 -17.99 -0.26
C ALA D 292 -4.78 -17.30 -1.39
N VAL D 293 -5.73 -18.01 -1.99
CA VAL D 293 -6.48 -17.48 -3.12
C VAL D 293 -7.98 -17.53 -2.88
N GLY D 294 -8.71 -16.71 -3.63
CA GLY D 294 -10.14 -16.59 -3.46
C GLY D 294 -10.50 -15.23 -2.89
N LYS D 295 -11.48 -15.20 -2.00
CA LYS D 295 -11.80 -13.98 -1.28
C LYS D 295 -11.32 -14.13 0.16
N CYS D 296 -10.17 -13.54 0.45
CA CYS D 296 -9.43 -13.85 1.66
C CYS D 296 -9.18 -12.63 2.54
N PRO D 297 -8.96 -12.87 3.83
CA PRO D 297 -8.37 -11.81 4.65
C PRO D 297 -6.94 -11.54 4.17
N ARG D 298 -6.42 -10.36 4.47
CA ARG D 298 -5.07 -9.99 4.05
C ARG D 298 -4.01 -10.67 4.90
N TYR D 299 -2.95 -11.14 4.26
CA TYR D 299 -1.84 -11.76 4.98
C TYR D 299 -0.97 -10.71 5.68
N VAL D 300 -0.61 -10.99 6.93
CA VAL D 300 0.28 -10.12 7.69
C VAL D 300 1.38 -10.95 8.35
N LYS D 301 2.49 -10.29 8.70
CA LYS D 301 3.63 -10.97 9.32
C LYS D 301 3.35 -11.35 10.77
N GLN D 302 2.56 -10.52 11.46
CA GLN D 302 2.33 -10.74 12.87
C GLN D 302 1.37 -11.88 13.06
N ARG D 303 1.64 -12.73 14.05
CA ARG D 303 0.76 -13.84 14.36
C ARG D 303 -0.46 -13.35 15.16
N SER D 304 -0.27 -12.35 16.01
CA SER D 304 -1.33 -11.86 16.88
C SER D 304 -1.38 -10.33 16.97
N LEU D 305 -2.59 -9.78 16.82
CA LEU D 305 -2.83 -8.35 17.04
C LEU D 305 -4.15 -8.13 17.80
N LEU D 306 -4.05 -7.88 19.09
CA LEU D 306 -5.22 -7.79 19.95
C LEU D 306 -5.88 -6.42 19.92
N LEU D 307 -7.19 -6.41 19.65
CA LEU D 307 -7.96 -5.18 19.60
C LEU D 307 -8.78 -5.01 20.88
N ALA D 308 -8.60 -3.88 21.57
CA ALA D 308 -9.31 -3.62 22.81
C ALA D 308 -10.81 -3.51 22.56
N THR D 309 -11.58 -4.21 23.38
CA THR D 309 -13.04 -4.18 23.29
C THR D 309 -13.61 -3.74 24.63
N GLY D 310 -12.74 -3.18 25.47
CA GLY D 310 -13.13 -2.69 26.78
C GLY D 310 -12.23 -1.57 27.23
N MET D 311 -12.60 -0.92 28.32
CA MET D 311 -11.83 0.21 28.84
C MET D 311 -10.51 -0.23 29.47
N LYS D 312 -9.67 0.74 29.81
CA LYS D 312 -8.42 0.45 30.50
C LYS D 312 -8.71 -0.19 31.84
N ASN D 313 -7.96 -1.24 32.17
CA ASN D 313 -8.17 -1.95 33.43
C ASN D 313 -7.37 -1.35 34.58
N VAL D 314 -8.09 -0.82 35.57
CA VAL D 314 -7.46 -0.28 36.76
C VAL D 314 -7.94 -1.10 37.96
N PRO D 315 -7.06 -1.98 38.48
CA PRO D 315 -7.43 -2.86 39.59
C PRO D 315 -7.89 -2.12 40.83
N GLU D 316 -8.76 -2.74 41.62
CA GLU D 316 -9.21 -2.13 42.86
C GLU D 316 -8.21 -2.46 43.95
N ILE D 317 -7.83 -1.47 44.74
CA ILE D 317 -6.85 -1.64 45.81
C ILE D 317 -7.36 -0.96 47.08
N PRO D 318 -7.36 -1.69 48.20
CA PRO D 318 -7.85 -1.20 49.49
C PRO D 318 -7.19 0.11 49.93
N ALA E 5 -15.29 2.69 53.95
CA ALA E 5 -15.02 3.87 53.13
C ALA E 5 -15.08 3.54 51.65
N ILE E 6 -15.55 4.50 50.85
CA ILE E 6 -15.66 4.32 49.41
C ILE E 6 -14.84 5.33 48.62
N ALA E 7 -14.40 4.93 47.44
CA ALA E 7 -13.58 5.80 46.60
C ALA E 7 -14.05 5.71 45.14
N GLY E 8 -13.89 6.81 44.42
CA GLY E 8 -14.35 6.89 43.04
C GLY E 8 -13.34 6.45 41.99
N PHE E 9 -13.61 6.84 40.76
CA PHE E 9 -12.84 6.41 39.59
C PHE E 9 -11.42 6.99 39.54
N ILE E 10 -11.22 8.16 40.16
CA ILE E 10 -9.92 8.82 40.15
C ILE E 10 -8.84 7.92 40.75
N GLU E 11 -9.15 7.32 41.88
CA GLU E 11 -8.22 6.41 42.55
C GLU E 11 -8.12 5.01 41.94
N ASN E 12 -9.25 4.42 41.56
CA ASN E 12 -9.26 3.02 41.14
C ASN E 12 -10.57 2.62 40.45
N GLY E 13 -10.54 1.45 39.81
CA GLY E 13 -11.74 0.88 39.24
C GLY E 13 -12.41 -0.07 40.23
N TRP E 14 -13.64 -0.46 39.94
CA TRP E 14 -14.41 -1.34 40.82
C TRP E 14 -14.55 -2.75 40.28
N GLU E 15 -13.90 -3.71 40.93
CA GLU E 15 -13.95 -5.11 40.48
C GLU E 15 -15.26 -5.79 40.87
N GLY E 16 -16.10 -5.08 41.62
CA GLY E 16 -17.35 -5.64 42.10
C GLY E 16 -18.58 -5.12 41.39
N LEU E 17 -18.39 -4.10 40.56
CA LEU E 17 -19.48 -3.53 39.77
C LEU E 17 -19.92 -4.44 38.62
N ILE E 18 -21.18 -4.88 38.69
CA ILE E 18 -21.73 -5.79 37.68
C ILE E 18 -22.97 -5.17 37.04
N ASP E 19 -23.40 -5.76 35.93
CA ASP E 19 -24.52 -5.26 35.13
C ASP E 19 -24.30 -3.84 34.63
N GLY E 20 -23.05 -3.52 34.31
CA GLY E 20 -22.72 -2.23 33.73
C GLY E 20 -21.24 -1.92 33.69
N TRP E 21 -20.87 -0.92 32.90
CA TRP E 21 -19.48 -0.49 32.78
C TRP E 21 -19.16 0.66 33.73
N TYR E 22 -20.17 1.49 33.99
CA TYR E 22 -20.05 2.63 34.88
C TYR E 22 -21.16 2.55 35.91
N GLY E 23 -21.00 3.27 37.02
CA GLY E 23 -22.01 3.20 38.06
C GLY E 23 -21.90 4.18 39.22
N PHE E 24 -22.83 4.05 40.16
CA PHE E 24 -22.86 4.86 41.36
C PHE E 24 -22.58 3.99 42.58
N ARG E 25 -21.89 4.57 43.56
CA ARG E 25 -21.72 3.92 44.85
C ARG E 25 -21.96 4.98 45.92
N HIS E 26 -22.87 4.70 46.84
CA HIS E 26 -23.28 5.71 47.81
C HIS E 26 -23.08 5.27 49.25
N GLN E 27 -23.08 6.25 50.14
CA GLN E 27 -22.85 6.03 51.57
C GLN E 27 -23.78 6.92 52.38
N ASN E 28 -24.65 6.30 53.18
CA ASN E 28 -25.54 7.06 54.04
C ASN E 28 -25.89 6.29 55.31
N ALA E 29 -26.84 6.81 56.07
CA ALA E 29 -27.22 6.22 57.36
C ALA E 29 -27.79 4.82 57.19
N GLN E 30 -28.51 4.62 56.09
CA GLN E 30 -29.13 3.34 55.80
C GLN E 30 -28.10 2.25 55.43
N GLY E 31 -26.97 2.67 54.86
CA GLY E 31 -25.90 1.74 54.53
C GLY E 31 -25.18 2.07 53.24
N GLU E 32 -24.47 1.09 52.70
CA GLU E 32 -23.74 1.26 51.45
C GLU E 32 -24.43 0.53 50.29
N GLY E 33 -24.36 1.11 49.10
CA GLY E 33 -24.95 0.49 47.92
C GLY E 33 -24.25 0.86 46.62
N THR E 34 -24.35 -0.01 45.62
CA THR E 34 -23.75 0.23 44.31
C THR E 34 -24.73 -0.09 43.19
N ALA E 35 -24.82 0.79 42.20
CA ALA E 35 -25.73 0.61 41.08
C ALA E 35 -25.10 1.08 39.76
N ALA E 36 -25.34 0.33 38.69
CA ALA E 36 -24.79 0.66 37.39
C ALA E 36 -25.57 1.78 36.69
N ASP E 37 -24.87 2.55 35.88
CA ASP E 37 -25.50 3.59 35.06
C ASP E 37 -25.59 3.14 33.60
N TYR E 38 -26.82 3.02 33.11
CA TYR E 38 -27.07 2.43 31.80
C TYR E 38 -26.71 3.34 30.63
N LYS E 39 -27.04 4.62 30.76
CA LYS E 39 -26.81 5.60 29.70
C LYS E 39 -25.32 5.65 29.31
N SER E 40 -24.46 5.71 30.32
CA SER E 40 -23.01 5.76 30.09
C SER E 40 -22.48 4.44 29.54
N THR E 41 -22.95 3.34 30.12
CA THR E 41 -22.58 2.01 29.66
C THR E 41 -22.95 1.79 28.18
N GLN E 42 -24.18 2.14 27.84
CA GLN E 42 -24.68 1.99 26.48
C GLN E 42 -23.88 2.81 25.48
N SER E 43 -23.48 4.01 25.89
CA SER E 43 -22.77 4.92 24.99
C SER E 43 -21.39 4.39 24.61
N ALA E 44 -20.64 3.92 25.60
CA ALA E 44 -19.32 3.35 25.36
C ALA E 44 -19.41 2.09 24.51
N ILE E 45 -20.40 1.25 24.81
CA ILE E 45 -20.62 0.02 24.08
C ILE E 45 -21.02 0.27 22.62
N ASP E 46 -21.81 1.32 22.40
CA ASP E 46 -22.24 1.70 21.05
C ASP E 46 -21.05 2.04 20.16
N GLN E 47 -20.09 2.78 20.71
CA GLN E 47 -18.93 3.22 19.97
C GLN E 47 -17.99 2.06 19.64
N ILE E 48 -17.79 1.17 20.60
CA ILE E 48 -16.92 0.00 20.38
C ILE E 48 -17.59 -0.96 19.41
N THR E 49 -18.91 -1.07 19.50
CA THR E 49 -19.68 -1.90 18.58
C THR E 49 -19.51 -1.36 17.16
N GLY E 50 -19.46 -0.04 17.05
CA GLY E 50 -19.22 0.61 15.77
C GLY E 50 -17.86 0.24 15.18
N LYS E 51 -16.85 0.18 16.05
CA LYS E 51 -15.52 -0.23 15.62
C LYS E 51 -15.49 -1.67 15.15
N LEU E 52 -16.16 -2.54 15.90
CA LEU E 52 -16.20 -3.96 15.58
C LEU E 52 -16.98 -4.24 14.29
N ASN E 53 -18.01 -3.44 14.03
CA ASN E 53 -18.76 -3.58 12.78
C ASN E 53 -17.89 -3.27 11.58
N ARG E 54 -17.02 -2.28 11.72
CA ARG E 54 -16.07 -1.90 10.68
C ARG E 54 -15.02 -2.97 10.46
N LEU E 55 -14.62 -3.63 11.54
CA LEU E 55 -13.54 -4.59 11.49
C LEU E 55 -13.86 -5.85 10.69
N ILE E 56 -15.07 -6.38 10.85
CA ILE E 56 -15.46 -7.62 10.19
C ILE E 56 -16.06 -7.46 8.80
N GLU E 57 -15.73 -6.37 8.10
CA GLU E 57 -16.31 -6.21 6.78
C GLU E 57 -15.34 -6.87 5.82
N LYS E 58 -15.88 -7.63 4.88
CA LYS E 58 -15.04 -8.43 4.01
C LYS E 58 -14.97 -7.91 2.59
N THR E 59 -13.82 -8.13 1.96
CA THR E 59 -13.62 -7.71 0.59
C THR E 59 -14.38 -8.64 -0.34
N ASN E 60 -14.79 -8.11 -1.49
CA ASN E 60 -15.42 -8.94 -2.50
C ASN E 60 -14.47 -9.15 -3.66
N GLN E 61 -13.21 -8.73 -3.47
CA GLN E 61 -12.19 -8.87 -4.50
C GLN E 61 -11.57 -10.26 -4.45
N GLN E 62 -11.58 -10.92 -5.61
CA GLN E 62 -11.03 -12.27 -5.70
C GLN E 62 -9.62 -12.23 -6.28
N PHE E 63 -8.75 -13.10 -5.76
CA PHE E 63 -7.40 -13.23 -6.30
C PHE E 63 -7.14 -14.66 -6.73
N GLU E 64 -6.45 -14.81 -7.87
CA GLU E 64 -6.10 -16.14 -8.38
C GLU E 64 -4.61 -16.39 -8.30
N LEU E 65 -4.21 -17.63 -8.52
CA LEU E 65 -2.80 -18.00 -8.53
C LEU E 65 -2.09 -17.38 -9.71
N ILE E 66 -0.90 -16.84 -9.47
CA ILE E 66 -0.05 -16.34 -10.54
C ILE E 66 1.34 -16.99 -10.49
N ASP E 67 1.54 -17.91 -9.55
CA ASP E 67 2.72 -18.77 -9.56
C ASP E 67 2.34 -20.20 -9.20
N ASN E 68 3.33 -21.07 -9.06
CA ASN E 68 3.08 -22.50 -9.00
C ASN E 68 3.88 -23.18 -7.91
N GLU E 69 3.19 -23.92 -7.05
CA GLU E 69 3.79 -24.58 -5.91
C GLU E 69 4.50 -25.89 -6.29
N PHE E 70 4.01 -26.53 -7.35
CA PHE E 70 4.52 -27.84 -7.75
C PHE E 70 5.66 -27.72 -8.75
N ASN E 71 5.43 -26.97 -9.82
CA ASN E 71 6.46 -26.69 -10.81
C ASN E 71 6.79 -25.21 -10.83
N GLU E 72 7.92 -24.85 -10.23
CA GLU E 72 8.35 -23.46 -10.12
C GLU E 72 8.33 -22.76 -11.49
N VAL E 73 7.81 -21.54 -11.49
CA VAL E 73 7.79 -20.74 -12.72
C VAL E 73 9.19 -20.24 -13.06
N GLU E 74 9.32 -19.59 -14.21
CA GLU E 74 10.60 -19.08 -14.66
C GLU E 74 11.17 -18.08 -13.64
N LYS E 75 12.48 -18.08 -13.48
CA LYS E 75 13.15 -17.39 -12.38
C LYS E 75 12.92 -15.88 -12.35
N GLN E 76 13.01 -15.23 -13.51
CA GLN E 76 12.89 -13.78 -13.55
C GLN E 76 11.49 -13.31 -13.19
N ILE E 77 10.48 -13.89 -13.83
CA ILE E 77 9.09 -13.54 -13.52
C ILE E 77 8.76 -13.99 -12.10
N GLY E 78 9.40 -15.06 -11.66
CA GLY E 78 9.21 -15.57 -10.30
C GLY E 78 9.75 -14.64 -9.24
N ASN E 79 10.88 -14.00 -9.52
CA ASN E 79 11.48 -13.05 -8.58
C ASN E 79 10.70 -11.74 -8.52
N VAL E 80 10.11 -11.34 -9.64
CA VAL E 80 9.30 -10.14 -9.68
C VAL E 80 8.04 -10.34 -8.83
N ILE E 81 7.43 -11.51 -8.97
CA ILE E 81 6.25 -11.87 -8.21
C ILE E 81 6.52 -11.94 -6.70
N ASN E 82 7.59 -12.65 -6.33
CA ASN E 82 7.97 -12.77 -4.92
C ASN E 82 8.26 -11.41 -4.30
N TRP E 83 8.87 -10.53 -5.08
CA TRP E 83 9.22 -9.19 -4.62
C TRP E 83 7.97 -8.32 -4.46
N THR E 84 7.04 -8.45 -5.40
CA THR E 84 5.79 -7.70 -5.34
C THR E 84 4.95 -8.12 -4.14
N ARG E 85 4.80 -9.43 -3.97
CA ARG E 85 4.02 -9.98 -2.87
C ARG E 85 4.58 -9.59 -1.51
N ASP E 86 5.90 -9.65 -1.38
CA ASP E 86 6.56 -9.31 -0.13
C ASP E 86 6.40 -7.84 0.20
N SER E 87 6.41 -6.99 -0.83
CA SER E 87 6.17 -5.57 -0.65
C SER E 87 4.75 -5.29 -0.14
N ILE E 88 3.78 -5.97 -0.73
CA ILE E 88 2.39 -5.85 -0.31
C ILE E 88 2.21 -6.34 1.13
N THR E 89 2.85 -7.45 1.46
CA THR E 89 2.80 -8.01 2.80
C THR E 89 3.35 -7.00 3.82
N GLU E 90 4.40 -6.30 3.42
CA GLU E 90 5.00 -5.28 4.26
C GLU E 90 4.00 -4.14 4.52
N VAL E 91 3.26 -3.77 3.48
CA VAL E 91 2.27 -2.70 3.56
C VAL E 91 1.11 -3.07 4.50
N TRP E 92 0.55 -4.26 4.31
CA TRP E 92 -0.58 -4.70 5.12
C TRP E 92 -0.19 -4.95 6.58
N SER E 93 1.01 -5.47 6.79
CA SER E 93 1.50 -5.69 8.15
C SER E 93 1.62 -4.37 8.90
N TYR E 94 2.03 -3.32 8.19
CA TYR E 94 2.12 -2.00 8.76
C TYR E 94 0.73 -1.44 9.07
N ASN E 95 -0.17 -1.56 8.10
CA ASN E 95 -1.56 -1.12 8.28
C ASN E 95 -2.24 -1.79 9.46
N ALA E 96 -2.06 -3.10 9.55
CA ALA E 96 -2.68 -3.88 10.62
C ALA E 96 -2.16 -3.45 11.99
N GLU E 97 -0.85 -3.26 12.09
CA GLU E 97 -0.23 -2.83 13.34
C GLU E 97 -0.70 -1.43 13.72
N LEU E 98 -0.72 -0.55 12.74
CA LEU E 98 -1.15 0.83 12.97
C LEU E 98 -2.63 0.92 13.31
N LEU E 99 -3.45 0.14 12.61
CA LEU E 99 -4.90 0.16 12.84
C LEU E 99 -5.25 -0.20 14.26
N VAL E 100 -4.74 -1.34 14.72
CA VAL E 100 -5.02 -1.82 16.07
C VAL E 100 -4.49 -0.85 17.13
N ALA E 101 -3.26 -0.38 16.94
CA ALA E 101 -2.66 0.57 17.88
C ALA E 101 -3.46 1.88 17.93
N MET E 102 -3.85 2.37 16.76
CA MET E 102 -4.65 3.58 16.66
C MET E 102 -6.01 3.41 17.34
N GLU E 103 -6.70 2.31 17.03
CA GLU E 103 -8.02 2.04 17.58
C GLU E 103 -7.99 1.84 19.09
N ASN E 104 -7.00 1.09 19.57
CA ASN E 104 -6.89 0.83 21.00
C ASN E 104 -6.67 2.11 21.80
N GLN E 105 -5.88 3.02 21.24
CA GLN E 105 -5.67 4.32 21.86
C GLN E 105 -6.98 5.09 21.95
N HIS E 106 -7.77 5.03 20.89
CA HIS E 106 -9.03 5.76 20.82
C HIS E 106 -10.08 5.13 21.74
N THR E 107 -10.08 3.81 21.82
CA THR E 107 -11.04 3.09 22.66
C THR E 107 -10.83 3.42 24.14
N ILE E 108 -9.57 3.43 24.56
CA ILE E 108 -9.24 3.78 25.94
C ILE E 108 -9.63 5.23 26.24
N ASP E 109 -9.38 6.13 25.29
CA ASP E 109 -9.72 7.53 25.46
C ASP E 109 -11.22 7.79 25.51
N LEU E 110 -11.99 7.10 24.67
CA LEU E 110 -13.43 7.32 24.62
C LEU E 110 -14.11 6.77 25.86
N ALA E 111 -13.55 5.68 26.41
CA ALA E 111 -14.07 5.09 27.62
C ALA E 111 -13.86 6.01 28.82
N ASP E 112 -12.73 6.72 28.81
CA ASP E 112 -12.42 7.67 29.87
C ASP E 112 -13.29 8.92 29.75
N SER E 113 -13.62 9.28 28.51
CA SER E 113 -14.47 10.44 28.25
C SER E 113 -15.89 10.23 28.75
N GLU E 114 -16.38 9.00 28.65
CA GLU E 114 -17.70 8.66 29.15
C GLU E 114 -17.74 8.78 30.66
N MET E 115 -16.62 8.44 31.29
CA MET E 115 -16.49 8.56 32.74
C MET E 115 -16.57 10.02 33.17
N ASP E 116 -15.85 10.88 32.47
CA ASP E 116 -15.87 12.32 32.75
C ASP E 116 -17.26 12.92 32.55
N LYS E 117 -17.93 12.52 31.48
CA LYS E 117 -19.27 13.02 31.17
C LYS E 117 -20.27 12.63 32.25
N LEU E 118 -20.14 11.42 32.77
CA LEU E 118 -20.99 10.96 33.87
C LEU E 118 -20.73 11.78 35.13
N TYR E 119 -19.45 12.01 35.40
CA TYR E 119 -19.02 12.83 36.54
C TYR E 119 -19.54 14.27 36.45
N GLU E 120 -19.47 14.86 35.26
CA GLU E 120 -19.89 16.24 35.06
C GLU E 120 -21.41 16.37 35.19
N ARG E 121 -22.11 15.33 34.74
CA ARG E 121 -23.57 15.32 34.80
C ARG E 121 -24.05 15.36 36.25
N VAL E 122 -23.46 14.51 37.09
CA VAL E 122 -23.83 14.43 38.50
C VAL E 122 -23.48 15.71 39.26
N LYS E 123 -22.30 16.25 39.01
CA LYS E 123 -21.87 17.50 39.63
C LYS E 123 -22.86 18.62 39.37
N ARG E 124 -23.45 18.61 38.18
CA ARG E 124 -24.40 19.65 37.78
C ARG E 124 -25.79 19.45 38.41
N GLN E 125 -26.21 18.22 38.64
CA GLN E 125 -27.50 18.02 39.30
C GLN E 125 -27.40 18.42 40.77
N LEU E 126 -26.25 18.12 41.37
CA LEU E 126 -26.01 18.41 42.78
C LEU E 126 -25.89 19.90 43.08
N ARG E 127 -25.40 20.66 42.10
CA ARG E 127 -25.24 22.11 42.24
C ARG E 127 -24.42 22.49 43.47
N GLU E 128 -25.01 23.33 44.32
CA GLU E 128 -24.33 23.84 45.51
C GLU E 128 -24.60 22.98 46.74
N ASN E 129 -25.20 21.82 46.53
CA ASN E 129 -25.57 20.94 47.65
C ASN E 129 -24.44 19.98 48.03
N ALA E 130 -23.39 19.91 47.21
CA ALA E 130 -22.30 18.98 47.48
C ALA E 130 -20.95 19.54 47.06
N GLU E 131 -19.89 18.91 47.54
CA GLU E 131 -18.52 19.26 47.15
C GLU E 131 -17.74 18.03 46.72
N GLU E 132 -16.72 18.24 45.89
CA GLU E 132 -15.88 17.16 45.40
C GLU E 132 -14.76 16.81 46.38
N ASP E 133 -14.63 15.53 46.70
CA ASP E 133 -13.61 15.09 47.65
C ASP E 133 -12.27 14.78 46.98
N GLY E 134 -12.22 14.95 45.66
CA GLY E 134 -10.98 14.78 44.91
C GLY E 134 -10.67 13.38 44.44
N THR E 135 -11.48 12.41 44.86
CA THR E 135 -11.26 11.02 44.44
C THR E 135 -12.34 10.55 43.46
N GLY E 136 -13.21 11.48 43.05
CA GLY E 136 -14.30 11.15 42.15
C GLY E 136 -15.61 10.96 42.87
N CYS E 137 -15.68 11.46 44.10
CA CYS E 137 -16.90 11.35 44.90
C CYS E 137 -17.43 12.73 45.29
N PHE E 138 -18.69 12.77 45.71
CA PHE E 138 -19.28 14.00 46.19
C PHE E 138 -19.72 13.88 47.65
N GLU E 139 -19.26 14.82 48.47
CA GLU E 139 -19.74 14.91 49.84
C GLU E 139 -21.00 15.74 49.86
N ILE E 140 -22.13 15.10 50.20
CA ILE E 140 -23.42 15.76 50.18
C ILE E 140 -23.72 16.40 51.53
N PHE E 141 -24.06 17.68 51.51
CA PHE E 141 -24.18 18.46 52.75
C PHE E 141 -25.61 18.55 53.26
N HIS E 142 -26.43 17.58 52.88
CA HIS E 142 -27.75 17.44 53.48
C HIS E 142 -27.97 15.96 53.73
N LYS E 143 -29.05 15.61 54.40
CA LYS E 143 -29.32 14.21 54.64
C LYS E 143 -29.95 13.59 53.39
N CYS E 144 -29.22 12.64 52.80
CA CYS E 144 -29.64 11.99 51.57
C CYS E 144 -29.84 10.49 51.81
N ASP E 145 -31.11 10.09 51.81
CA ASP E 145 -31.46 8.70 52.04
C ASP E 145 -31.51 7.94 50.72
N ASP E 146 -31.74 6.64 50.78
CA ASP E 146 -31.76 5.78 49.61
C ASP E 146 -32.64 6.29 48.46
N ASP E 147 -33.80 6.85 48.79
CA ASP E 147 -34.68 7.43 47.78
C ASP E 147 -34.05 8.68 47.18
N CYS E 148 -33.38 9.46 48.02
CA CYS E 148 -32.67 10.65 47.58
C CYS E 148 -31.53 10.26 46.63
N MET E 149 -30.83 9.18 46.97
CA MET E 149 -29.76 8.64 46.14
C MET E 149 -30.30 8.13 44.80
N ALA E 150 -31.43 7.43 44.85
CA ALA E 150 -32.05 6.91 43.65
C ALA E 150 -32.48 8.03 42.71
N SER E 151 -32.90 9.15 43.29
CA SER E 151 -33.33 10.30 42.51
C SER E 151 -32.15 10.93 41.77
N ILE E 152 -30.97 10.85 42.37
CA ILE E 152 -29.76 11.38 41.74
C ILE E 152 -29.37 10.50 40.55
N ARG E 153 -29.49 9.19 40.73
CA ARG E 153 -29.14 8.24 39.69
C ARG E 153 -30.07 8.33 38.48
N ASN E 154 -31.37 8.49 38.73
CA ASN E 154 -32.31 8.56 37.61
C ASN E 154 -32.69 9.99 37.23
N ASN E 155 -31.86 10.94 37.66
CA ASN E 155 -31.94 12.34 37.21
C ASN E 155 -33.27 13.03 37.53
N THR E 156 -33.80 12.77 38.71
CA THR E 156 -35.02 13.47 39.16
C THR E 156 -34.74 14.26 40.43
N TYR E 157 -33.46 14.33 40.80
CA TYR E 157 -33.03 15.06 41.99
C TYR E 157 -33.21 16.56 41.82
N ASP E 158 -33.89 17.19 42.78
CA ASP E 158 -34.16 18.63 42.73
C ASP E 158 -33.29 19.36 43.76
N HIS E 159 -32.31 20.12 43.25
CA HIS E 159 -31.33 20.75 44.13
C HIS E 159 -31.96 21.87 44.98
N SER E 160 -33.01 22.50 44.45
CA SER E 160 -33.65 23.61 45.14
C SER E 160 -34.39 23.14 46.38
N LYS E 161 -34.73 21.86 46.42
CA LYS E 161 -35.45 21.28 47.54
C LYS E 161 -34.58 21.16 48.79
N TYR E 162 -33.32 20.81 48.60
CA TYR E 162 -32.39 20.63 49.71
C TYR E 162 -31.35 21.73 49.82
N ARG E 163 -31.49 22.79 49.02
CA ARG E 163 -30.43 23.80 48.92
C ARG E 163 -30.14 24.55 50.21
N GLU E 164 -31.18 25.10 50.85
CA GLU E 164 -30.98 25.90 52.05
C GLU E 164 -30.43 25.07 53.21
N GLU E 165 -30.92 23.85 53.36
CA GLU E 165 -30.38 22.94 54.37
C GLU E 165 -28.89 22.69 54.11
N ALA E 166 -28.55 22.49 52.85
CA ALA E 166 -27.19 22.14 52.48
C ALA E 166 -26.24 23.33 52.61
N MET E 167 -26.68 24.52 52.24
CA MET E 167 -25.84 25.71 52.32
C MET E 167 -25.54 26.07 53.77
N GLN E 168 -26.49 25.79 54.67
CA GLN E 168 -26.28 26.02 56.09
C GLN E 168 -25.19 25.10 56.65
N ASN E 169 -25.22 23.83 56.24
CA ASN E 169 -24.25 22.84 56.67
C ASN E 169 -22.86 23.13 56.10
N ARG E 170 -22.83 23.70 54.90
CA ARG E 170 -21.61 24.05 54.18
C ARG E 170 -20.83 25.17 54.86
N ILE E 171 -21.55 26.12 55.43
CA ILE E 171 -20.95 27.31 56.03
C ILE E 171 -20.28 26.99 57.37
N GLN E 172 -20.90 26.13 58.16
CA GLN E 172 -20.34 25.74 59.44
C GLN E 172 -20.49 24.23 59.69
N GLU F 1 -32.52 -20.25 29.06
CA GLU F 1 -32.94 -19.18 29.96
C GLU F 1 -33.99 -18.30 29.33
N VAL F 2 -33.55 -17.29 28.59
CA VAL F 2 -34.47 -16.41 27.86
C VAL F 2 -35.09 -17.13 26.67
N GLN F 3 -36.40 -16.96 26.50
CA GLN F 3 -37.10 -17.53 25.36
C GLN F 3 -37.74 -16.44 24.49
N LEU F 4 -37.63 -16.61 23.18
CA LEU F 4 -38.18 -15.65 22.23
C LEU F 4 -39.25 -16.28 21.36
N VAL F 5 -40.36 -15.57 21.16
CA VAL F 5 -41.45 -16.08 20.33
C VAL F 5 -41.90 -15.05 19.29
N GLU F 6 -41.71 -15.38 18.02
CA GLU F 6 -42.11 -14.52 16.90
C GLU F 6 -43.59 -14.63 16.57
N SER F 7 -44.17 -13.55 16.07
CA SER F 7 -45.52 -13.57 15.53
C SER F 7 -45.71 -12.46 14.49
N GLY F 8 -46.67 -12.64 13.59
CA GLY F 8 -47.00 -11.61 12.62
C GLY F 8 -46.57 -11.88 11.19
N GLY F 9 -46.03 -13.07 10.94
CA GLY F 9 -45.59 -13.44 9.61
C GLY F 9 -46.76 -13.74 8.69
N GLY F 10 -46.54 -13.71 7.38
CA GLY F 10 -47.59 -14.06 6.45
C GLY F 10 -47.28 -13.93 4.98
N LEU F 11 -48.30 -14.18 4.17
CA LEU F 11 -48.25 -13.89 2.74
C LEU F 11 -48.58 -12.42 2.53
N VAL F 12 -47.92 -11.79 1.58
CA VAL F 12 -48.09 -10.35 1.36
C VAL F 12 -47.81 -9.99 -0.09
N GLN F 13 -48.41 -8.91 -0.57
CA GLN F 13 -48.23 -8.50 -1.96
C GLN F 13 -46.95 -7.69 -2.08
N ALA F 14 -46.32 -7.78 -3.25
CA ALA F 14 -45.10 -7.03 -3.53
C ALA F 14 -45.32 -5.53 -3.40
N GLY F 15 -44.53 -4.89 -2.56
CA GLY F 15 -44.64 -3.47 -2.32
C GLY F 15 -45.44 -3.19 -1.06
N GLY F 16 -46.14 -4.21 -0.56
CA GLY F 16 -46.94 -4.08 0.64
C GLY F 16 -46.09 -4.07 1.89
N SER F 17 -46.74 -4.02 3.04
CA SER F 17 -46.02 -3.96 4.31
C SER F 17 -46.50 -4.99 5.32
N LEU F 18 -45.61 -5.32 6.25
CA LEU F 18 -45.88 -6.31 7.28
C LEU F 18 -45.16 -5.91 8.56
N LYS F 19 -45.66 -6.33 9.71
CA LYS F 19 -44.99 -6.02 10.97
C LYS F 19 -44.82 -7.25 11.86
N LEU F 20 -43.57 -7.60 12.12
CA LEU F 20 -43.24 -8.71 13.00
C LEU F 20 -43.05 -8.24 14.44
N SER F 21 -43.33 -9.13 15.39
CA SER F 21 -43.09 -8.82 16.79
C SER F 21 -42.43 -10.00 17.50
N CYS F 22 -41.56 -9.70 18.47
CA CYS F 22 -40.89 -10.74 19.24
C CYS F 22 -41.21 -10.58 20.71
N ALA F 23 -41.88 -11.58 21.27
CA ALA F 23 -42.20 -11.59 22.70
C ALA F 23 -41.12 -12.34 23.48
N ALA F 24 -40.44 -11.63 24.37
CA ALA F 24 -39.41 -12.26 25.20
C ALA F 24 -39.94 -12.62 26.57
N SER F 25 -39.42 -13.72 27.12
CA SER F 25 -39.66 -14.09 28.50
C SER F 25 -38.31 -14.22 29.19
N GLY F 26 -37.98 -13.23 30.00
CA GLY F 26 -36.67 -13.15 30.61
C GLY F 26 -35.98 -11.85 30.22
N ARG F 27 -34.83 -11.60 30.82
CA ARG F 27 -34.10 -10.35 30.62
C ARG F 27 -33.35 -10.31 29.29
N THR F 28 -33.69 -9.34 28.44
CA THR F 28 -32.97 -9.14 27.19
C THR F 28 -32.26 -7.81 27.17
N TYR F 29 -31.11 -7.77 26.50
CA TYR F 29 -30.38 -6.53 26.29
C TYR F 29 -30.46 -6.15 24.81
N ALA F 30 -29.32 -6.15 24.12
CA ALA F 30 -29.32 -5.92 22.68
C ALA F 30 -30.11 -7.03 21.99
N MET F 31 -30.92 -6.66 21.01
CA MET F 31 -31.69 -7.63 20.24
C MET F 31 -31.53 -7.39 18.74
N GLY F 32 -32.03 -8.32 17.94
CA GLY F 32 -31.93 -8.19 16.51
C GLY F 32 -32.82 -9.15 15.73
N TRP F 33 -32.79 -9.03 14.42
CA TRP F 33 -33.54 -9.92 13.54
C TRP F 33 -32.62 -10.51 12.48
N PHE F 34 -32.77 -11.81 12.25
CA PHE F 34 -32.08 -12.50 11.17
C PHE F 34 -33.10 -13.16 10.26
N ARG F 35 -32.69 -13.56 9.07
CA ARG F 35 -33.59 -14.29 8.18
C ARG F 35 -32.85 -15.37 7.41
N GLN F 36 -33.57 -16.40 7.01
CA GLN F 36 -32.98 -17.50 6.26
C GLN F 36 -33.88 -17.95 5.10
N ALA F 37 -33.35 -17.85 3.89
CA ALA F 37 -34.02 -18.38 2.71
C ALA F 37 -33.61 -19.85 2.56
N PRO F 38 -34.48 -20.68 1.96
CA PRO F 38 -34.22 -22.12 1.89
C PRO F 38 -32.86 -22.49 1.30
N GLY F 39 -32.10 -23.31 2.02
CA GLY F 39 -30.80 -23.77 1.58
C GLY F 39 -29.67 -22.77 1.73
N LYS F 40 -29.93 -21.66 2.41
CA LYS F 40 -28.91 -20.63 2.63
C LYS F 40 -28.58 -20.43 4.10
N GLU F 41 -27.56 -19.61 4.37
CA GLU F 41 -27.13 -19.29 5.72
C GLU F 41 -27.94 -18.14 6.30
N ARG F 42 -28.02 -18.09 7.62
CA ARG F 42 -28.73 -17.02 8.32
C ARG F 42 -28.10 -15.67 8.04
N GLU F 43 -28.95 -14.74 7.64
CA GLU F 43 -28.50 -13.44 7.17
C GLU F 43 -28.99 -12.36 8.12
N PHE F 44 -28.09 -11.44 8.47
CA PHE F 44 -28.44 -10.32 9.34
C PHE F 44 -29.44 -9.38 8.67
N VAL F 45 -30.36 -8.86 9.47
CA VAL F 45 -31.38 -7.94 8.97
C VAL F 45 -31.34 -6.61 9.71
N ALA F 46 -31.48 -6.67 11.03
CA ALA F 46 -31.54 -5.45 11.84
C ALA F 46 -31.10 -5.71 13.28
N HIS F 47 -30.64 -4.65 13.94
CA HIS F 47 -30.18 -4.73 15.32
C HIS F 47 -30.58 -3.48 16.08
N ILE F 48 -31.04 -3.67 17.31
CA ILE F 48 -31.33 -2.54 18.19
C ILE F 48 -30.61 -2.75 19.52
N ASN F 49 -30.00 -1.71 20.06
CA ASN F 49 -29.25 -1.84 21.30
C ASN F 49 -30.20 -1.93 22.50
N ALA F 50 -29.63 -2.24 23.66
CA ALA F 50 -30.42 -2.55 24.85
C ALA F 50 -31.40 -1.44 25.26
N LEU F 51 -31.02 -0.18 25.03
CA LEU F 51 -31.84 0.94 25.48
C LEU F 51 -32.76 1.44 24.36
N GLY F 52 -32.50 0.98 23.14
CA GLY F 52 -33.30 1.38 22.00
C GLY F 52 -32.89 2.74 21.46
N THR F 53 -31.72 3.21 21.86
CA THR F 53 -31.21 4.51 21.42
C THR F 53 -30.51 4.47 20.05
N ARG F 54 -30.08 3.29 19.62
CA ARG F 54 -29.39 3.16 18.33
C ARG F 54 -29.80 1.89 17.58
N THR F 55 -29.85 1.98 16.25
CA THR F 55 -30.25 0.85 15.41
C THR F 55 -29.27 0.63 14.25
N TYR F 56 -29.21 -0.62 13.79
CA TYR F 56 -28.35 -0.99 12.66
C TYR F 56 -29.14 -1.81 11.65
N TYR F 57 -28.81 -1.67 10.36
CA TYR F 57 -29.52 -2.41 9.31
C TYR F 57 -28.58 -2.98 8.27
N SER F 58 -29.00 -4.08 7.63
CA SER F 58 -28.33 -4.61 6.45
C SER F 58 -28.57 -3.66 5.28
N ASP F 59 -27.64 -3.64 4.33
CA ASP F 59 -27.73 -2.73 3.19
C ASP F 59 -28.93 -2.99 2.28
N SER F 60 -29.32 -4.25 2.14
CA SER F 60 -30.46 -4.63 1.30
C SER F 60 -31.79 -4.29 1.92
N VAL F 61 -31.78 -3.91 3.19
CA VAL F 61 -32.99 -3.69 3.98
C VAL F 61 -33.15 -2.23 4.41
N LYS F 62 -32.04 -1.49 4.46
CA LYS F 62 -32.04 -0.11 4.92
C LYS F 62 -33.00 0.76 4.11
N GLY F 63 -33.78 1.59 4.80
CA GLY F 63 -34.75 2.47 4.16
C GLY F 63 -36.14 1.89 4.04
N ARG F 64 -36.23 0.57 4.16
CA ARG F 64 -37.52 -0.12 4.05
C ARG F 64 -37.99 -0.72 5.36
N PHE F 65 -37.05 -1.14 6.20
CA PHE F 65 -37.40 -1.78 7.46
C PHE F 65 -37.14 -0.85 8.65
N THR F 66 -37.93 -1.01 9.70
CA THR F 66 -37.70 -0.27 10.93
C THR F 66 -37.77 -1.20 12.13
N ILE F 67 -36.70 -1.23 12.91
CA ILE F 67 -36.67 -2.04 14.12
C ILE F 67 -36.92 -1.15 15.34
N SER F 68 -37.66 -1.68 16.30
CA SER F 68 -38.01 -0.93 17.52
C SER F 68 -38.26 -1.89 18.66
N ARG F 69 -38.38 -1.35 19.87
CA ARG F 69 -38.59 -2.18 21.04
C ARG F 69 -39.37 -1.46 22.15
N ASP F 70 -40.00 -2.25 23.01
CA ASP F 70 -40.68 -1.73 24.19
C ASP F 70 -40.16 -2.49 25.41
N ASN F 71 -39.35 -1.82 26.22
CA ASN F 71 -38.72 -2.49 27.35
C ASN F 71 -39.69 -2.75 28.51
N ALA F 72 -40.82 -2.05 28.51
CA ALA F 72 -41.86 -2.28 29.49
C ALA F 72 -42.61 -3.57 29.18
N LYS F 73 -42.88 -3.80 27.91
CA LYS F 73 -43.60 -4.98 27.47
C LYS F 73 -42.65 -6.13 27.15
N ASN F 74 -41.35 -5.84 27.22
CA ASN F 74 -40.31 -6.81 26.87
C ASN F 74 -40.52 -7.34 25.45
N THR F 75 -40.69 -6.44 24.50
CA THR F 75 -41.06 -6.82 23.15
C THR F 75 -40.12 -6.14 22.12
N GLU F 76 -39.95 -6.80 20.99
CA GLU F 76 -39.15 -6.27 19.87
C GLU F 76 -40.01 -6.24 18.63
N TYR F 77 -39.77 -5.27 17.73
CA TYR F 77 -40.59 -5.13 16.53
C TYR F 77 -39.76 -4.96 15.26
N LEU F 78 -40.27 -5.50 14.16
CA LEU F 78 -39.67 -5.27 12.85
C LEU F 78 -40.75 -4.87 11.84
N GLU F 79 -40.80 -3.59 11.50
CA GLU F 79 -41.77 -3.09 10.52
C GLU F 79 -41.18 -3.11 9.13
N MET F 80 -41.76 -3.93 8.26
CA MET F 80 -41.23 -4.13 6.91
C MET F 80 -42.10 -3.49 5.83
N ASN F 81 -41.64 -2.37 5.28
CA ASN F 81 -42.35 -1.70 4.19
C ASN F 81 -41.72 -2.00 2.83
N ASN F 82 -42.50 -1.87 1.76
CA ASN F 82 -42.02 -2.07 0.39
C ASN F 82 -41.37 -3.42 0.19
N LEU F 83 -42.07 -4.48 0.57
CA LEU F 83 -41.52 -5.84 0.50
C LEU F 83 -41.27 -6.28 -0.94
N LYS F 84 -40.20 -7.04 -1.13
CA LYS F 84 -39.78 -7.51 -2.44
C LYS F 84 -39.67 -9.03 -2.41
N PRO F 85 -39.68 -9.69 -3.59
CA PRO F 85 -39.63 -11.15 -3.62
C PRO F 85 -38.40 -11.75 -2.92
N GLU F 86 -37.27 -11.05 -2.93
CA GLU F 86 -36.07 -11.54 -2.25
C GLU F 86 -36.14 -11.37 -0.72
N ASP F 87 -37.21 -10.75 -0.24
CA ASP F 87 -37.40 -10.61 1.21
C ASP F 87 -38.08 -11.86 1.77
N THR F 88 -38.49 -12.75 0.87
CA THR F 88 -39.09 -14.02 1.27
C THR F 88 -38.09 -14.91 2.01
N ALA F 89 -38.41 -15.22 3.26
CA ALA F 89 -37.55 -16.03 4.13
C ALA F 89 -38.22 -16.29 5.47
N VAL F 90 -37.65 -17.21 6.25
CA VAL F 90 -38.03 -17.36 7.65
C VAL F 90 -37.29 -16.33 8.50
N TYR F 91 -38.03 -15.54 9.26
CA TYR F 91 -37.43 -14.49 10.08
C TYR F 91 -37.30 -14.90 11.54
N TYR F 92 -36.12 -14.67 12.11
CA TYR F 92 -35.82 -15.03 13.48
C TYR F 92 -35.51 -13.78 14.31
N CYS F 93 -36.09 -13.64 15.49
CA CYS F 93 -35.64 -12.61 16.40
C CYS F 93 -34.53 -13.16 17.31
N THR F 94 -33.58 -12.31 17.65
CA THR F 94 -32.41 -12.71 18.43
C THR F 94 -32.21 -11.79 19.61
N ALA F 95 -31.48 -12.25 20.62
CA ALA F 95 -31.25 -11.46 21.82
C ALA F 95 -29.96 -11.84 22.53
N GLN F 96 -29.35 -10.86 23.18
CA GLN F 96 -28.18 -11.10 24.03
C GLN F 96 -28.58 -10.99 25.49
N GLY F 97 -27.97 -11.83 26.33
CA GLY F 97 -28.36 -11.91 27.73
C GLY F 97 -27.64 -10.98 28.68
N GLN F 98 -26.57 -10.33 28.20
CA GLN F 98 -25.81 -9.41 29.04
C GLN F 98 -25.36 -8.20 28.25
N TRP F 99 -24.79 -7.21 28.94
CA TRP F 99 -24.13 -6.10 28.27
C TRP F 99 -22.99 -6.65 27.44
N ARG F 100 -22.88 -6.23 26.19
CA ARG F 100 -21.86 -6.78 25.30
C ARG F 100 -21.46 -5.85 24.18
N ALA F 101 -20.16 -5.81 23.89
CA ALA F 101 -19.66 -5.12 22.71
C ALA F 101 -19.25 -6.17 21.68
N ALA F 102 -20.00 -6.25 20.59
CA ALA F 102 -19.77 -7.26 19.57
C ALA F 102 -20.32 -6.82 18.22
N PRO F 103 -19.76 -7.35 17.12
CA PRO F 103 -20.29 -7.04 15.79
C PRO F 103 -21.72 -7.56 15.63
N VAL F 104 -22.63 -6.67 15.23
CA VAL F 104 -24.06 -6.98 15.21
C VAL F 104 -24.47 -8.00 14.14
N ALA F 105 -23.69 -8.10 13.06
CA ALA F 105 -24.10 -8.92 11.92
C ALA F 105 -23.66 -10.38 12.05
N VAL F 106 -23.07 -10.73 13.19
CA VAL F 106 -22.59 -12.09 13.40
C VAL F 106 -23.56 -12.89 14.26
N ALA F 107 -24.10 -13.98 13.69
CA ALA F 107 -25.13 -14.78 14.34
C ALA F 107 -24.67 -15.38 15.66
N ALA F 108 -23.42 -15.84 15.70
CA ALA F 108 -22.87 -16.48 16.89
C ALA F 108 -22.85 -15.57 18.11
N GLU F 109 -22.92 -14.26 17.88
CA GLU F 109 -22.90 -13.29 18.96
C GLU F 109 -24.24 -13.18 19.70
N TYR F 110 -25.25 -13.87 19.19
CA TYR F 110 -26.56 -13.92 19.86
C TYR F 110 -26.82 -15.33 20.36
N GLU F 111 -27.12 -15.48 21.65
CA GLU F 111 -27.30 -16.82 22.21
C GLU F 111 -28.77 -17.26 22.29
N PHE F 112 -29.70 -16.31 22.19
CA PHE F 112 -31.12 -16.66 22.26
C PHE F 112 -31.80 -16.46 20.91
N TRP F 113 -32.45 -17.51 20.42
CA TRP F 113 -33.11 -17.47 19.11
C TRP F 113 -34.56 -17.93 19.19
N GLY F 114 -35.41 -17.31 18.38
CA GLY F 114 -36.79 -17.76 18.26
C GLY F 114 -36.86 -18.91 17.28
N GLN F 115 -38.04 -19.47 17.10
CA GLN F 115 -38.20 -20.59 16.18
C GLN F 115 -38.34 -20.13 14.73
N GLY F 116 -38.81 -18.90 14.56
CA GLY F 116 -38.93 -18.33 13.24
C GLY F 116 -40.37 -18.20 12.76
N THR F 117 -40.61 -17.20 11.92
CA THR F 117 -41.91 -17.04 11.29
C THR F 117 -41.74 -16.80 9.78
N GLN F 118 -42.52 -17.54 8.99
CA GLN F 118 -42.42 -17.48 7.54
C GLN F 118 -43.00 -16.18 6.96
N VAL F 119 -42.23 -15.55 6.08
CA VAL F 119 -42.71 -14.42 5.31
C VAL F 119 -42.58 -14.71 3.83
N THR F 120 -43.70 -14.71 3.11
CA THR F 120 -43.70 -14.98 1.69
C THR F 120 -44.22 -13.77 0.92
N VAL F 121 -43.41 -13.27 0.00
CA VAL F 121 -43.76 -12.10 -0.80
C VAL F 121 -44.08 -12.49 -2.24
N SER F 122 -45.29 -12.17 -2.66
CA SER F 122 -45.74 -12.44 -4.04
C SER F 122 -46.08 -11.16 -4.78
N ASP G 1 -1.22 34.01 48.56
CA ASP G 1 -2.22 34.81 47.85
C ASP G 1 -2.57 34.19 46.50
N LYS G 2 -1.55 33.75 45.78
CA LYS G 2 -1.73 33.30 44.40
C LYS G 2 -0.77 32.16 44.04
N ILE G 3 -1.29 31.12 43.40
CA ILE G 3 -0.45 30.04 42.87
C ILE G 3 -0.85 29.74 41.42
N CYS G 4 0.14 29.59 40.56
CA CYS G 4 -0.12 29.43 39.12
C CYS G 4 0.40 28.11 38.56
N LEU G 5 -0.31 27.60 37.55
CA LEU G 5 0.13 26.41 36.82
C LEU G 5 0.60 26.80 35.42
N GLY G 6 1.70 26.21 34.97
CA GLY G 6 2.25 26.55 33.68
C GLY G 6 3.12 25.47 33.07
N HIS G 7 3.61 25.74 31.87
CA HIS G 7 4.45 24.79 31.15
C HIS G 7 5.63 25.53 30.51
N HIS G 8 6.69 24.80 30.19
CA HIS G 8 7.90 25.43 29.68
C HIS G 8 7.73 25.92 28.24
N ALA G 9 8.66 26.77 27.81
CA ALA G 9 8.64 27.30 26.45
C ALA G 9 10.05 27.73 26.05
N VAL G 10 10.25 27.94 24.75
CA VAL G 10 11.55 28.33 24.23
C VAL G 10 11.38 29.57 23.35
N SER G 11 12.42 30.37 23.23
CA SER G 11 12.38 31.60 22.45
C SER G 11 12.06 31.31 20.99
N ASN G 12 12.79 30.36 20.39
CA ASN G 12 12.54 29.94 19.02
C ASN G 12 12.37 28.43 18.91
N GLY G 13 11.23 27.99 18.39
CA GLY G 13 10.94 26.56 18.30
C GLY G 13 10.92 26.02 16.89
N THR G 14 10.87 24.69 16.79
CA THR G 14 10.83 24.02 15.49
C THR G 14 9.42 23.96 14.93
N LYS G 15 9.28 24.18 13.62
CA LYS G 15 7.99 24.09 12.96
C LYS G 15 7.72 22.69 12.44
N VAL G 16 6.52 22.18 12.73
CA VAL G 16 6.10 20.85 12.28
C VAL G 16 4.70 20.92 11.68
N ASN G 17 4.27 19.82 11.08
CA ASN G 17 2.93 19.75 10.50
C ASN G 17 2.02 18.80 11.25
N THR G 18 0.76 19.18 11.37
CA THR G 18 -0.25 18.34 12.02
C THR G 18 -1.41 18.09 11.06
N LEU G 19 -2.45 17.45 11.56
CA LEU G 19 -3.62 17.14 10.74
C LEU G 19 -4.39 18.39 10.35
N THR G 20 -4.42 19.38 11.24
CA THR G 20 -5.24 20.57 11.04
C THR G 20 -4.45 21.84 10.76
N GLU G 21 -3.13 21.76 10.79
CA GLU G 21 -2.32 22.97 10.65
C GLU G 21 -0.93 22.71 10.09
N ARG G 22 -0.47 23.62 9.24
CA ARG G 22 0.86 23.56 8.65
C ARG G 22 1.82 24.54 9.32
N GLY G 23 2.97 24.04 9.75
CA GLY G 23 4.00 24.89 10.33
C GLY G 23 3.74 25.40 11.73
N VAL G 24 3.19 24.56 12.60
CA VAL G 24 2.97 24.93 14.00
C VAL G 24 4.24 24.69 14.82
N GLU G 25 4.60 25.67 15.66
CA GLU G 25 5.84 25.60 16.44
C GLU G 25 5.71 24.70 17.66
N VAL G 26 6.70 23.82 17.84
CA VAL G 26 6.81 22.98 19.02
C VAL G 26 8.16 23.17 19.68
N VAL G 27 8.28 22.76 20.94
CA VAL G 27 9.50 22.98 21.70
C VAL G 27 10.67 22.24 21.07
N ASN G 28 10.41 21.04 20.55
CA ASN G 28 11.43 20.27 19.86
C ASN G 28 10.85 19.22 18.90
N ALA G 29 11.62 18.87 17.89
CA ALA G 29 11.23 17.86 16.91
C ALA G 29 12.43 17.08 16.41
N THR G 30 12.17 15.90 15.84
CA THR G 30 13.25 15.08 15.29
C THR G 30 12.89 14.58 13.89
N GLU G 31 13.92 14.33 13.08
CA GLU G 31 13.74 13.89 11.70
C GLU G 31 13.36 12.42 11.63
N THR G 32 12.49 12.07 10.67
CA THR G 32 12.10 10.68 10.47
C THR G 32 12.57 10.12 9.13
N VAL G 33 13.07 10.99 8.26
CA VAL G 33 13.54 10.57 6.94
C VAL G 33 15.05 10.69 6.84
N GLU G 34 15.72 9.56 6.59
CA GLU G 34 17.16 9.54 6.52
C GLU G 34 17.67 10.06 5.19
N ARG G 35 18.60 11.02 5.25
CA ARG G 35 19.23 11.58 4.06
C ARG G 35 20.74 11.36 4.10
N THR G 36 21.24 10.95 5.26
CA THR G 36 22.67 10.80 5.48
C THR G 36 23.16 9.46 4.98
N ASN G 37 24.10 9.50 4.04
CA ASN G 37 24.64 8.30 3.41
C ASN G 37 26.09 8.01 3.80
N ILE G 38 26.42 6.73 3.93
CA ILE G 38 27.81 6.32 4.09
C ILE G 38 28.33 5.88 2.72
N PRO G 39 29.24 6.66 2.13
CA PRO G 39 29.67 6.36 0.76
C PRO G 39 30.66 5.21 0.68
N ARG G 40 30.39 4.13 1.41
CA ARG G 40 31.22 2.94 1.39
C ARG G 40 30.34 1.71 1.58
N ILE G 41 30.86 0.53 1.26
CA ILE G 41 30.12 -0.70 1.49
C ILE G 41 30.55 -1.35 2.81
N CYS G 42 29.66 -1.30 3.81
CA CYS G 42 29.99 -1.83 5.13
C CYS G 42 29.72 -3.34 5.20
N SER G 43 30.81 -4.11 5.21
CA SER G 43 30.72 -5.55 5.03
C SER G 43 31.21 -6.36 6.24
N LYS G 44 31.45 -5.68 7.35
CA LYS G 44 31.95 -6.36 8.55
C LYS G 44 31.04 -7.53 8.95
N GLY G 45 31.67 -8.70 9.12
CA GLY G 45 30.95 -9.90 9.48
C GLY G 45 30.33 -10.60 8.28
N LYS G 46 30.64 -10.10 7.08
CA LYS G 46 30.15 -10.70 5.85
C LYS G 46 31.32 -11.09 4.96
N ARG G 47 31.31 -12.35 4.51
CA ARG G 47 32.29 -12.80 3.52
C ARG G 47 32.01 -12.10 2.20
N THR G 48 32.89 -11.16 1.84
CA THR G 48 32.63 -10.30 0.70
C THR G 48 33.53 -10.59 -0.49
N VAL G 49 32.93 -10.69 -1.67
CA VAL G 49 33.69 -10.84 -2.90
C VAL G 49 33.46 -9.65 -3.80
N ASP G 50 34.53 -8.92 -4.10
CA ASP G 50 34.47 -7.77 -4.99
C ASP G 50 34.97 -8.19 -6.37
N LEU G 51 34.04 -8.40 -7.29
CA LEU G 51 34.35 -8.99 -8.59
C LEU G 51 35.24 -8.11 -9.47
N GLY G 52 35.15 -6.80 -9.29
CA GLY G 52 35.95 -5.86 -10.05
C GLY G 52 35.77 -5.98 -11.56
N GLN G 53 36.86 -6.33 -12.26
CA GLN G 53 36.82 -6.47 -13.71
C GLN G 53 36.09 -7.74 -14.15
N CYS G 54 35.96 -8.69 -13.23
CA CYS G 54 35.25 -9.92 -13.53
C CYS G 54 33.73 -9.73 -13.50
N GLY G 55 33.06 -10.24 -14.53
CA GLY G 55 31.61 -10.21 -14.58
C GLY G 55 31.06 -11.44 -13.88
N LEU G 56 29.89 -11.29 -13.27
CA LEU G 56 29.27 -12.37 -12.50
C LEU G 56 29.13 -13.67 -13.30
N LEU G 57 28.75 -13.56 -14.56
CA LEU G 57 28.59 -14.74 -15.40
C LEU G 57 29.95 -15.30 -15.82
N GLY G 58 30.97 -14.47 -15.71
CA GLY G 58 32.33 -14.89 -16.00
C GLY G 58 32.84 -15.97 -15.08
N THR G 59 32.28 -16.01 -13.86
CA THR G 59 32.72 -17.00 -12.88
C THR G 59 32.31 -18.42 -13.28
N ILE G 60 31.41 -18.52 -14.25
CA ILE G 60 30.92 -19.81 -14.72
C ILE G 60 31.72 -20.33 -15.91
N THR G 61 32.10 -19.42 -16.81
CA THR G 61 32.79 -19.80 -18.04
C THR G 61 34.30 -19.67 -17.88
N GLY G 62 34.73 -18.62 -17.19
CA GLY G 62 36.15 -18.44 -16.86
C GLY G 62 37.02 -17.69 -17.85
N PRO G 63 36.66 -16.42 -18.15
CA PRO G 63 37.60 -15.58 -18.90
C PRO G 63 38.79 -15.20 -18.01
N PRO G 64 39.87 -14.66 -18.60
CA PRO G 64 41.08 -14.35 -17.83
C PRO G 64 40.86 -13.45 -16.60
N GLN G 65 39.94 -12.49 -16.70
CA GLN G 65 39.70 -11.58 -15.57
C GLN G 65 38.93 -12.25 -14.43
N CYS G 66 38.53 -13.51 -14.62
CA CYS G 66 37.69 -14.21 -13.65
C CYS G 66 38.36 -15.46 -13.07
N ASP G 67 39.67 -15.57 -13.22
CA ASP G 67 40.39 -16.78 -12.82
C ASP G 67 40.38 -16.97 -11.30
N GLN G 68 40.49 -15.87 -10.58
CA GLN G 68 40.55 -15.89 -9.12
C GLN G 68 39.18 -16.07 -8.46
N PHE G 69 38.15 -16.29 -9.28
CA PHE G 69 36.78 -16.35 -8.77
C PHE G 69 36.03 -17.62 -9.21
N LEU G 70 36.73 -18.55 -9.83
CA LEU G 70 36.09 -19.73 -10.41
C LEU G 70 35.35 -20.62 -9.41
N GLU G 71 35.70 -20.52 -8.14
CA GLU G 71 35.03 -21.30 -7.09
C GLU G 71 34.84 -20.49 -5.81
N PHE G 72 34.42 -19.24 -5.96
CA PHE G 72 34.33 -18.33 -4.83
C PHE G 72 33.23 -18.72 -3.83
N SER G 73 33.39 -18.26 -2.60
CA SER G 73 32.40 -18.45 -1.55
C SER G 73 32.11 -17.09 -0.92
N ALA G 74 30.83 -16.75 -0.71
CA ALA G 74 30.49 -15.42 -0.24
C ALA G 74 29.13 -15.30 0.43
N ASP G 75 29.00 -14.28 1.28
CA ASP G 75 27.73 -13.87 1.86
C ASP G 75 27.23 -12.64 1.10
N LEU G 76 28.17 -11.87 0.58
CA LEU G 76 27.86 -10.63 -0.13
C LEU G 76 28.68 -10.54 -1.42
N ILE G 77 27.99 -10.42 -2.55
CA ILE G 77 28.65 -10.36 -3.85
C ILE G 77 28.50 -8.96 -4.45
N ILE G 78 29.60 -8.41 -4.94
CA ILE G 78 29.60 -7.05 -5.48
C ILE G 78 30.01 -6.98 -6.95
N GLU G 79 29.06 -6.61 -7.81
CA GLU G 79 29.35 -6.37 -9.22
C GLU G 79 29.83 -4.93 -9.44
N ARG G 80 30.74 -4.75 -10.38
CA ARG G 80 31.21 -3.42 -10.73
C ARG G 80 30.86 -3.10 -12.18
N ARG G 81 30.81 -1.81 -12.49
CA ARG G 81 30.42 -1.35 -13.81
C ARG G 81 31.41 -1.81 -14.88
N GLU G 82 32.67 -1.98 -14.49
CA GLU G 82 33.72 -2.37 -15.42
C GLU G 82 33.81 -3.89 -15.61
N GLY G 83 32.91 -4.62 -14.96
CA GLY G 83 32.88 -6.07 -15.07
C GLY G 83 32.52 -6.55 -16.46
N SER G 84 33.16 -7.63 -16.90
CA SER G 84 32.88 -8.20 -18.21
C SER G 84 32.79 -9.72 -18.11
N ASP G 85 31.77 -10.30 -18.73
CA ASP G 85 31.53 -11.73 -18.64
C ASP G 85 32.36 -12.51 -19.66
N VAL G 86 32.92 -11.80 -20.64
CA VAL G 86 33.53 -12.47 -21.78
C VAL G 86 34.94 -11.98 -22.12
N CYS G 87 35.66 -12.82 -22.86
CA CYS G 87 36.89 -12.40 -23.55
C CYS G 87 36.61 -12.55 -25.03
N TYR G 88 36.26 -13.76 -25.45
CA TYR G 88 35.74 -13.99 -26.79
C TYR G 88 34.29 -13.50 -26.82
N PRO G 89 33.94 -12.71 -27.85
CA PRO G 89 32.62 -12.08 -28.00
C PRO G 89 31.46 -13.07 -27.91
N GLY G 90 30.40 -12.68 -27.23
CA GLY G 90 29.25 -13.55 -27.07
C GLY G 90 28.25 -13.08 -26.04
N LYS G 91 27.25 -13.92 -25.78
CA LYS G 91 26.18 -13.53 -24.87
C LYS G 91 25.45 -14.75 -24.31
N PHE G 92 24.90 -14.60 -23.10
CA PHE G 92 24.07 -15.62 -22.47
C PHE G 92 22.60 -15.47 -22.87
N VAL G 93 21.95 -16.59 -23.16
CA VAL G 93 20.50 -16.57 -23.32
C VAL G 93 19.90 -16.64 -21.92
N ASN G 94 18.86 -15.84 -21.68
CA ASN G 94 18.31 -15.68 -20.33
C ASN G 94 19.36 -15.26 -19.31
N GLU G 95 20.17 -14.26 -19.65
CA GLU G 95 21.30 -13.87 -18.82
C GLU G 95 20.90 -13.37 -17.43
N GLU G 96 19.84 -12.56 -17.36
CA GLU G 96 19.48 -11.91 -16.10
C GLU G 96 18.92 -12.90 -15.09
N ALA G 97 18.23 -13.92 -15.58
CA ALA G 97 17.74 -14.99 -14.71
C ALA G 97 18.92 -15.71 -14.06
N LEU G 98 19.97 -15.92 -14.85
CA LEU G 98 21.17 -16.59 -14.35
C LEU G 98 21.90 -15.74 -13.32
N ARG G 99 21.98 -14.43 -13.57
CA ARG G 99 22.60 -13.51 -12.61
C ARG G 99 21.88 -13.53 -11.26
N GLN G 100 20.55 -13.58 -11.31
CA GLN G 100 19.75 -13.61 -10.09
C GLN G 100 19.98 -14.92 -9.33
N ILE G 101 20.13 -16.01 -10.06
CA ILE G 101 20.45 -17.30 -9.46
C ILE G 101 21.81 -17.25 -8.77
N LEU G 102 22.78 -16.58 -9.40
CA LEU G 102 24.14 -16.52 -8.90
C LEU G 102 24.32 -15.53 -7.74
N ARG G 103 23.55 -14.45 -7.76
CA ARG G 103 23.61 -13.44 -6.70
C ARG G 103 23.22 -14.02 -5.34
N GLU G 104 22.36 -15.03 -5.37
CA GLU G 104 21.87 -15.66 -4.14
C GLU G 104 22.44 -17.05 -3.96
N SER G 105 23.48 -17.36 -4.72
CA SER G 105 24.06 -18.70 -4.74
C SER G 105 24.85 -19.03 -3.48
N GLY G 106 25.50 -18.02 -2.92
CA GLY G 106 26.40 -18.25 -1.80
C GLY G 106 27.77 -18.61 -2.33
N GLY G 107 27.93 -18.49 -3.64
CA GLY G 107 29.15 -18.88 -4.33
C GLY G 107 28.94 -20.16 -5.09
N ILE G 108 29.96 -20.62 -5.81
CA ILE G 108 29.84 -21.82 -6.61
C ILE G 108 30.95 -22.83 -6.35
N ASP G 109 30.62 -24.10 -6.56
CA ASP G 109 31.56 -25.20 -6.43
C ASP G 109 31.65 -25.93 -7.77
N LYS G 110 32.86 -26.01 -8.32
CA LYS G 110 33.04 -26.60 -9.65
C LYS G 110 33.49 -28.05 -9.58
N GLU G 111 32.89 -28.88 -10.44
CA GLU G 111 33.25 -30.28 -10.54
C GLU G 111 33.55 -30.66 -11.98
N ALA G 112 34.60 -31.44 -12.19
CA ALA G 112 34.97 -31.90 -13.52
C ALA G 112 33.89 -32.83 -14.07
N MET G 113 33.59 -32.68 -15.36
CA MET G 113 32.52 -33.46 -15.97
C MET G 113 33.05 -34.72 -16.64
N GLY G 114 34.37 -34.80 -16.82
CA GLY G 114 35.01 -36.01 -17.29
C GLY G 114 34.85 -36.29 -18.77
N PHE G 115 34.78 -35.23 -19.58
CA PHE G 115 34.69 -35.38 -21.03
C PHE G 115 36.05 -35.68 -21.65
N THR G 116 36.10 -36.74 -22.44
CA THR G 116 37.29 -37.09 -23.20
C THR G 116 37.00 -37.04 -24.69
N TYR G 117 38.01 -36.67 -25.48
CA TYR G 117 37.82 -36.49 -26.92
C TYR G 117 38.86 -37.24 -27.71
N SER G 118 38.52 -37.65 -28.93
CA SER G 118 39.46 -38.35 -29.79
C SER G 118 39.36 -37.92 -31.26
N GLY G 119 40.52 -37.72 -31.88
CA GLY G 119 40.59 -37.37 -33.28
C GLY G 119 40.21 -35.93 -33.58
N ILE G 120 40.22 -35.08 -32.56
CA ILE G 120 39.86 -33.67 -32.71
C ILE G 120 40.80 -32.75 -31.95
N ARG G 121 40.81 -31.47 -32.33
CA ARG G 121 41.52 -30.46 -31.56
C ARG G 121 40.65 -29.94 -30.42
N THR G 122 41.23 -29.87 -29.22
CA THR G 122 40.51 -29.36 -28.06
C THR G 122 41.20 -28.10 -27.54
N ASN G 123 42.17 -27.61 -28.29
CA ASN G 123 43.04 -26.54 -27.85
C ASN G 123 42.72 -25.21 -28.50
N GLY G 124 41.50 -25.09 -29.03
CA GLY G 124 41.07 -23.85 -29.68
C GLY G 124 41.31 -22.63 -28.80
N ALA G 125 42.00 -21.64 -29.38
CA ALA G 125 42.38 -20.46 -28.62
C ALA G 125 42.28 -19.20 -29.46
N THR G 126 42.35 -18.05 -28.79
CA THR G 126 42.29 -16.75 -29.45
C THR G 126 43.11 -15.74 -28.66
N SER G 127 43.55 -14.68 -29.32
CA SER G 127 44.36 -13.65 -28.68
C SER G 127 43.52 -12.72 -27.81
N ALA G 128 42.20 -12.85 -27.90
CA ALA G 128 41.27 -12.08 -27.09
C ALA G 128 41.35 -12.47 -25.62
N CYS G 129 41.51 -13.77 -25.38
CA CYS G 129 41.61 -14.30 -24.02
C CYS G 129 43.08 -14.50 -23.65
N ARG G 130 43.72 -13.42 -23.19
CA ARG G 130 45.15 -13.45 -22.91
C ARG G 130 45.45 -14.11 -21.57
N ARG G 131 45.98 -15.32 -21.64
CA ARG G 131 46.42 -16.04 -20.46
C ARG G 131 47.80 -16.64 -20.69
N SER G 132 48.83 -15.79 -20.57
CA SER G 132 50.21 -16.15 -20.89
C SER G 132 50.31 -16.63 -22.34
N GLY G 133 49.53 -16.01 -23.21
CA GLY G 133 49.46 -16.39 -24.61
C GLY G 133 48.02 -16.52 -25.04
N SER G 134 47.79 -16.99 -26.26
CA SER G 134 46.44 -17.22 -26.74
C SER G 134 45.78 -18.34 -25.94
N SER G 135 44.59 -18.07 -25.43
CA SER G 135 43.87 -19.04 -24.61
C SER G 135 42.38 -19.04 -24.90
N PHE G 136 41.61 -19.60 -23.98
CA PHE G 136 40.16 -19.66 -24.11
C PHE G 136 39.54 -19.63 -22.71
N TYR G 137 38.23 -19.80 -22.64
CA TYR G 137 37.54 -19.87 -21.35
C TYR G 137 38.06 -21.06 -20.53
N ALA G 138 38.38 -20.81 -19.27
CA ALA G 138 39.03 -21.79 -18.41
C ALA G 138 38.16 -23.04 -18.15
N GLU G 139 36.85 -22.86 -18.20
CA GLU G 139 35.92 -23.94 -17.90
C GLU G 139 35.28 -24.51 -19.17
N MET G 140 35.67 -23.97 -20.31
CA MET G 140 35.14 -24.40 -21.59
C MET G 140 36.25 -24.94 -22.47
N LYS G 141 35.87 -25.67 -23.52
CA LYS G 141 36.82 -26.15 -24.51
C LYS G 141 36.31 -25.91 -25.92
N TRP G 142 37.17 -25.31 -26.75
CA TRP G 142 36.83 -25.02 -28.13
C TRP G 142 37.20 -26.22 -29.00
N LEU G 143 36.19 -26.97 -29.44
CA LEU G 143 36.42 -28.20 -30.18
C LEU G 143 36.58 -27.94 -31.68
N LEU G 144 37.63 -28.51 -32.27
CA LEU G 144 37.91 -28.30 -33.69
C LEU G 144 38.25 -29.61 -34.39
N SER G 145 38.25 -29.59 -35.73
CA SER G 145 38.73 -30.71 -36.51
C SER G 145 40.26 -30.72 -36.46
N ASN G 146 40.85 -31.90 -36.68
CA ASN G 146 42.31 -32.02 -36.66
C ASN G 146 42.99 -31.11 -37.69
N THR G 147 42.48 -31.17 -38.93
CA THR G 147 43.02 -30.33 -39.99
C THR G 147 41.89 -29.55 -40.66
N ASP G 148 42.27 -28.48 -41.35
CA ASP G 148 41.31 -27.60 -42.02
C ASP G 148 40.44 -28.32 -43.04
N ASN G 149 39.14 -28.01 -43.01
CA ASN G 149 38.14 -28.52 -43.95
C ASN G 149 37.88 -30.02 -43.80
N ALA G 150 38.50 -30.65 -42.81
CA ALA G 150 38.25 -32.06 -42.53
C ALA G 150 36.88 -32.19 -41.90
N ALA G 151 36.21 -33.32 -42.14
CA ALA G 151 34.89 -33.54 -41.59
C ALA G 151 34.99 -33.69 -40.07
N PHE G 152 34.06 -33.05 -39.37
CA PHE G 152 34.03 -33.17 -37.91
C PHE G 152 33.11 -34.35 -37.63
N PRO G 153 33.61 -35.34 -36.90
CA PRO G 153 32.79 -36.54 -36.67
C PRO G 153 31.53 -36.26 -35.85
N GLN G 154 30.56 -37.17 -35.95
CA GLN G 154 29.33 -37.05 -35.19
C GLN G 154 29.60 -37.68 -33.82
N MET G 155 29.41 -36.90 -32.76
CA MET G 155 29.77 -37.35 -31.42
C MET G 155 28.62 -37.22 -30.44
N THR G 156 28.66 -38.05 -29.39
CA THR G 156 27.67 -38.00 -28.34
C THR G 156 28.34 -38.11 -26.97
N LYS G 157 28.13 -37.11 -26.13
CA LYS G 157 28.70 -37.07 -24.79
C LYS G 157 27.63 -36.92 -23.71
N SER G 158 27.78 -37.65 -22.61
CA SER G 158 26.82 -37.58 -21.51
C SER G 158 27.50 -37.34 -20.16
N TYR G 159 26.78 -36.65 -19.28
CA TYR G 159 27.28 -36.37 -17.93
C TYR G 159 26.15 -36.54 -16.91
N LYS G 160 26.41 -37.30 -15.85
CA LYS G 160 25.40 -37.52 -14.83
C LYS G 160 25.67 -36.74 -13.56
N ASN G 161 24.65 -36.02 -13.08
CA ASN G 161 24.74 -35.28 -11.84
C ASN G 161 24.49 -36.21 -10.65
N THR G 162 25.56 -36.53 -9.92
CA THR G 162 25.46 -37.49 -8.83
C THR G 162 25.47 -36.83 -7.44
N ARG G 163 25.33 -35.51 -7.40
CA ARG G 163 25.25 -34.78 -6.14
C ARG G 163 23.80 -34.57 -5.71
N LYS G 164 23.62 -34.00 -4.52
CA LYS G 164 22.29 -33.83 -3.93
C LYS G 164 21.62 -32.54 -4.39
N SER G 165 22.42 -31.56 -4.80
CA SER G 165 21.88 -30.29 -5.29
C SER G 165 21.94 -30.22 -6.81
N PRO G 166 21.09 -29.39 -7.43
CA PRO G 166 21.07 -29.27 -8.90
C PRO G 166 22.37 -28.72 -9.45
N ALA G 167 22.72 -29.14 -10.67
CA ALA G 167 23.97 -28.74 -11.30
C ALA G 167 23.77 -27.72 -12.42
N LEU G 168 24.53 -26.63 -12.38
CA LEU G 168 24.52 -25.64 -13.44
C LEU G 168 25.45 -26.06 -14.59
N ILE G 169 24.88 -26.27 -15.76
CA ILE G 169 25.64 -26.70 -16.93
C ILE G 169 25.59 -25.64 -18.02
N VAL G 170 26.75 -25.25 -18.54
CA VAL G 170 26.82 -24.23 -19.58
C VAL G 170 27.59 -24.71 -20.80
N TRP G 171 27.05 -24.44 -21.99
CA TRP G 171 27.74 -24.73 -23.23
C TRP G 171 27.60 -23.57 -24.20
N GLY G 172 28.36 -23.61 -25.29
CA GLY G 172 28.35 -22.54 -26.26
C GLY G 172 28.15 -23.00 -27.69
N ILE G 173 27.54 -22.13 -28.50
CA ILE G 173 27.42 -22.38 -29.93
C ILE G 173 28.23 -21.32 -30.65
N HIS G 174 29.16 -21.75 -31.48
CA HIS G 174 30.06 -20.81 -32.15
C HIS G 174 29.52 -20.34 -33.50
N HIS G 175 29.43 -19.03 -33.65
CA HIS G 175 29.00 -18.43 -34.92
C HIS G 175 30.19 -17.78 -35.63
N SER G 176 30.68 -18.43 -36.68
CA SER G 176 31.85 -17.95 -37.42
C SER G 176 31.52 -16.72 -38.26
N VAL G 177 32.54 -15.99 -38.67
CA VAL G 177 32.35 -14.76 -39.45
C VAL G 177 31.81 -15.07 -40.85
N SER G 178 32.17 -16.23 -41.38
CA SER G 178 31.75 -16.60 -42.73
C SER G 178 31.45 -18.09 -42.85
N THR G 179 30.75 -18.45 -43.93
CA THR G 179 30.47 -19.85 -44.23
C THR G 179 31.78 -20.60 -44.46
N ALA G 180 32.72 -19.91 -45.09
CA ALA G 180 34.05 -20.45 -45.37
C ALA G 180 34.80 -20.77 -44.07
N GLU G 181 34.75 -19.82 -43.13
CA GLU G 181 35.43 -19.99 -41.85
C GLU G 181 34.82 -21.14 -41.05
N GLN G 182 33.51 -21.28 -41.10
CA GLN G 182 32.85 -22.40 -40.43
C GLN G 182 33.34 -23.73 -40.99
N THR G 183 33.43 -23.80 -42.31
CA THR G 183 33.92 -25.00 -42.98
C THR G 183 35.39 -25.26 -42.65
N LYS G 184 36.19 -24.20 -42.57
CA LYS G 184 37.61 -24.33 -42.28
C LYS G 184 37.84 -24.95 -40.90
N LEU G 185 37.00 -24.58 -39.94
CA LEU G 185 37.14 -25.07 -38.57
C LEU G 185 36.51 -26.45 -38.35
N TYR G 186 35.36 -26.68 -38.97
CA TYR G 186 34.57 -27.88 -38.65
C TYR G 186 34.19 -28.73 -39.87
N GLY G 187 34.66 -28.35 -41.04
CA GLY G 187 34.30 -29.05 -42.26
C GLY G 187 32.99 -28.58 -42.85
N SER G 188 32.71 -29.03 -44.07
CA SER G 188 31.50 -28.62 -44.78
C SER G 188 30.28 -29.41 -44.31
N GLY G 189 29.11 -29.00 -44.78
CA GLY G 189 27.87 -29.70 -44.46
C GLY G 189 27.06 -29.01 -43.37
N ASN G 190 25.81 -29.45 -43.23
CA ASN G 190 24.92 -28.89 -42.22
C ASN G 190 25.43 -29.18 -40.81
N LYS G 191 25.36 -28.18 -39.95
CA LYS G 191 25.85 -28.33 -38.58
C LYS G 191 24.69 -28.35 -37.60
N LEU G 192 24.62 -29.39 -36.77
CA LEU G 192 23.54 -29.50 -35.80
C LEU G 192 24.08 -29.88 -34.42
N VAL G 193 23.59 -29.19 -33.40
CA VAL G 193 23.90 -29.53 -32.02
C VAL G 193 22.60 -29.76 -31.27
N THR G 194 22.45 -30.93 -30.67
CA THR G 194 21.27 -31.23 -29.89
C THR G 194 21.64 -31.47 -28.45
N VAL G 195 20.90 -30.83 -27.55
CA VAL G 195 21.13 -30.97 -26.12
C VAL G 195 19.88 -31.54 -25.48
N GLY G 196 20.03 -32.64 -24.74
CA GLY G 196 18.87 -33.30 -24.18
C GLY G 196 19.01 -33.68 -22.73
N SER G 197 17.93 -33.51 -21.97
CA SER G 197 17.86 -33.96 -20.59
C SER G 197 16.50 -34.59 -20.39
N SER G 198 16.14 -34.82 -19.13
CA SER G 198 14.84 -35.38 -18.81
C SER G 198 13.72 -34.36 -19.02
N ASN G 199 14.01 -33.09 -18.70
CA ASN G 199 13.03 -32.03 -18.84
C ASN G 199 13.44 -30.93 -19.84
N TYR G 200 14.50 -31.17 -20.60
CA TYR G 200 14.99 -30.17 -21.54
C TYR G 200 15.45 -30.79 -22.85
N GLN G 201 15.01 -30.19 -23.95
CA GLN G 201 15.40 -30.61 -25.30
C GLN G 201 15.37 -29.43 -26.27
N GLN G 202 16.51 -29.12 -26.88
CA GLN G 202 16.63 -28.00 -27.79
C GLN G 202 17.64 -28.34 -28.87
N SER G 203 17.50 -27.73 -30.04
CA SER G 203 18.46 -27.95 -31.12
C SER G 203 19.04 -26.62 -31.54
N PHE G 204 20.26 -26.63 -32.04
CA PHE G 204 20.94 -25.40 -32.43
C PHE G 204 21.67 -25.56 -33.76
N VAL G 205 21.54 -24.55 -34.61
CA VAL G 205 22.28 -24.50 -35.85
C VAL G 205 23.06 -23.20 -35.84
N PRO G 206 24.37 -23.27 -36.13
CA PRO G 206 25.18 -22.04 -36.15
C PRO G 206 24.79 -21.13 -37.30
N SER G 207 24.84 -19.83 -37.05
CA SER G 207 24.51 -18.84 -38.06
C SER G 207 25.74 -17.99 -38.38
N PRO G 208 26.56 -18.46 -39.33
CA PRO G 208 27.76 -17.73 -39.74
C PRO G 208 27.44 -16.37 -40.35
N GLY G 209 28.15 -15.35 -39.92
CA GLY G 209 27.92 -14.00 -40.39
C GLY G 209 28.82 -12.98 -39.72
N ALA G 210 28.95 -11.82 -40.34
CA ALA G 210 29.80 -10.76 -39.80
C ALA G 210 29.07 -9.95 -38.74
N ARG G 211 29.74 -9.74 -37.61
CA ARG G 211 29.23 -8.89 -36.53
C ARG G 211 30.28 -7.83 -36.21
N PRO G 212 29.87 -6.74 -35.54
CA PRO G 212 30.82 -5.70 -35.17
C PRO G 212 31.94 -6.26 -34.30
N GLN G 213 33.15 -5.74 -34.45
CA GLN G 213 34.26 -6.29 -33.69
C GLN G 213 34.21 -5.87 -32.23
N VAL G 214 34.21 -6.88 -31.37
CA VAL G 214 34.37 -6.70 -29.94
C VAL G 214 35.63 -7.47 -29.56
N ASN G 215 36.62 -6.78 -29.01
CA ASN G 215 37.92 -7.38 -28.71
C ASN G 215 38.60 -7.97 -29.95
N GLY G 216 38.34 -7.38 -31.12
CA GLY G 216 38.96 -7.78 -32.37
C GLY G 216 38.38 -8.95 -33.15
N LEU G 217 37.28 -9.51 -32.66
CA LEU G 217 36.62 -10.65 -33.27
C LEU G 217 35.22 -10.32 -33.80
N SER G 218 34.91 -10.78 -35.02
CA SER G 218 33.60 -10.53 -35.61
C SER G 218 32.70 -11.75 -35.43
N GLY G 219 33.29 -12.83 -34.90
CA GLY G 219 32.54 -14.02 -34.59
C GLY G 219 31.80 -13.85 -33.27
N ARG G 220 30.84 -14.74 -33.02
CA ARG G 220 30.07 -14.69 -31.76
C ARG G 220 29.80 -16.08 -31.18
N ILE G 221 29.71 -16.14 -29.86
CA ILE G 221 29.33 -17.35 -29.14
C ILE G 221 28.01 -17.20 -28.40
N ASP G 222 27.09 -18.13 -28.61
CA ASP G 222 25.85 -18.12 -27.84
C ASP G 222 25.98 -19.10 -26.70
N PHE G 223 25.92 -18.58 -25.48
CA PHE G 223 26.01 -19.42 -24.29
C PHE G 223 24.62 -19.82 -23.83
N HIS G 224 24.46 -21.12 -23.56
CA HIS G 224 23.19 -21.63 -23.08
C HIS G 224 23.41 -22.38 -21.77
N TRP G 225 22.36 -22.49 -20.97
CA TRP G 225 22.48 -23.15 -19.68
C TRP G 225 21.20 -23.85 -19.28
N LEU G 226 21.33 -24.84 -18.41
CA LEU G 226 20.19 -25.52 -17.81
C LEU G 226 20.50 -25.90 -16.38
N MET G 227 19.46 -26.20 -15.60
CA MET G 227 19.64 -26.72 -14.26
C MET G 227 19.38 -28.22 -14.29
N LEU G 228 20.42 -29.00 -13.99
CA LEU G 228 20.33 -30.46 -14.04
C LEU G 228 20.02 -31.06 -12.68
N ASN G 229 18.86 -31.69 -12.57
CA ASN G 229 18.43 -32.35 -11.34
C ASN G 229 19.37 -33.48 -10.94
N PRO G 230 19.42 -33.80 -9.63
CA PRO G 230 20.23 -34.93 -9.14
C PRO G 230 19.87 -36.26 -9.82
N ASN G 231 20.90 -37.03 -10.16
CA ASN G 231 20.76 -38.34 -10.80
C ASN G 231 20.21 -38.25 -12.23
N ASP G 232 20.22 -37.04 -12.79
CA ASP G 232 19.81 -36.86 -14.17
C ASP G 232 21.05 -36.63 -15.05
N THR G 233 20.90 -36.87 -16.35
CA THR G 233 22.01 -36.77 -17.27
C THR G 233 21.72 -35.76 -18.40
N VAL G 234 22.73 -35.01 -18.81
CA VAL G 234 22.63 -34.16 -19.98
C VAL G 234 23.42 -34.80 -21.11
N THR G 235 22.82 -34.86 -22.28
CA THR G 235 23.46 -35.50 -23.43
C THR G 235 23.72 -34.49 -24.53
N PHE G 236 24.96 -34.44 -24.99
CA PHE G 236 25.34 -33.54 -26.06
C PHE G 236 25.59 -34.30 -27.35
N SER G 237 24.80 -34.01 -28.36
CA SER G 237 25.00 -34.58 -29.68
C SER G 237 25.33 -33.43 -30.62
N PHE G 238 26.47 -33.53 -31.29
CA PHE G 238 26.96 -32.42 -32.09
C PHE G 238 27.91 -32.88 -33.19
N ASN G 239 27.92 -32.15 -34.29
CA ASN G 239 28.82 -32.44 -35.41
C ASN G 239 29.77 -31.29 -35.71
N GLY G 240 29.83 -30.30 -34.83
CA GLY G 240 30.74 -29.18 -35.00
C GLY G 240 30.23 -27.90 -34.37
N ALA G 241 31.06 -26.86 -34.40
CA ALA G 241 30.69 -25.53 -33.90
C ALA G 241 30.21 -25.56 -32.46
N PHE G 242 30.82 -26.43 -31.66
CA PHE G 242 30.37 -26.66 -30.29
C PHE G 242 31.44 -26.26 -29.27
N ILE G 243 31.04 -25.41 -28.32
CA ILE G 243 31.91 -25.06 -27.21
C ILE G 243 31.51 -25.90 -26.00
N ALA G 244 32.34 -26.89 -25.68
CA ALA G 244 31.99 -27.89 -24.69
C ALA G 244 32.37 -27.47 -23.28
N PRO G 245 31.51 -27.79 -22.30
CA PRO G 245 31.83 -27.56 -20.89
C PRO G 245 32.91 -28.51 -20.40
N ASP G 246 33.78 -28.01 -19.52
CA ASP G 246 34.80 -28.85 -18.91
C ASP G 246 34.42 -29.19 -17.48
N ARG G 247 33.76 -28.24 -16.82
CA ARG G 247 33.34 -28.41 -15.44
C ARG G 247 31.91 -27.93 -15.21
N ALA G 248 31.21 -28.60 -14.29
CA ALA G 248 29.87 -28.19 -13.89
C ALA G 248 29.91 -27.36 -12.62
N SER G 249 28.85 -26.61 -12.35
CA SER G 249 28.80 -25.73 -11.18
C SER G 249 27.71 -26.14 -10.19
N PHE G 250 27.97 -25.89 -8.91
CA PHE G 250 27.00 -26.17 -7.86
C PHE G 250 26.90 -24.99 -6.89
N LEU G 251 25.68 -24.66 -6.49
CA LEU G 251 25.46 -23.51 -5.61
C LEU G 251 25.76 -23.89 -4.17
N ARG G 252 26.53 -23.02 -3.49
CA ARG G 252 27.01 -23.32 -2.14
C ARG G 252 25.93 -23.16 -1.06
N GLY G 253 25.22 -22.04 -1.08
CA GLY G 253 24.21 -21.78 -0.07
C GLY G 253 23.37 -20.54 -0.33
N LYS G 254 23.53 -19.54 0.52
CA LYS G 254 22.73 -18.32 0.43
C LYS G 254 23.60 -17.07 0.47
N SER G 255 23.26 -16.10 -0.38
CA SER G 255 23.98 -14.83 -0.41
C SER G 255 23.11 -13.72 -0.99
N MET G 256 23.61 -12.49 -0.92
CA MET G 256 22.96 -11.36 -1.55
C MET G 256 23.93 -10.67 -2.50
N GLY G 257 23.42 -10.18 -3.62
CA GLY G 257 24.25 -9.50 -4.58
C GLY G 257 23.88 -8.04 -4.72
N ILE G 258 24.88 -7.18 -4.85
CA ILE G 258 24.64 -5.76 -5.07
C ILE G 258 25.50 -5.22 -6.20
N GLN G 259 25.13 -4.05 -6.70
CA GLN G 259 25.92 -3.34 -7.69
C GLN G 259 26.33 -2.00 -7.10
N SER G 260 27.62 -1.70 -7.14
CA SER G 260 28.13 -0.50 -6.48
C SER G 260 29.31 0.13 -7.20
N GLY G 261 29.49 1.42 -6.98
CA GLY G 261 30.62 2.15 -7.53
C GLY G 261 31.49 2.77 -6.44
N VAL G 262 31.35 2.27 -5.22
CA VAL G 262 32.10 2.81 -4.09
C VAL G 262 32.91 1.72 -3.38
N GLN G 263 33.85 2.15 -2.55
CA GLN G 263 34.81 1.26 -1.90
C GLN G 263 34.20 0.39 -0.80
N VAL G 264 34.84 -0.74 -0.55
CA VAL G 264 34.44 -1.65 0.54
C VAL G 264 35.08 -1.24 1.87
N ASP G 265 34.36 -1.46 2.97
CA ASP G 265 34.87 -1.18 4.30
C ASP G 265 34.54 -2.35 5.23
N ALA G 266 35.58 -3.07 5.65
CA ALA G 266 35.42 -4.23 6.51
C ALA G 266 35.27 -3.85 7.99
N ASN G 267 35.47 -2.57 8.29
CA ASN G 267 35.41 -2.12 9.69
C ASN G 267 34.02 -1.71 10.15
N CYS G 268 33.20 -1.18 9.24
CA CYS G 268 31.81 -0.85 9.58
C CYS G 268 30.88 -1.99 9.16
N GLU G 269 29.79 -2.16 9.90
CA GLU G 269 28.79 -3.17 9.56
C GLU G 269 27.44 -2.53 9.20
N GLY G 270 26.81 -3.04 8.16
CA GLY G 270 25.54 -2.52 7.70
C GLY G 270 24.66 -3.61 7.11
N ASP G 271 23.42 -3.26 6.78
CA ASP G 271 22.47 -4.24 6.27
C ASP G 271 21.66 -3.70 5.10
N CYS G 272 21.82 -2.42 4.81
CA CYS G 272 21.10 -1.78 3.72
C CYS G 272 22.08 -1.17 2.72
N TYR G 273 22.05 -1.66 1.48
CA TYR G 273 23.02 -1.23 0.48
C TYR G 273 22.35 -0.64 -0.76
N HIS G 274 23.07 0.26 -1.42
CA HIS G 274 22.72 0.74 -2.75
C HIS G 274 24.02 1.04 -3.49
N SER G 275 23.91 1.52 -4.73
CA SER G 275 25.09 1.75 -5.56
C SER G 275 26.00 2.84 -4.98
N GLY G 276 25.42 3.72 -4.18
CA GLY G 276 26.17 4.83 -3.62
C GLY G 276 26.77 4.58 -2.24
N GLY G 277 26.42 3.46 -1.63
CA GLY G 277 26.97 3.12 -0.33
C GLY G 277 26.05 2.34 0.59
N THR G 278 26.16 2.62 1.88
CA THR G 278 25.40 1.90 2.90
C THR G 278 24.52 2.86 3.69
N ILE G 279 23.27 2.45 3.93
CA ILE G 279 22.38 3.24 4.77
C ILE G 279 22.34 2.67 6.18
N ILE G 280 22.97 3.38 7.10
CA ILE G 280 22.96 3.00 8.51
C ILE G 280 22.12 4.01 9.30
N SER G 281 20.94 3.58 9.73
CA SER G 281 19.98 4.51 10.31
C SER G 281 18.93 3.82 11.18
N ASN G 282 18.45 4.56 12.18
CA ASN G 282 17.36 4.07 13.02
C ASN G 282 16.01 4.60 12.55
N LEU G 283 16.07 5.56 11.62
CA LEU G 283 14.86 6.19 11.10
C LEU G 283 14.05 5.21 10.25
N PRO G 284 12.71 5.34 10.28
CA PRO G 284 11.83 4.42 9.57
C PRO G 284 11.77 4.65 8.05
N PHE G 285 12.17 5.83 7.61
CA PHE G 285 12.10 6.18 6.19
C PHE G 285 13.45 6.70 5.66
N GLN G 286 13.62 6.63 4.35
CA GLN G 286 14.81 7.17 3.70
C GLN G 286 14.47 7.76 2.34
N ASN G 287 15.25 8.76 1.93
CA ASN G 287 15.04 9.45 0.66
C ASN G 287 16.32 9.42 -0.17
N ILE G 288 17.10 8.36 -0.01
CA ILE G 288 18.38 8.23 -0.68
C ILE G 288 18.29 7.46 -2.00
N ASP G 289 17.82 6.22 -1.93
CA ASP G 289 17.74 5.37 -3.12
C ASP G 289 16.55 4.42 -3.03
N SER G 290 15.65 4.51 -4.01
CA SER G 290 14.46 3.68 -4.05
C SER G 290 14.75 2.22 -4.38
N ARG G 291 15.96 1.95 -4.86
CA ARG G 291 16.33 0.60 -5.28
C ARG G 291 17.30 -0.06 -4.30
N ALA G 292 17.42 0.52 -3.11
CA ALA G 292 18.21 -0.07 -2.03
C ALA G 292 17.78 -1.49 -1.71
N VAL G 293 18.76 -2.35 -1.40
CA VAL G 293 18.47 -3.75 -1.11
C VAL G 293 19.03 -4.15 0.26
N GLY G 294 18.49 -5.22 0.82
CA GLY G 294 18.86 -5.66 2.15
C GLY G 294 17.72 -5.45 3.13
N LYS G 295 18.06 -5.05 4.35
CA LYS G 295 17.07 -4.68 5.34
C LYS G 295 17.07 -3.16 5.52
N CYS G 296 16.12 -2.49 4.88
CA CYS G 296 16.18 -1.05 4.68
C CYS G 296 14.97 -0.32 5.26
N PRO G 297 15.12 0.98 5.55
CA PRO G 297 13.94 1.81 5.77
C PRO G 297 13.16 1.92 4.48
N ARG G 298 11.88 2.26 4.54
CA ARG G 298 11.09 2.35 3.34
C ARG G 298 11.39 3.66 2.60
N TYR G 299 11.49 3.59 1.28
CA TYR G 299 11.75 4.77 0.47
C TYR G 299 10.52 5.66 0.39
N VAL G 300 10.73 6.96 0.56
CA VAL G 300 9.67 7.94 0.42
C VAL G 300 10.15 9.11 -0.43
N LYS G 301 9.20 9.84 -1.01
CA LYS G 301 9.50 10.98 -1.87
C LYS G 301 10.00 12.21 -1.11
N GLN G 302 9.52 12.39 0.12
CA GLN G 302 9.81 13.59 0.90
C GLN G 302 11.24 13.57 1.48
N ARG G 303 11.91 14.71 1.49
CA ARG G 303 13.23 14.80 2.13
C ARG G 303 13.11 14.87 3.64
N SER G 304 12.07 15.57 4.11
CA SER G 304 11.94 15.82 5.54
C SER G 304 10.51 15.63 6.05
N LEU G 305 10.40 14.90 7.16
CA LEU G 305 9.14 14.78 7.89
C LEU G 305 9.47 14.86 9.37
N LEU G 306 9.27 16.04 9.95
CA LEU G 306 9.66 16.28 11.33
C LEU G 306 8.62 15.79 12.32
N LEU G 307 9.07 14.98 13.27
CA LEU G 307 8.20 14.43 14.30
C LEU G 307 8.36 15.21 15.61
N ALA G 308 7.26 15.72 16.13
CA ALA G 308 7.27 16.49 17.37
C ALA G 308 7.69 15.60 18.55
N THR G 309 8.63 16.09 19.35
CA THR G 309 9.08 15.38 20.54
C THR G 309 8.88 16.24 21.78
N GLY G 310 8.09 17.30 21.63
CA GLY G 310 7.80 18.20 22.72
C GLY G 310 6.46 18.87 22.51
N MET G 311 5.99 19.59 23.52
CA MET G 311 4.69 20.25 23.46
C MET G 311 4.69 21.44 22.51
N LYS G 312 3.51 21.99 22.26
CA LYS G 312 3.36 23.19 21.45
C LYS G 312 4.09 24.35 22.13
N ASN G 313 4.83 25.12 21.35
CA ASN G 313 5.58 26.24 21.90
C ASN G 313 4.76 27.51 21.94
N VAL G 314 4.49 27.99 23.15
CA VAL G 314 3.75 29.24 23.34
C VAL G 314 4.64 30.25 24.04
N PRO G 315 5.12 31.26 23.29
CA PRO G 315 6.02 32.27 23.81
C PRO G 315 5.45 33.02 25.01
N GLU G 316 6.33 33.52 25.87
CA GLU G 316 5.95 34.27 27.06
C GLU G 316 5.70 35.73 26.73
N ILE G 317 4.69 36.32 27.36
CA ILE G 317 4.34 37.71 27.10
C ILE G 317 5.08 38.63 28.08
N PRO G 318 5.77 39.65 27.53
CA PRO G 318 6.58 40.62 28.28
C PRO G 318 5.80 41.32 29.39
N GLY H 4 4.93 43.19 38.26
CA GLY H 4 5.40 41.89 38.69
C GLY H 4 4.28 40.88 38.89
N ALA H 5 3.25 40.99 38.06
CA ALA H 5 2.11 40.08 38.10
C ALA H 5 2.44 38.79 37.35
N ILE H 6 1.86 37.68 37.79
CA ILE H 6 2.14 36.39 37.16
C ILE H 6 0.90 35.78 36.53
N ALA H 7 1.10 35.00 35.47
CA ALA H 7 0.00 34.39 34.72
C ALA H 7 0.29 32.95 34.36
N GLY H 8 -0.77 32.15 34.25
CA GLY H 8 -0.66 30.73 33.98
C GLY H 8 -0.63 30.33 32.51
N PHE H 9 -0.89 29.05 32.26
CA PHE H 9 -0.75 28.45 30.94
C PHE H 9 -1.75 28.94 29.89
N ILE H 10 -2.94 29.32 30.34
CA ILE H 10 -3.98 29.80 29.42
C ILE H 10 -3.48 31.04 28.68
N GLU H 11 -2.74 31.86 29.40
CA GLU H 11 -2.21 33.10 28.85
C GLU H 11 -1.02 32.82 27.93
N ASN H 12 -0.04 32.08 28.44
CA ASN H 12 1.21 31.84 27.72
C ASN H 12 2.06 30.72 28.31
N GLY H 13 3.24 30.50 27.73
CA GLY H 13 4.22 29.57 28.28
C GLY H 13 5.28 30.28 29.12
N TRP H 14 6.05 29.51 29.87
CA TRP H 14 7.11 30.07 30.71
C TRP H 14 8.49 29.72 30.15
N GLU H 15 9.19 30.74 29.64
CA GLU H 15 10.51 30.53 29.06
C GLU H 15 11.59 30.36 30.13
N GLY H 16 11.19 30.48 31.40
CA GLY H 16 12.14 30.41 32.49
C GLY H 16 12.07 29.11 33.29
N LEU H 17 11.06 28.30 33.02
CA LEU H 17 10.96 26.99 33.65
C LEU H 17 12.01 26.09 33.03
N ILE H 18 12.92 25.55 33.85
CA ILE H 18 14.07 24.84 33.32
C ILE H 18 14.20 23.37 33.71
N ASP H 19 13.75 23.01 34.91
CA ASP H 19 13.92 21.64 35.40
C ASP H 19 12.64 20.82 35.27
N GLY H 20 11.88 21.04 34.19
CA GLY H 20 10.66 20.30 33.97
C GLY H 20 9.81 20.86 32.86
N TRP H 21 8.78 20.10 32.46
CA TRP H 21 7.88 20.52 31.39
C TRP H 21 6.71 21.29 31.95
N TYR H 22 6.32 20.96 33.18
CA TYR H 22 5.21 21.63 33.85
C TYR H 22 5.69 22.11 35.23
N GLY H 23 4.98 23.06 35.82
CA GLY H 23 5.41 23.58 37.11
C GLY H 23 4.45 24.51 37.84
N PHE H 24 4.90 24.98 38.99
CA PHE H 24 4.14 25.91 39.82
C PHE H 24 4.82 27.27 39.89
N ARG H 25 4.03 28.32 39.95
CA ARG H 25 4.56 29.66 40.20
C ARG H 25 3.64 30.35 41.20
N HIS H 26 4.19 30.83 42.31
CA HIS H 26 3.37 31.37 43.37
C HIS H 26 3.73 32.81 43.73
N GLN H 27 2.81 33.46 44.44
CA GLN H 27 2.97 34.84 44.85
C GLN H 27 2.45 35.02 46.28
N ASN H 28 3.34 35.40 47.19
CA ASN H 28 2.95 35.65 48.57
C ASN H 28 3.82 36.71 49.23
N ALA H 29 3.67 36.86 50.54
CA ALA H 29 4.38 37.89 51.30
C ALA H 29 5.90 37.71 51.22
N GLN H 30 6.35 36.46 51.21
CA GLN H 30 7.78 36.17 51.15
C GLN H 30 8.38 36.48 49.79
N GLY H 31 7.58 36.39 48.73
CA GLY H 31 8.06 36.70 47.40
C GLY H 31 7.51 35.81 46.29
N GLU H 32 8.20 35.79 45.17
CA GLU H 32 7.83 34.96 44.03
C GLU H 32 8.71 33.71 43.95
N GLY H 33 8.15 32.60 43.51
CA GLY H 33 8.91 31.38 43.35
C GLY H 33 8.37 30.48 42.26
N THR H 34 9.23 29.65 41.68
CA THR H 34 8.85 28.71 40.64
C THR H 34 9.43 27.32 40.89
N ALA H 35 8.61 26.29 40.74
CA ALA H 35 9.07 24.92 40.96
C ALA H 35 8.43 23.97 39.95
N ALA H 36 9.22 23.03 39.46
CA ALA H 36 8.75 22.05 38.48
C ALA H 36 7.95 20.92 39.12
N ASP H 37 6.99 20.39 38.36
CA ASP H 37 6.24 19.22 38.80
C ASP H 37 6.72 17.97 38.05
N TYR H 38 7.28 17.02 38.80
CA TYR H 38 7.95 15.87 38.21
C TYR H 38 6.98 14.81 37.66
N LYS H 39 5.91 14.53 38.39
CA LYS H 39 4.95 13.50 37.97
C LYS H 39 4.32 13.77 36.60
N SER H 40 3.83 14.99 36.40
CA SER H 40 3.19 15.36 35.15
C SER H 40 4.21 15.39 34.01
N THR H 41 5.39 15.95 34.30
CA THR H 41 6.48 15.99 33.33
C THR H 41 6.86 14.57 32.88
N GLN H 42 7.03 13.67 33.84
CA GLN H 42 7.40 12.29 33.55
C GLN H 42 6.34 11.58 32.71
N SER H 43 5.07 11.89 32.97
CA SER H 43 3.97 11.23 32.28
C SER H 43 3.95 11.59 30.80
N ALA H 44 4.12 12.88 30.51
CA ALA H 44 4.14 13.34 29.13
C ALA H 44 5.33 12.74 28.38
N ILE H 45 6.48 12.70 29.05
CA ILE H 45 7.70 12.15 28.47
C ILE H 45 7.54 10.65 28.23
N ASP H 46 6.84 9.97 29.13
CA ASP H 46 6.59 8.54 29.00
C ASP H 46 5.80 8.22 27.73
N GLN H 47 4.79 9.04 27.45
CA GLN H 47 3.93 8.82 26.29
C GLN H 47 4.68 9.07 24.98
N ILE H 48 5.49 10.12 24.96
CA ILE H 48 6.25 10.46 23.76
C ILE H 48 7.40 9.47 23.48
N THR H 49 8.08 9.01 24.53
CA THR H 49 9.15 8.03 24.35
C THR H 49 8.61 6.69 23.83
N GLY H 50 7.44 6.30 24.32
CA GLY H 50 6.78 5.09 23.87
C GLY H 50 6.46 5.20 22.39
N LYS H 51 6.04 6.41 22.00
CA LYS H 51 5.74 6.72 20.62
C LYS H 51 7.00 6.64 19.76
N LEU H 52 8.10 7.17 20.29
CA LEU H 52 9.40 7.15 19.60
C LEU H 52 9.94 5.73 19.49
N ASN H 53 9.65 4.91 20.50
CA ASN H 53 10.07 3.51 20.51
C ASN H 53 9.47 2.72 19.35
N ARG H 54 8.22 3.02 19.01
CA ARG H 54 7.53 2.37 17.89
C ARG H 54 8.16 2.76 16.56
N LEU H 55 8.58 4.01 16.46
CA LEU H 55 9.10 4.58 15.23
C LEU H 55 10.43 3.93 14.84
N ILE H 56 11.24 3.60 15.85
CA ILE H 56 12.58 3.07 15.64
C ILE H 56 12.58 1.57 15.36
N GLU H 57 11.43 0.91 15.56
CA GLU H 57 11.35 -0.53 15.30
C GLU H 57 11.69 -0.78 13.83
N LYS H 58 12.51 -1.79 13.58
CA LYS H 58 13.01 -2.06 12.24
C LYS H 58 12.43 -3.34 11.65
N THR H 59 12.27 -3.36 10.32
CA THR H 59 11.76 -4.54 9.65
C THR H 59 12.86 -5.60 9.57
N ASN H 60 12.45 -6.86 9.54
CA ASN H 60 13.39 -7.96 9.35
C ASN H 60 13.22 -8.56 7.96
N GLN H 61 12.44 -7.87 7.13
CA GLN H 61 12.18 -8.34 5.77
C GLN H 61 13.29 -7.91 4.82
N GLN H 62 13.83 -8.89 4.09
CA GLN H 62 14.92 -8.64 3.16
C GLN H 62 14.39 -8.50 1.74
N PHE H 63 14.98 -7.59 0.97
CA PHE H 63 14.64 -7.44 -0.45
C PHE H 63 15.89 -7.59 -1.30
N GLU H 64 15.75 -8.25 -2.44
CA GLU H 64 16.88 -8.46 -3.35
C GLU H 64 16.68 -7.67 -4.64
N LEU H 65 17.72 -7.58 -5.45
CA LEU H 65 17.64 -6.92 -6.75
C LEU H 65 16.73 -7.69 -7.70
N ILE H 66 15.88 -6.96 -8.42
CA ILE H 66 15.08 -7.57 -9.48
C ILE H 66 15.28 -6.87 -10.82
N ASP H 67 16.15 -5.86 -10.84
CA ASP H 67 16.58 -5.25 -12.09
C ASP H 67 18.06 -4.92 -12.05
N ASN H 68 18.55 -4.26 -13.10
CA ASN H 68 19.98 -4.15 -13.31
C ASN H 68 20.42 -2.73 -13.72
N GLU H 69 21.39 -2.19 -12.99
CA GLU H 69 21.88 -0.84 -13.18
C GLU H 69 22.84 -0.73 -14.37
N PHE H 70 23.58 -1.80 -14.64
CA PHE H 70 24.63 -1.80 -15.65
C PHE H 70 24.10 -2.24 -17.01
N ASN H 71 23.44 -3.39 -17.03
CA ASN H 71 22.78 -3.87 -18.24
C ASN H 71 21.27 -3.93 -18.05
N GLU H 72 20.57 -2.94 -18.59
CA GLU H 72 19.12 -2.83 -18.47
C GLU H 72 18.40 -4.13 -18.86
N VAL H 73 17.40 -4.51 -18.07
CA VAL H 73 16.60 -5.68 -18.37
C VAL H 73 15.68 -5.39 -19.56
N GLU H 74 14.99 -6.41 -20.05
CA GLU H 74 14.09 -6.24 -21.19
C GLU H 74 13.02 -5.20 -20.86
N LYS H 75 12.62 -4.44 -21.87
CA LYS H 75 11.79 -3.25 -21.68
C LYS H 75 10.43 -3.51 -21.03
N GLN H 76 9.75 -4.58 -21.44
CA GLN H 76 8.41 -4.86 -20.94
C GLN H 76 8.40 -5.18 -19.45
N ILE H 77 9.24 -6.13 -19.04
CA ILE H 77 9.34 -6.50 -17.63
C ILE H 77 9.90 -5.34 -16.82
N GLY H 78 10.76 -4.54 -17.45
CA GLY H 78 11.34 -3.38 -16.83
C GLY H 78 10.33 -2.30 -16.53
N ASN H 79 9.37 -2.12 -17.43
CA ASN H 79 8.31 -1.15 -17.23
C ASN H 79 7.33 -1.60 -16.16
N VAL H 80 7.11 -2.90 -16.06
CA VAL H 80 6.25 -3.47 -15.03
C VAL H 80 6.86 -3.27 -13.66
N ILE H 81 8.17 -3.50 -13.57
CA ILE H 81 8.92 -3.32 -12.32
C ILE H 81 8.91 -1.88 -11.86
N ASN H 82 9.25 -0.97 -12.77
CA ASN H 82 9.27 0.46 -12.47
C ASN H 82 7.89 0.98 -12.06
N TRP H 83 6.85 0.43 -12.69
CA TRP H 83 5.48 0.81 -12.40
C TRP H 83 5.03 0.29 -11.04
N THR H 84 5.44 -0.93 -10.71
CA THR H 84 5.13 -1.53 -9.40
C THR H 84 5.84 -0.79 -8.28
N ARG H 85 7.14 -0.54 -8.45
CA ARG H 85 7.95 0.12 -7.45
C ARG H 85 7.46 1.54 -7.15
N ASP H 86 7.10 2.28 -8.20
CA ASP H 86 6.61 3.64 -8.03
C ASP H 86 5.26 3.66 -7.31
N SER H 87 4.43 2.65 -7.56
CA SER H 87 3.16 2.52 -6.87
C SER H 87 3.37 2.30 -5.38
N ILE H 88 4.33 1.45 -5.04
CA ILE H 88 4.69 1.20 -3.64
C ILE H 88 5.23 2.46 -3.00
N THR H 89 6.04 3.20 -3.74
CA THR H 89 6.60 4.46 -3.26
C THR H 89 5.50 5.45 -2.91
N GLU H 90 4.44 5.48 -3.72
CA GLU H 90 3.30 6.34 -3.46
C GLU H 90 2.62 5.98 -2.15
N VAL H 91 2.48 4.68 -1.89
CA VAL H 91 1.83 4.19 -0.68
C VAL H 91 2.62 4.57 0.57
N TRP H 92 3.92 4.32 0.55
CA TRP H 92 4.77 4.63 1.70
C TRP H 92 4.93 6.13 1.91
N SER H 93 4.97 6.88 0.80
CA SER H 93 5.05 8.33 0.89
C SER H 93 3.79 8.88 1.57
N TYR H 94 2.66 8.26 1.26
CA TYR H 94 1.38 8.61 1.88
C TYR H 94 1.35 8.24 3.35
N ASN H 95 1.78 7.01 3.64
CA ASN H 95 1.83 6.53 5.02
C ASN H 95 2.72 7.39 5.90
N ALA H 96 3.91 7.71 5.40
CA ALA H 96 4.88 8.50 6.15
C ALA H 96 4.33 9.90 6.43
N GLU H 97 3.73 10.50 5.42
CA GLU H 97 3.18 11.85 5.54
C GLU H 97 2.03 11.84 6.55
N LEU H 98 1.15 10.85 6.43
CA LEU H 98 0.02 10.70 7.33
C LEU H 98 0.46 10.36 8.75
N LEU H 99 1.44 9.47 8.87
CA LEU H 99 1.92 9.05 10.18
C LEU H 99 2.45 10.22 11.01
N VAL H 100 3.35 11.00 10.42
CA VAL H 100 3.95 12.14 11.11
C VAL H 100 2.90 13.19 11.49
N ALA H 101 2.01 13.51 10.56
CA ALA H 101 0.96 14.49 10.82
C ALA H 101 0.01 14.01 11.92
N MET H 102 -0.36 12.74 11.86
CA MET H 102 -1.24 12.13 12.85
C MET H 102 -0.59 12.12 14.24
N GLU H 103 0.67 11.71 14.31
CA GLU H 103 1.38 11.63 15.59
C GLU H 103 1.59 13.01 16.21
N ASN H 104 1.94 13.99 15.38
CA ASN H 104 2.16 15.35 15.86
C ASN H 104 0.90 15.96 16.46
N GLN H 105 -0.24 15.70 15.85
CA GLN H 105 -1.52 16.16 16.38
C GLN H 105 -1.76 15.55 17.76
N HIS H 106 -1.43 14.27 17.90
CA HIS H 106 -1.63 13.55 19.15
C HIS H 106 -0.67 13.98 20.25
N THR H 107 0.58 14.25 19.87
CA THR H 107 1.60 14.66 20.84
C THR H 107 1.25 16.01 21.46
N ILE H 108 0.81 16.94 20.61
CA ILE H 108 0.40 18.26 21.06
C ILE H 108 -0.81 18.17 21.98
N ASP H 109 -1.76 17.31 21.63
CA ASP H 109 -2.97 17.12 22.43
C ASP H 109 -2.66 16.46 23.79
N LEU H 110 -1.77 15.49 23.81
CA LEU H 110 -1.47 14.79 25.06
C LEU H 110 -0.72 15.73 26.00
N ALA H 111 0.08 16.62 25.43
CA ALA H 111 0.84 17.58 26.21
C ALA H 111 -0.03 18.63 26.91
N ASP H 112 -1.01 19.18 26.19
CA ASP H 112 -1.90 20.15 26.83
C ASP H 112 -2.94 19.43 27.69
N SER H 113 -3.06 18.12 27.48
CA SER H 113 -3.97 17.30 28.28
C SER H 113 -3.38 17.05 29.66
N GLU H 114 -2.06 16.86 29.71
CA GLU H 114 -1.35 16.69 30.97
C GLU H 114 -1.41 17.97 31.79
N MET H 115 -1.40 19.10 31.10
CA MET H 115 -1.51 20.41 31.73
C MET H 115 -2.84 20.53 32.45
N ASP H 116 -3.92 20.13 31.77
CA ASP H 116 -5.25 20.16 32.35
C ASP H 116 -5.40 19.30 33.60
N LYS H 117 -4.83 18.09 33.56
CA LYS H 117 -4.91 17.18 34.71
C LYS H 117 -4.24 17.76 35.95
N LEU H 118 -3.10 18.42 35.75
CA LEU H 118 -2.39 19.06 36.85
C LEU H 118 -3.20 20.19 37.44
N TYR H 119 -3.81 20.99 36.56
CA TYR H 119 -4.67 22.09 36.95
C TYR H 119 -5.88 21.62 37.76
N GLU H 120 -6.52 20.56 37.30
CA GLU H 120 -7.72 20.05 37.95
C GLU H 120 -7.40 19.40 39.30
N ARG H 121 -6.24 18.77 39.39
CA ARG H 121 -5.82 18.13 40.63
C ARG H 121 -5.63 19.18 41.72
N VAL H 122 -4.98 20.28 41.37
CA VAL H 122 -4.73 21.38 42.32
C VAL H 122 -6.05 22.03 42.75
N LYS H 123 -6.95 22.22 41.78
CA LYS H 123 -8.27 22.77 42.04
C LYS H 123 -9.05 21.97 43.08
N ARG H 124 -8.87 20.65 43.05
CA ARG H 124 -9.59 19.74 43.94
C ARG H 124 -9.08 19.72 45.37
N GLN H 125 -7.76 19.82 45.53
CA GLN H 125 -7.17 19.82 46.86
C GLN H 125 -7.40 21.16 47.55
N LEU H 126 -7.41 22.24 46.77
CA LEU H 126 -7.67 23.57 47.31
C LEU H 126 -9.11 23.71 47.78
N ARG H 127 -10.01 22.94 47.17
CA ARG H 127 -11.43 22.93 47.54
C ARG H 127 -12.06 24.32 47.48
N GLU H 128 -12.64 24.74 48.60
CA GLU H 128 -13.35 26.02 48.67
C GLU H 128 -12.46 27.15 49.17
N ASN H 129 -11.15 26.90 49.24
CA ASN H 129 -10.21 27.88 49.75
C ASN H 129 -9.66 28.84 48.69
N ALA H 130 -9.96 28.57 47.42
CA ALA H 130 -9.44 29.40 46.34
C ALA H 130 -10.42 29.56 45.18
N GLU H 131 -10.13 30.53 44.32
CA GLU H 131 -10.90 30.75 43.10
C GLU H 131 -10.00 30.84 41.88
N GLU H 132 -10.53 30.51 40.71
CA GLU H 132 -9.78 30.59 39.46
C GLU H 132 -9.82 32.02 38.90
N ASP H 133 -8.66 32.56 38.57
CA ASP H 133 -8.58 33.93 38.06
C ASP H 133 -8.73 34.00 36.54
N GLY H 134 -8.92 32.85 35.91
CA GLY H 134 -9.16 32.79 34.47
C GLY H 134 -7.92 32.74 33.60
N THR H 135 -6.74 32.87 34.21
CA THR H 135 -5.49 32.82 33.45
C THR H 135 -4.71 31.54 33.72
N GLY H 136 -5.31 30.64 34.50
CA GLY H 136 -4.65 29.39 34.85
C GLY H 136 -4.04 29.44 36.24
N CYS H 137 -4.47 30.41 37.04
CA CYS H 137 -3.95 30.58 38.39
C CYS H 137 -5.06 30.47 39.42
N PHE H 138 -4.68 30.25 40.68
CA PHE H 138 -5.63 30.22 41.78
C PHE H 138 -5.34 31.35 42.76
N GLU H 139 -6.35 32.16 43.04
CA GLU H 139 -6.24 33.16 44.09
C GLU H 139 -6.66 32.54 45.42
N ILE H 140 -5.71 32.43 46.33
CA ILE H 140 -5.94 31.78 47.62
C ILE H 140 -6.40 32.80 48.66
N PHE H 141 -7.51 32.51 49.32
CA PHE H 141 -8.14 33.48 50.20
C PHE H 141 -7.75 33.28 51.67
N HIS H 142 -6.60 32.66 51.87
CA HIS H 142 -5.98 32.61 53.19
C HIS H 142 -4.48 32.85 53.00
N LYS H 143 -3.75 33.04 54.10
CA LYS H 143 -2.32 33.27 54.01
C LYS H 143 -1.55 31.97 53.82
N CYS H 144 -0.91 31.83 52.67
CA CYS H 144 -0.15 30.63 52.33
C CYS H 144 1.32 30.97 52.12
N ASP H 145 2.17 30.55 53.06
CA ASP H 145 3.59 30.83 52.98
C ASP H 145 4.32 29.71 52.26
N ASP H 146 5.63 29.87 52.08
CA ASP H 146 6.46 28.90 51.35
C ASP H 146 6.24 27.46 51.77
N ASP H 147 6.09 27.22 53.07
CA ASP H 147 5.82 25.88 53.58
C ASP H 147 4.42 25.42 53.17
N CYS H 148 3.47 26.35 53.23
CA CYS H 148 2.09 26.08 52.80
C CYS H 148 2.04 25.80 51.30
N MET H 149 2.80 26.58 50.54
CA MET H 149 2.89 26.41 49.10
C MET H 149 3.47 25.05 48.73
N ALA H 150 4.49 24.64 49.46
CA ALA H 150 5.14 23.35 49.25
C ALA H 150 4.15 22.20 49.48
N SER H 151 3.25 22.38 50.44
CA SER H 151 2.25 21.36 50.76
C SER H 151 1.27 21.18 49.61
N ILE H 152 1.02 22.26 48.87
CA ILE H 152 0.15 22.19 47.70
C ILE H 152 0.86 21.44 46.57
N ARG H 153 2.15 21.70 46.42
CA ARG H 153 2.93 21.05 45.37
C ARG H 153 3.11 19.55 45.59
N ASN H 154 3.37 19.13 46.83
CA ASN H 154 3.58 17.71 47.08
C ASN H 154 2.33 17.00 47.59
N ASN H 155 1.18 17.63 47.38
CA ASN H 155 -0.14 17.02 47.61
C ASN H 155 -0.39 16.57 49.05
N THR H 156 0.05 17.37 50.02
CA THR H 156 -0.21 17.09 51.43
C THR H 156 -1.00 18.24 52.06
N TYR H 157 -1.48 19.15 51.22
CA TYR H 157 -2.25 20.31 51.66
C TYR H 157 -3.60 19.89 52.22
N ASP H 158 -3.91 20.37 53.42
CA ASP H 158 -5.16 20.02 54.10
C ASP H 158 -6.11 21.22 54.08
N HIS H 159 -7.17 21.11 53.30
CA HIS H 159 -8.09 22.23 53.07
C HIS H 159 -8.89 22.60 54.31
N SER H 160 -9.15 21.62 55.17
CA SER H 160 -9.96 21.85 56.36
C SER H 160 -9.23 22.73 57.38
N LYS H 161 -7.91 22.77 57.29
CA LYS H 161 -7.09 23.56 58.19
C LYS H 161 -7.24 25.06 57.94
N TYR H 162 -7.34 25.44 56.67
CA TYR H 162 -7.41 26.85 56.29
C TYR H 162 -8.81 27.25 55.84
N ARG H 163 -9.77 26.34 56.01
CA ARG H 163 -11.13 26.53 55.50
C ARG H 163 -11.84 27.71 56.15
N GLU H 164 -11.83 27.76 57.48
CA GLU H 164 -12.57 28.78 58.22
C GLU H 164 -12.05 30.18 57.94
N GLU H 165 -10.73 30.34 57.89
CA GLU H 165 -10.13 31.61 57.53
C GLU H 165 -10.49 32.04 56.11
N ALA H 166 -10.47 31.08 55.18
CA ALA H 166 -10.71 31.38 53.77
C ALA H 166 -12.15 31.74 53.46
N MET H 167 -13.08 31.04 54.11
CA MET H 167 -14.51 31.27 53.91
C MET H 167 -14.95 32.64 54.40
N GLN H 168 -14.33 33.09 55.49
CA GLN H 168 -14.61 34.41 56.03
C GLN H 168 -14.13 35.50 55.06
N ASN H 169 -12.93 35.29 54.52
CA ASN H 169 -12.34 36.23 53.57
C ASN H 169 -13.05 36.27 52.21
N ARG H 170 -13.54 35.12 51.78
CA ARG H 170 -14.24 35.01 50.49
C ARG H 170 -15.58 35.71 50.49
N ILE H 171 -16.33 35.52 51.57
CA ILE H 171 -17.70 36.04 51.69
C ILE H 171 -17.75 37.52 52.07
N VAL I 2 29.15 14.14 35.65
CA VAL I 2 28.60 12.96 36.31
C VAL I 2 29.41 11.71 35.96
N GLN I 3 29.70 10.89 36.97
CA GLN I 3 30.49 9.66 36.79
C GLN I 3 29.69 8.41 37.15
N LEU I 4 29.84 7.37 36.32
CA LEU I 4 29.15 6.10 36.54
C LEU I 4 30.16 4.97 36.77
N VAL I 5 29.88 4.14 37.77
CA VAL I 5 30.75 3.01 38.10
C VAL I 5 30.00 1.70 38.23
N GLU I 6 30.30 0.75 37.35
CA GLU I 6 29.68 -0.56 37.39
C GLU I 6 30.33 -1.45 38.45
N SER I 7 29.53 -2.35 39.03
CA SER I 7 30.04 -3.37 39.93
C SER I 7 29.10 -4.56 39.97
N GLY I 8 29.62 -5.73 40.35
CA GLY I 8 28.80 -6.91 40.52
C GLY I 8 28.97 -7.96 39.44
N GLY I 9 29.91 -7.73 38.53
CA GLY I 9 30.17 -8.69 37.47
C GLY I 9 30.94 -9.89 37.97
N GLY I 10 30.84 -11.00 37.25
CA GLY I 10 31.57 -12.21 37.59
C GLY I 10 31.24 -13.38 36.69
N LEU I 11 31.81 -14.53 36.97
CA LEU I 11 31.41 -15.77 36.31
C LEU I 11 30.19 -16.37 36.99
N VAL I 12 29.29 -16.95 36.20
CA VAL I 12 28.06 -17.53 36.72
C VAL I 12 27.58 -18.66 35.79
N GLN I 13 26.86 -19.62 36.35
CA GLN I 13 26.41 -20.78 35.58
C GLN I 13 25.10 -20.51 34.84
N ALA I 14 24.94 -21.20 33.71
CA ALA I 14 23.72 -21.10 32.91
C ALA I 14 22.49 -21.48 33.72
N GLY I 15 21.51 -20.58 33.75
CA GLY I 15 20.29 -20.81 34.51
C GLY I 15 20.34 -20.11 35.86
N GLY I 16 21.53 -19.67 36.24
CA GLY I 16 21.73 -18.96 37.48
C GLY I 16 21.31 -17.51 37.38
N SER I 17 21.52 -16.75 38.46
CA SER I 17 21.12 -15.35 38.49
C SER I 17 22.26 -14.45 38.97
N LEU I 18 22.17 -13.17 38.61
CA LEU I 18 23.19 -12.19 38.97
C LEU I 18 22.57 -10.82 39.19
N LYS I 19 23.22 -10.00 39.99
CA LYS I 19 22.74 -8.64 40.25
C LYS I 19 23.84 -7.61 40.05
N LEU I 20 23.66 -6.75 39.05
CA LEU I 20 24.58 -5.66 38.79
C LEU I 20 24.11 -4.38 39.48
N SER I 21 25.06 -3.53 39.83
CA SER I 21 24.71 -2.22 40.40
C SER I 21 25.58 -1.12 39.78
N CYS I 22 24.97 0.04 39.59
CA CYS I 22 25.67 1.20 39.04
C CYS I 22 25.60 2.35 40.02
N ALA I 23 26.75 2.77 40.52
CA ALA I 23 26.82 3.90 41.44
C ALA I 23 27.08 5.20 40.68
N ALA I 24 26.12 6.12 40.77
CA ALA I 24 26.25 7.41 40.12
C ALA I 24 26.69 8.48 41.13
N SER I 25 27.43 9.46 40.65
CA SER I 25 27.78 10.62 41.47
C SER I 25 27.30 11.89 40.78
N GLY I 26 26.21 12.45 41.27
CA GLY I 26 25.59 13.58 40.61
C GLY I 26 24.16 13.27 40.21
N ARG I 27 23.46 14.29 39.69
CA ARG I 27 22.06 14.14 39.31
C ARG I 27 21.91 13.36 38.01
N THR I 28 21.21 12.24 38.09
CA THR I 28 20.88 11.44 36.91
C THR I 28 19.37 11.41 36.71
N TYR I 29 18.94 11.32 35.46
CA TYR I 29 17.52 11.18 35.17
C TYR I 29 17.23 9.78 34.65
N ALA I 30 16.79 9.67 33.40
CA ALA I 30 16.59 8.36 32.80
C ALA I 30 17.91 7.60 32.75
N MET I 31 17.87 6.32 33.08
CA MET I 31 19.07 5.49 33.04
C MET I 31 18.79 4.19 32.28
N GLY I 32 19.85 3.44 31.99
CA GLY I 32 19.70 2.19 31.27
C GLY I 32 20.92 1.30 31.29
N TRP I 33 20.80 0.14 30.67
CA TRP I 33 21.91 -0.79 30.54
C TRP I 33 22.13 -1.20 29.09
N PHE I 34 23.40 -1.20 28.68
CA PHE I 34 23.78 -1.70 27.37
C PHE I 34 24.81 -2.82 27.56
N ARG I 35 25.05 -3.60 26.51
CA ARG I 35 26.08 -4.63 26.57
C ARG I 35 26.81 -4.78 25.25
N GLN I 36 28.05 -5.26 25.32
CA GLN I 36 28.86 -5.47 24.13
C GLN I 36 29.61 -6.79 24.17
N ALA I 37 29.29 -7.68 23.24
CA ALA I 37 30.05 -8.91 23.06
C ALA I 37 31.18 -8.66 22.07
N PRO I 38 32.29 -9.42 22.18
CA PRO I 38 33.47 -9.18 21.34
C PRO I 38 33.19 -9.17 19.84
N GLY I 39 33.61 -8.11 19.16
CA GLY I 39 33.42 -7.99 17.73
C GLY I 39 32.02 -7.61 17.31
N LYS I 40 31.20 -7.24 18.29
CA LYS I 40 29.81 -6.86 18.04
C LYS I 40 29.57 -5.40 18.43
N GLU I 41 28.40 -4.87 18.06
CA GLU I 41 28.07 -3.50 18.39
C GLU I 41 27.38 -3.43 19.75
N ARG I 42 27.42 -2.27 20.40
CA ARG I 42 26.73 -2.08 21.68
C ARG I 42 25.22 -2.26 21.52
N GLU I 43 24.66 -3.10 22.37
CA GLU I 43 23.25 -3.51 22.27
C GLU I 43 22.43 -3.08 23.48
N PHE I 44 21.24 -2.52 23.24
CA PHE I 44 20.35 -2.10 24.31
C PHE I 44 19.85 -3.30 25.12
N VAL I 45 19.73 -3.11 26.42
CA VAL I 45 19.27 -4.18 27.32
C VAL I 45 18.04 -3.75 28.11
N ALA I 46 18.15 -2.65 28.83
CA ALA I 46 17.06 -2.19 29.68
C ALA I 46 17.12 -0.68 29.91
N HIS I 47 15.96 -0.09 30.22
CA HIS I 47 15.86 1.34 30.47
C HIS I 47 14.87 1.61 31.60
N ILE I 48 15.23 2.52 32.49
CA ILE I 48 14.31 2.97 33.53
C ILE I 48 14.25 4.50 33.52
N ASN I 49 13.03 5.04 33.62
CA ASN I 49 12.86 6.49 33.59
C ASN I 49 13.26 7.16 34.89
N ALA I 50 13.32 8.48 34.88
CA ALA I 50 13.86 9.26 35.99
C ALA I 50 13.19 8.97 37.34
N LEU I 51 11.90 8.70 37.32
CA LEU I 51 11.14 8.50 38.56
C LEU I 51 11.04 7.02 38.93
N GLY I 52 11.39 6.15 37.99
CA GLY I 52 11.32 4.72 38.23
C GLY I 52 9.92 4.17 38.08
N THR I 53 9.04 4.97 37.49
CA THR I 53 7.66 4.56 37.30
C THR I 53 7.45 3.68 36.07
N ARG I 54 8.40 3.69 35.14
CA ARG I 54 8.28 2.90 33.93
C ARG I 54 9.60 2.24 33.54
N THR I 55 9.52 1.03 32.99
CA THR I 55 10.70 0.29 32.56
C THR I 55 10.53 -0.25 31.14
N TYR I 56 11.65 -0.43 30.44
CA TYR I 56 11.66 -0.96 29.10
C TYR I 56 12.74 -2.05 28.98
N TYR I 57 12.48 -3.08 28.18
CA TYR I 57 13.45 -4.16 28.03
C TYR I 57 13.63 -4.59 26.57
N SER I 58 14.80 -5.17 26.28
CA SER I 58 15.01 -5.82 24.99
C SER I 58 14.13 -7.06 24.90
N ASP I 59 13.74 -7.43 23.68
CA ASP I 59 12.87 -8.58 23.48
C ASP I 59 13.57 -9.88 23.84
N SER I 60 14.88 -9.93 23.63
CA SER I 60 15.67 -11.10 23.95
C SER I 60 15.89 -11.20 25.46
N VAL I 61 15.55 -10.13 26.16
CA VAL I 61 15.83 -10.02 27.57
C VAL I 61 14.57 -9.95 28.44
N LYS I 62 13.46 -9.51 27.84
CA LYS I 62 12.21 -9.30 28.58
C LYS I 62 11.72 -10.55 29.31
N GLY I 63 11.28 -10.35 30.55
CA GLY I 63 10.77 -11.43 31.37
C GLY I 63 11.80 -12.09 32.26
N ARG I 64 13.07 -11.90 31.95
CA ARG I 64 14.15 -12.52 32.73
C ARG I 64 14.92 -11.50 33.55
N PHE I 65 15.01 -10.28 33.04
CA PHE I 65 15.77 -9.23 33.71
C PHE I 65 14.84 -8.23 34.38
N THR I 66 15.31 -7.63 35.47
CA THR I 66 14.56 -6.58 36.14
C THR I 66 15.46 -5.38 36.43
N ILE I 67 15.08 -4.22 35.90
CA ILE I 67 15.83 -3.00 36.16
C ILE I 67 15.09 -2.17 37.21
N SER I 68 15.87 -1.54 38.09
CA SER I 68 15.31 -0.72 39.15
C SER I 68 16.30 0.34 39.59
N ARG I 69 15.84 1.28 40.41
CA ARG I 69 16.71 2.35 40.86
C ARG I 69 16.30 2.84 42.25
N ASP I 70 17.27 3.43 42.95
CA ASP I 70 16.99 4.07 44.23
C ASP I 70 17.55 5.48 44.19
N ASN I 71 16.66 6.47 44.12
CA ASN I 71 17.08 7.86 43.98
C ASN I 71 17.69 8.41 45.25
N ALA I 72 17.46 7.73 46.37
CA ALA I 72 18.08 8.10 47.64
C ALA I 72 19.56 7.77 47.63
N LYS I 73 19.91 6.60 47.10
CA LYS I 73 21.31 6.18 47.03
C LYS I 73 21.94 6.62 45.71
N ASN I 74 21.11 7.17 44.83
CA ASN I 74 21.53 7.54 43.48
C ASN I 74 22.16 6.35 42.75
N THR I 75 21.46 5.23 42.77
CA THR I 75 21.98 3.97 42.23
C THR I 75 21.00 3.31 41.28
N GLU I 76 21.55 2.52 40.35
CA GLU I 76 20.73 1.76 39.41
C GLU I 76 21.06 0.28 39.53
N TYR I 77 20.07 -0.58 39.31
CA TYR I 77 20.27 -2.01 39.47
C TYR I 77 19.73 -2.78 38.27
N LEU I 78 20.40 -3.88 37.95
CA LEU I 78 19.94 -4.81 36.92
C LEU I 78 19.95 -6.23 37.44
N GLU I 79 18.76 -6.75 37.72
CA GLU I 79 18.63 -8.13 38.21
C GLU I 79 18.50 -9.08 37.04
N MET I 80 19.48 -9.96 36.87
CA MET I 80 19.50 -10.87 35.74
C MET I 80 19.22 -12.29 36.21
N ASN I 81 18.00 -12.77 35.98
CA ASN I 81 17.63 -14.13 36.32
C ASN I 81 17.66 -15.05 35.11
N ASN I 82 17.83 -16.35 35.35
CA ASN I 82 17.79 -17.36 34.31
C ASN I 82 18.76 -17.05 33.16
N LEU I 83 20.02 -16.80 33.51
CA LEU I 83 21.03 -16.42 32.53
C LEU I 83 21.37 -17.52 31.54
N LYS I 84 21.64 -17.11 30.30
CA LYS I 84 21.98 -18.02 29.21
C LYS I 84 23.30 -17.56 28.58
N PRO I 85 23.97 -18.46 27.83
CA PRO I 85 25.26 -18.12 27.22
C PRO I 85 25.26 -16.88 26.32
N GLU I 86 24.14 -16.54 25.68
CA GLU I 86 24.11 -15.36 24.80
C GLU I 86 24.11 -14.07 25.60
N ASP I 87 24.03 -14.17 26.93
CA ASP I 87 24.06 -13.00 27.79
C ASP I 87 25.50 -12.58 28.12
N THR I 88 26.46 -13.40 27.72
CA THR I 88 27.87 -13.08 27.92
C THR I 88 28.29 -11.84 27.15
N ALA I 89 28.72 -10.81 27.87
CA ALA I 89 29.13 -9.53 27.29
C ALA I 89 29.68 -8.58 28.35
N VAL I 90 30.30 -7.49 27.90
CA VAL I 90 30.65 -6.39 28.78
C VAL I 90 29.41 -5.50 28.97
N TYR I 91 29.00 -5.29 30.21
CA TYR I 91 27.82 -4.50 30.48
C TYR I 91 28.14 -3.07 30.92
N TYR I 92 27.44 -2.11 30.31
CA TYR I 92 27.62 -0.69 30.62
C TYR I 92 26.32 -0.10 31.16
N CYS I 93 26.40 0.63 32.27
CA CYS I 93 25.26 1.43 32.71
C CYS I 93 25.34 2.83 32.10
N THR I 94 24.18 3.39 31.80
CA THR I 94 24.10 4.69 31.13
C THR I 94 23.14 5.63 31.84
N ALA I 95 23.26 6.92 31.58
CA ALA I 95 22.41 7.91 32.23
C ALA I 95 22.23 9.16 31.38
N GLN I 96 21.07 9.80 31.52
CA GLN I 96 20.83 11.09 30.88
C GLN I 96 20.87 12.19 31.93
N GLY I 97 21.41 13.35 31.56
CA GLY I 97 21.64 14.43 32.50
C GLY I 97 20.49 15.41 32.64
N GLN I 98 19.51 15.30 31.76
CA GLN I 98 18.35 16.19 31.79
C GLN I 98 17.07 15.44 31.44
N TRP I 99 15.93 16.10 31.62
CA TRP I 99 14.65 15.59 31.14
C TRP I 99 14.73 15.44 29.62
N ARG I 100 14.30 14.29 29.10
CA ARG I 100 14.41 14.05 27.67
C ARG I 100 13.41 13.03 27.16
N ALA I 101 12.85 13.31 26.00
CA ALA I 101 12.03 12.34 25.28
C ALA I 101 12.82 11.81 24.09
N ALA I 102 13.20 10.54 24.15
CA ALA I 102 14.04 9.94 23.12
C ALA I 102 13.84 8.43 23.11
N PRO I 103 14.10 7.79 21.96
CA PRO I 103 14.02 6.33 21.90
C PRO I 103 15.06 5.69 22.82
N VAL I 104 14.59 4.79 23.70
CA VAL I 104 15.44 4.23 24.74
C VAL I 104 16.55 3.31 24.22
N ALA I 105 16.34 2.70 23.05
CA ALA I 105 17.26 1.69 22.55
C ALA I 105 18.43 2.26 21.76
N VAL I 106 18.53 3.59 21.69
CA VAL I 106 19.60 4.22 20.94
C VAL I 106 20.70 4.70 21.87
N ALA I 107 21.90 4.17 21.68
CA ALA I 107 23.04 4.45 22.55
C ALA I 107 23.42 5.93 22.56
N ALA I 108 23.37 6.56 21.40
CA ALA I 108 23.73 7.96 21.26
C ALA I 108 22.87 8.90 22.10
N GLU I 109 21.69 8.42 22.51
CA GLU I 109 20.76 9.22 23.31
C GLU I 109 21.18 9.34 24.77
N TYR I 110 22.24 8.62 25.14
CA TYR I 110 22.79 8.69 26.49
C TYR I 110 24.17 9.36 26.47
N GLU I 111 24.38 10.36 27.31
CA GLU I 111 25.64 11.11 27.28
C GLU I 111 26.66 10.59 28.29
N PHE I 112 26.19 9.86 29.29
CA PHE I 112 27.06 9.33 30.33
C PHE I 112 27.17 7.81 30.27
N TRP I 113 28.40 7.31 30.21
CA TRP I 113 28.64 5.88 30.11
C TRP I 113 29.60 5.39 31.18
N GLY I 114 29.37 4.19 31.67
CA GLY I 114 30.26 3.58 32.64
C GLY I 114 31.46 2.98 31.92
N GLN I 115 32.39 2.44 32.68
CA GLN I 115 33.61 1.87 32.11
C GLN I 115 33.35 0.44 31.64
N GLY I 116 32.39 -0.22 32.27
CA GLY I 116 32.00 -1.56 31.90
C GLY I 116 32.45 -2.62 32.89
N THR I 117 31.64 -3.67 33.04
CA THR I 117 32.00 -4.83 33.84
C THR I 117 31.70 -6.12 33.09
N GLN I 118 32.67 -7.03 33.06
CA GLN I 118 32.53 -8.28 32.33
C GLN I 118 31.57 -9.25 33.01
N VAL I 119 30.64 -9.80 32.25
CA VAL I 119 29.77 -10.88 32.72
C VAL I 119 29.92 -12.10 31.83
N THR I 120 30.31 -13.23 32.41
CA THR I 120 30.50 -14.47 31.66
C THR I 120 29.58 -15.57 32.14
N VAL I 121 28.77 -16.10 31.22
CA VAL I 121 27.82 -17.16 31.55
C VAL I 121 28.18 -18.53 30.98
N SER I 122 28.39 -19.49 31.88
CA SER I 122 28.67 -20.87 31.51
C SER I 122 28.76 -21.76 32.74
C1 NAG J . 33.56 5.52 -30.29
C2 NAG J . 34.50 6.06 -29.22
C3 NAG J . 35.95 6.02 -29.69
C4 NAG J . 36.32 4.63 -30.21
C5 NAG J . 35.29 4.16 -31.23
C6 NAG J . 35.50 2.73 -31.68
C7 NAG J . 33.52 7.76 -27.72
C8 NAG J . 33.21 9.21 -27.53
N2 NAG J . 34.13 7.44 -28.86
O3 NAG J . 36.81 6.36 -28.60
O4 NAG J . 37.59 4.69 -30.85
O5 NAG J . 33.97 4.21 -30.64
O6 NAG J . 34.61 1.84 -31.02
O7 NAG J . 33.21 6.91 -26.89
C1 NAG J . 38.55 3.81 -30.24
C2 NAG J . 39.57 3.47 -31.32
C3 NAG J . 40.67 2.58 -30.75
C4 NAG J . 41.27 3.21 -29.51
C5 NAG J . 40.18 3.53 -28.50
C6 NAG J . 40.69 4.26 -27.28
C7 NAG J . 38.55 3.53 -33.55
C8 NAG J . 37.90 2.73 -34.64
N2 NAG J . 38.94 2.85 -32.46
O3 NAG J . 41.67 2.38 -31.74
O4 NAG J . 42.21 2.31 -28.91
O5 NAG J . 39.20 4.39 -29.11
O6 NAG J . 40.72 5.66 -27.47
O7 NAG J . 38.73 4.74 -33.66
C1 NAG K . -22.45 23.06 2.55
C2 NAG K . -23.73 23.88 2.52
C3 NAG K . -24.20 24.02 1.08
C4 NAG K . -23.08 24.57 0.20
C5 NAG K . -21.81 23.74 0.39
C6 NAG K . -20.62 24.30 -0.35
C7 NAG K . -25.15 23.87 4.52
C8 NAG K . -26.23 23.14 5.26
N2 NAG K . -24.76 23.32 3.35
O3 NAG K . -25.35 24.86 1.07
O4 NAG K . -23.44 24.52 -1.17
O5 NAG K . -21.45 23.67 1.77
O6 NAG K . -19.84 23.27 -0.94
O7 NAG K . -24.63 24.89 4.95
C1 NAG K . -24.28 25.63 -1.54
C2 NAG K . -23.85 26.26 -2.86
C3 NAG K . -24.85 27.32 -3.30
C4 NAG K . -26.28 26.79 -3.27
C5 NAG K . -26.58 26.19 -1.90
C6 NAG K . -27.95 25.56 -1.81
C7 NAG K . -21.52 26.53 -3.61
C8 NAG K . -20.21 27.21 -3.35
N2 NAG K . -22.52 26.82 -2.76
O3 NAG K . -24.52 27.76 -4.62
O4 NAG K . -27.21 27.84 -3.54
O5 NAG K . -25.62 25.16 -1.62
O6 NAG K . -28.16 24.98 -0.54
O7 NAG K . -21.68 25.76 -4.54
C1 NAG L . -17.89 -14.28 -38.62
C2 NAG L . -18.43 -12.87 -38.46
C3 NAG L . -19.95 -12.92 -38.29
C4 NAG L . -20.59 -13.73 -39.41
C5 NAG L . -19.92 -15.09 -39.55
C6 NAG L . -20.41 -15.87 -40.75
C7 NAG L . -16.66 -11.52 -37.43
C8 NAG L . -16.16 -10.89 -36.17
N2 NAG L . -17.81 -12.20 -37.34
O3 NAG L . -20.47 -11.60 -38.27
O4 NAG L . -21.98 -13.90 -39.15
O5 NAG L . -18.51 -14.91 -39.72
O6 NAG L . -19.65 -15.57 -41.91
O7 NAG L . -16.04 -11.44 -38.49
C1 NAG L . -22.71 -13.27 -40.20
C2 NAG L . -24.09 -13.90 -40.34
C3 NAG L . -24.87 -13.23 -41.48
C4 NAG L . -24.90 -11.72 -41.29
C5 NAG L . -23.48 -11.18 -41.11
C6 NAG L . -23.43 -9.71 -40.80
C7 NAG L . -23.92 -16.22 -39.56
C8 NAG L . -23.82 -17.65 -39.98
N2 NAG L . -23.99 -15.33 -40.56
O3 NAG L . -26.20 -13.74 -41.51
O4 NAG L . -25.48 -11.10 -42.44
O5 NAG L . -22.85 -11.85 -40.01
O6 NAG L . -24.53 -9.32 -39.97
O7 NAG L . -23.93 -15.88 -38.39
C1 NAG M . -6.85 -8.19 -17.04
C2 NAG M . -7.14 -9.36 -18.00
C3 NAG M . -7.93 -8.87 -19.22
C4 NAG M . -9.17 -8.11 -18.78
C5 NAG M . -8.76 -6.98 -17.84
C6 NAG M . -9.93 -6.19 -17.31
C7 NAG M . -5.63 -11.29 -18.29
C8 NAG M . -4.30 -11.75 -18.79
N2 NAG M . -5.90 -9.98 -18.43
O3 NAG M . -8.31 -9.99 -20.01
O4 NAG M . -9.85 -7.56 -19.90
O5 NAG M . -8.08 -7.52 -16.71
O6 NAG M . -10.60 -6.88 -16.26
O7 NAG M . -6.44 -12.05 -17.77
C1 NAG N . -18.18 45.34 24.76
C2 NAG N . -17.53 46.52 24.06
C3 NAG N . -17.73 47.81 24.85
C4 NAG N . -19.22 48.02 25.14
C5 NAG N . -19.79 46.78 25.81
C6 NAG N . -21.29 46.87 26.03
C7 NAG N . -15.59 45.97 22.64
C8 NAG N . -14.11 45.75 22.61
N2 NAG N . -16.11 46.28 23.84
O3 NAG N . -17.22 48.91 24.11
O4 NAG N . -19.39 49.14 25.99
O5 NAG N . -19.57 45.62 24.99
O6 NAG N . -21.98 47.13 24.82
O7 NAG N . -16.29 45.87 21.64
C1 NAG O . -14.32 -10.98 26.47
C2 NAG O . -15.50 -11.71 27.12
C3 NAG O . -15.72 -13.08 26.50
C4 NAG O . -15.87 -12.94 24.98
C5 NAG O . -14.66 -12.21 24.41
C6 NAG O . -14.78 -11.95 22.92
C7 NAG O . -14.22 -12.23 29.20
C8 NAG O . -14.29 -12.26 30.70
N2 NAG O . -15.34 -11.82 28.58
O3 NAG O . -16.87 -13.70 27.05
O4 NAG O . -16.01 -14.21 24.37
O5 NAG O . -14.54 -10.93 25.04
O6 NAG O . -13.51 -11.66 22.35
O7 NAG O . -13.20 -12.56 28.59
NA NA P . -0.50 -29.22 -15.19
C1 NAG Q . 9.60 -17.44 -4.41
C2 NAG Q . 10.75 -18.24 -5.06
C3 NAG Q . 10.56 -19.74 -4.82
C4 NAG Q . 10.35 -20.03 -3.34
C5 NAG Q . 9.19 -19.20 -2.81
C6 NAG Q . 8.96 -19.37 -1.33
C7 NAG Q . 12.00 -17.63 -7.08
C8 NAG Q . 11.92 -17.38 -8.55
N2 NAG Q . 10.86 -17.96 -6.48
O3 NAG Q . 11.70 -20.44 -5.29
O4 NAG Q . 10.06 -21.41 -3.14
O5 NAG Q . 9.46 -17.80 -3.04
O6 NAG Q . 9.63 -18.35 -0.58
O7 NAG Q . 13.05 -17.53 -6.46
C1 NAG R . -36.46 7.94 40.39
C2 NAG R . -37.84 7.52 39.90
C3 NAG R . -38.92 7.93 40.90
C4 NAG R . -38.57 7.42 42.30
C5 NAG R . -37.16 7.85 42.68
C6 NAG R . -36.71 7.28 44.01
C7 NAG R . -38.05 7.34 37.46
C8 NAG R . -38.38 8.06 36.19
N2 NAG R . -38.13 8.06 38.59
O3 NAG R . -40.18 7.43 40.49
O4 NAG R . -39.51 7.91 43.25
O5 NAG R . -36.21 7.41 41.70
O6 NAG R . -37.13 5.93 44.16
O7 NAG R . -37.73 6.15 37.47
NA NA S . -24.77 -0.49 19.83
C1 NAG T . 16.00 18.66 20.61
C2 NAG T . 17.08 18.70 21.70
C3 NAG T . 18.41 18.17 21.16
C4 NAG T . 18.23 16.82 20.50
C5 NAG T . 17.14 16.92 19.43
C6 NAG T . 16.85 15.59 18.75
C7 NAG T . 16.72 20.47 23.37
C8 NAG T . 17.00 21.88 23.74
N2 NAG T . 17.25 20.05 22.22
O3 NAG T . 19.34 18.07 22.22
O4 NAG T . 19.44 16.38 19.91
O5 NAG T . 15.93 17.35 20.04
O6 NAG T . 16.40 15.78 17.43
O7 NAG T . 16.05 19.73 24.08
C1 NAG U . 20.44 -40.95 -6.64
C2 NAG U . 19.37 -41.17 -5.57
C3 NAG U . 20.01 -41.60 -4.25
C4 NAG U . 20.93 -42.80 -4.47
C5 NAG U . 21.93 -42.50 -5.58
C6 NAG U . 22.81 -43.69 -5.93
C7 NAG U . 17.48 -39.69 -6.10
C8 NAG U . 16.77 -38.41 -5.76
N2 NAG U . 18.56 -39.98 -5.38
O3 NAG U . 19.00 -41.94 -3.31
O4 NAG U . 21.63 -43.10 -3.27
O5 NAG U . 21.23 -42.13 -6.78
O6 NAG U . 22.33 -44.36 -7.09
O7 NAG U . 17.08 -40.44 -6.99
NA NA V . 13.48 7.68 -7.20
NA NA W . 27.39 -9.67 -15.37
C1 NAG X . 13.29 2.25 -14.75
C2 NAG X . 13.70 2.50 -16.21
C3 NAG X . 15.19 2.84 -16.31
C4 NAG X . 15.56 3.96 -15.34
C5 NAG X . 15.14 3.56 -13.94
C6 NAG X . 15.43 4.62 -12.91
C7 NAG X . 12.61 1.35 -18.10
C8 NAG X . 12.42 0.04 -18.79
N2 NAG X . 13.40 1.33 -17.02
O3 NAG X . 15.48 3.25 -17.65
O4 NAG X . 16.97 4.18 -15.37
O5 NAG X . 13.72 3.35 -13.93
O6 NAG X . 14.37 5.56 -12.80
O7 NAG X . 12.09 2.38 -18.49
C1 NAG Y . 5.54 18.27 51.69
C2 NAG Y . 6.44 17.30 52.46
C3 NAG Y . 6.42 17.63 53.95
C4 NAG Y . 6.76 19.10 54.18
C5 NAG Y . 5.83 19.99 53.34
C6 NAG Y . 6.16 21.46 53.44
C7 NAG Y . 6.67 15.12 51.37
C8 NAG Y . 6.13 13.73 51.27
N2 NAG Y . 6.04 15.93 52.23
O3 NAG Y . 7.36 16.81 54.63
O4 NAG Y . 6.63 19.43 55.56
O5 NAG Y . 5.93 19.63 51.96
O6 NAG Y . 7.57 21.67 53.45
O7 NAG Y . 7.62 15.49 50.70
#